data_7XNT
#
_entry.id   7XNT
#
_cell.length_a   69.943
_cell.length_b   73.041
_cell.length_c   87.963
_cell.angle_alpha   66.13
_cell.angle_beta   79.56
_cell.angle_gamma   69.10
#
_symmetry.space_group_name_H-M   'P 1'
#
loop_
_entity.id
_entity.type
_entity.pdbx_description
1 polymer '4-hydroxyphenylpyruvate dioxygenase'
2 non-polymer 'COBALT (II) ION'
3 non-polymer 3-(2,6-dimethylphenyl)-1-methyl-6-(2-oxidanyl-6-oxidanylidene-cyclohexen-1-yl)carbonyl-quinazoline-2,4-dione
4 water water
#
_entity_poly.entity_id   1
_entity_poly.type   'polypeptide(L)'
_entity_poly.pdbx_seq_one_letter_code
;ADLYENPMGLMGFEFIEFASPTPGTLEPIFEIMGFTKVATHRSKNVHLYRQGEINLILNNEPNSIASYFAAEHGPSVCGM
AFRVKDSQKAYNRALELGAQPIHIDTGPMELNLPAIKGIGGAPLYLIDRFGEGSSIYDIDFVYLEGVERNPVGAGLKVID
HLTHNVYRGRMVYWANFYEKLFNFREARYFDIKGEYTGLTSKAMSAPDGMIRIPLNEESSKGAGQIEEFLMQFNGEGIQH
VAFLTDDLVKTWDALKKIGMRFMTAPPDTYYEMLEGRLPDHGEPVDQLQARGILLDGSSVEGDKRLLLQIFSETLMGPVF
FEFIQRKGDDGFGEGNFKALFESIERDQVRRGVLATD
;
_entity_poly.pdbx_strand_id   G,A,B,C
#
# COMPACT_ATOMS: atom_id res chain seq x y z
N ALA A 1 -8.82 15.46 -43.44
CA ALA A 1 -10.25 15.59 -43.20
C ALA A 1 -10.50 16.22 -41.82
N ASP A 2 -9.79 17.31 -41.54
CA ASP A 2 -10.10 18.11 -40.37
C ASP A 2 -11.55 18.56 -40.43
N LEU A 3 -12.12 18.83 -39.25
CA LEU A 3 -13.52 19.17 -39.07
C LEU A 3 -13.75 20.67 -38.99
N TYR A 4 -12.80 21.39 -38.40
CA TYR A 4 -12.81 22.85 -38.33
C TYR A 4 -11.37 23.27 -38.06
N GLU A 5 -11.15 24.57 -37.90
CA GLU A 5 -9.78 25.08 -37.85
C GLU A 5 -8.95 24.32 -36.84
N ASN A 6 -7.72 24.02 -37.22
CA ASN A 6 -6.83 23.11 -36.48
C ASN A 6 -5.54 23.87 -36.21
N PRO A 7 -5.57 24.86 -35.31
CA PRO A 7 -4.40 25.76 -35.19
C PRO A 7 -3.16 25.07 -34.66
N MET A 8 -3.31 24.02 -33.86
CA MET A 8 -2.16 23.24 -33.39
C MET A 8 -1.76 22.12 -34.32
N GLY A 9 -2.41 21.96 -35.46
CA GLY A 9 -2.01 20.90 -36.39
C GLY A 9 -2.17 19.49 -35.85
N LEU A 10 -3.20 19.25 -35.04
CA LEU A 10 -3.42 17.93 -34.46
C LEU A 10 -3.68 16.90 -35.55
N MET A 11 -3.22 15.69 -35.31
CA MET A 11 -3.38 14.58 -36.25
C MET A 11 -3.54 13.27 -35.49
N GLY A 12 -4.28 13.29 -34.39
CA GLY A 12 -4.62 12.04 -33.70
C GLY A 12 -3.75 11.78 -32.49
N PHE A 13 -4.21 10.87 -31.63
CA PHE A 13 -3.41 10.45 -30.50
C PHE A 13 -2.13 9.83 -31.01
N GLU A 14 -1.05 10.05 -30.27
CA GLU A 14 0.23 9.39 -30.54
C GLU A 14 0.56 8.24 -29.58
N PHE A 15 0.58 8.51 -28.27
CA PHE A 15 0.70 7.43 -27.31
C PHE A 15 -0.03 7.81 -26.04
N ILE A 16 -0.28 6.82 -25.21
CA ILE A 16 -0.61 7.13 -23.82
C ILE A 16 0.43 6.44 -22.96
N GLU A 17 0.70 7.06 -21.81
CA GLU A 17 1.82 6.70 -20.95
C GLU A 17 1.25 6.27 -19.61
N PHE A 18 1.87 5.25 -19.01
CA PHE A 18 1.39 4.67 -17.75
C PHE A 18 2.54 4.58 -16.77
N ALA A 19 2.22 4.72 -15.49
CA ALA A 19 3.23 4.48 -14.48
C ALA A 19 2.56 3.93 -13.24
N SER A 20 3.35 3.28 -12.41
CA SER A 20 2.81 2.75 -11.23
C SER A 20 3.90 2.80 -10.16
N PRO A 21 3.53 3.07 -8.90
CA PRO A 21 4.53 3.02 -7.84
C PRO A 21 4.83 1.60 -7.38
N THR A 22 4.13 0.60 -7.90
CA THR A 22 4.34 -0.80 -7.57
C THR A 22 4.83 -1.60 -8.77
N PRO A 23 5.96 -2.29 -8.67
CA PRO A 23 6.45 -3.05 -9.81
C PRO A 23 5.49 -4.16 -10.22
N GLY A 24 5.50 -4.49 -11.51
CA GLY A 24 4.74 -5.62 -11.99
C GLY A 24 3.24 -5.44 -11.90
N THR A 25 2.74 -4.22 -11.80
CA THR A 25 1.30 -4.03 -11.76
C THR A 25 0.74 -3.59 -13.10
N LEU A 26 1.56 -3.00 -13.97
CA LEU A 26 1.04 -2.57 -15.26
C LEU A 26 1.23 -3.62 -16.34
N GLU A 27 2.34 -4.36 -16.28
CA GLU A 27 2.67 -5.37 -17.29
C GLU A 27 1.58 -6.41 -17.49
N PRO A 28 1.03 -7.06 -16.45
CA PRO A 28 -0.02 -8.05 -16.71
C PRO A 28 -1.28 -7.44 -17.28
N ILE A 29 -1.56 -6.17 -16.98
CA ILE A 29 -2.75 -5.54 -17.53
C ILE A 29 -2.60 -5.35 -19.03
N PHE A 30 -1.43 -4.85 -19.47
CA PHE A 30 -1.13 -4.77 -20.89
C PHE A 30 -1.31 -6.14 -21.56
N GLU A 31 -0.87 -7.22 -20.91
CA GLU A 31 -0.90 -8.52 -21.58
C GLU A 31 -2.33 -9.02 -21.77
N ILE A 32 -3.15 -8.95 -20.72
CA ILE A 32 -4.53 -9.42 -20.83
C ILE A 32 -5.34 -8.55 -21.77
N MET A 33 -4.86 -7.35 -22.10
CA MET A 33 -5.56 -6.48 -23.04
C MET A 33 -5.05 -6.62 -24.46
N GLY A 34 -4.21 -7.62 -24.71
CA GLY A 34 -3.76 -7.88 -26.06
C GLY A 34 -2.56 -7.07 -26.51
N PHE A 35 -1.90 -6.33 -25.61
CA PHE A 35 -0.74 -5.56 -26.03
C PHE A 35 0.51 -6.41 -25.92
N THR A 36 1.45 -6.17 -26.82
CA THR A 36 2.73 -6.88 -26.87
C THR A 36 3.85 -5.89 -26.62
N LYS A 37 4.77 -6.24 -25.75
CA LYS A 37 5.94 -5.40 -25.55
C LYS A 37 6.85 -5.61 -26.75
N VAL A 38 7.11 -4.53 -27.49
CA VAL A 38 7.93 -4.59 -28.69
C VAL A 38 9.22 -3.81 -28.56
N ALA A 39 9.41 -3.00 -27.53
CA ALA A 39 10.65 -2.24 -27.54
C ALA A 39 10.91 -1.65 -26.17
N THR A 40 12.17 -1.29 -25.93
CA THR A 40 12.57 -0.72 -24.67
C THR A 40 13.38 0.51 -25.02
N HIS A 41 13.24 1.52 -24.18
CA HIS A 41 14.00 2.74 -24.35
C HIS A 41 15.50 2.46 -24.48
N ARG A 42 16.16 3.33 -25.24
CA ARG A 42 17.61 3.30 -25.43
C ARG A 42 18.38 3.39 -24.10
N SER A 43 17.84 4.10 -23.11
CA SER A 43 18.57 4.32 -21.87
C SER A 43 17.71 4.24 -20.62
N LYS A 44 16.38 4.40 -20.71
CA LYS A 44 15.58 4.50 -19.50
C LYS A 44 14.79 3.22 -19.33
N ASN A 45 14.26 3.04 -18.11
CA ASN A 45 13.42 1.89 -17.82
C ASN A 45 11.99 2.23 -18.27
N VAL A 46 11.83 2.33 -19.60
CA VAL A 46 10.52 2.61 -20.20
C VAL A 46 10.37 1.74 -21.45
N HIS A 47 9.16 1.23 -21.65
CA HIS A 47 8.92 0.17 -22.61
C HIS A 47 7.71 0.48 -23.46
N LEU A 48 7.72 -0.03 -24.69
CA LEU A 48 6.67 0.23 -25.65
C LEU A 48 5.85 -1.04 -25.85
N TYR A 49 4.57 -0.97 -25.51
CA TYR A 49 3.60 -2.01 -25.81
C TYR A 49 2.72 -1.58 -26.96
N ARG A 50 2.37 -2.51 -27.84
CA ARG A 50 1.73 -2.12 -29.08
C ARG A 50 0.64 -3.11 -29.43
N GLN A 51 -0.42 -2.61 -30.06
CA GLN A 51 -1.50 -3.44 -30.61
C GLN A 51 -2.16 -2.61 -31.71
N GLY A 52 -2.26 -3.13 -32.92
CA GLY A 52 -2.71 -2.29 -34.01
C GLY A 52 -1.91 -1.01 -34.06
N GLU A 53 -2.58 0.13 -34.18
CA GLU A 53 -1.89 1.42 -34.18
C GLU A 53 -1.79 2.05 -32.80
N ILE A 54 -2.03 1.30 -31.73
CA ILE A 54 -1.97 1.82 -30.38
C ILE A 54 -0.57 1.69 -29.82
N ASN A 55 -0.03 2.80 -29.33
CA ASN A 55 1.28 2.85 -28.69
C ASN A 55 1.05 3.16 -27.23
N LEU A 56 1.33 2.21 -26.35
CA LEU A 56 1.25 2.45 -24.91
C LEU A 56 2.66 2.42 -24.38
N ILE A 57 3.00 3.38 -23.52
CA ILE A 57 4.34 3.46 -22.97
C ILE A 57 4.28 3.18 -21.48
N LEU A 58 5.07 2.19 -21.05
CA LEU A 58 5.20 1.84 -19.65
C LEU A 58 6.41 2.58 -19.12
N ASN A 59 6.18 3.55 -18.26
CA ASN A 59 7.25 4.42 -17.78
C ASN A 59 7.57 4.02 -16.36
N ASN A 60 8.66 3.27 -16.21
CA ASN A 60 9.17 2.82 -14.92
C ASN A 60 10.39 3.61 -14.49
N GLU A 61 10.62 4.79 -15.06
CA GLU A 61 11.85 5.53 -14.79
C GLU A 61 11.76 6.18 -13.42
N PRO A 62 12.67 5.86 -12.49
CA PRO A 62 12.54 6.44 -11.15
C PRO A 62 12.90 7.91 -11.16
N ASN A 63 12.44 8.61 -10.11
CA ASN A 63 12.77 10.02 -9.89
C ASN A 63 12.37 10.90 -11.07
N SER A 64 11.30 10.53 -11.77
CA SER A 64 10.90 11.18 -12.99
C SER A 64 9.51 11.81 -12.78
N ILE A 65 9.06 12.58 -13.76
CA ILE A 65 7.70 13.13 -13.71
C ILE A 65 6.69 12.02 -13.52
N ALA A 66 6.82 10.97 -14.33
CA ALA A 66 5.95 9.81 -14.23
C ALA A 66 5.91 9.25 -12.81
N SER A 67 7.08 8.98 -12.22
CA SER A 67 7.10 8.32 -10.91
C SER A 67 6.51 9.24 -9.84
N TYR A 68 6.79 10.54 -9.89
CA TYR A 68 6.11 11.45 -8.95
C TYR A 68 4.61 11.41 -9.14
N PHE A 69 4.15 11.27 -10.38
CA PHE A 69 2.72 11.29 -10.65
C PHE A 69 2.08 10.01 -10.14
N ALA A 70 2.69 8.88 -10.46
CA ALA A 70 2.22 7.58 -9.96
C ALA A 70 2.27 7.53 -8.44
N ALA A 71 3.30 8.15 -7.83
CA ALA A 71 3.36 8.21 -6.37
C ALA A 71 2.09 8.82 -5.79
N GLU A 72 1.63 9.91 -6.40
CA GLU A 72 0.45 10.62 -5.92
C GLU A 72 -0.85 9.89 -6.26
N HIS A 73 -0.91 9.26 -7.43
CA HIS A 73 -2.18 8.78 -7.97
C HIS A 73 -2.31 7.28 -8.10
N GLY A 74 -1.23 6.52 -7.89
CA GLY A 74 -1.31 5.08 -8.02
C GLY A 74 -1.07 4.67 -9.45
N PRO A 75 -1.36 3.42 -9.78
CA PRO A 75 -1.29 2.98 -11.17
C PRO A 75 -2.23 3.81 -12.03
N SER A 76 -1.73 4.28 -13.17
CA SER A 76 -2.46 5.37 -13.82
C SER A 76 -1.90 5.66 -15.20
N VAL A 77 -2.70 6.37 -15.98
CA VAL A 77 -2.23 7.06 -17.18
C VAL A 77 -1.58 8.35 -16.73
N CYS A 78 -0.24 8.40 -16.77
CA CYS A 78 0.49 9.57 -16.30
C CYS A 78 0.83 10.52 -17.42
N GLY A 79 0.36 10.27 -18.64
CA GLY A 79 0.83 11.06 -19.74
C GLY A 79 0.09 10.77 -21.00
N MET A 80 -0.07 11.80 -21.84
CA MET A 80 -0.81 11.60 -23.07
C MET A 80 -0.11 12.38 -24.17
N ALA A 81 -0.07 11.82 -25.37
CA ALA A 81 0.65 12.47 -26.46
C ALA A 81 -0.25 12.64 -27.66
N PHE A 82 -0.25 13.85 -28.22
CA PHE A 82 -0.96 14.15 -29.45
C PHE A 82 0.06 14.24 -30.57
N ARG A 83 -0.27 13.63 -31.71
CA ARG A 83 0.46 13.89 -32.94
C ARG A 83 0.18 15.32 -33.39
N VAL A 84 1.24 16.05 -33.75
CA VAL A 84 1.09 17.38 -34.34
C VAL A 84 1.98 17.44 -35.58
N LYS A 85 1.63 18.38 -36.49
CA LYS A 85 2.45 18.54 -37.69
C LYS A 85 3.80 19.15 -37.37
N ASP A 86 3.82 20.12 -36.46
CA ASP A 86 5.01 20.91 -36.15
C ASP A 86 5.01 21.13 -34.65
N SER A 87 5.82 20.35 -33.93
CA SER A 87 5.75 20.41 -32.47
C SER A 87 6.38 21.68 -31.91
N GLN A 88 7.34 22.28 -32.62
CA GLN A 88 7.85 23.58 -32.18
C GLN A 88 6.77 24.65 -32.27
N LYS A 89 6.05 24.69 -33.38
CA LYS A 89 4.98 25.70 -33.51
C LYS A 89 3.89 25.47 -32.46
N ALA A 90 3.39 24.24 -32.36
CA ALA A 90 2.34 23.94 -31.41
C ALA A 90 2.78 24.29 -29.99
N TYR A 91 3.97 23.86 -29.59
CA TYR A 91 4.43 24.10 -28.22
C TYR A 91 4.56 25.60 -27.94
N ASN A 92 5.20 26.32 -28.85
CA ASN A 92 5.35 27.76 -28.67
C ASN A 92 3.99 28.44 -28.59
N ARG A 93 3.04 28.02 -29.43
CA ARG A 93 1.70 28.57 -29.37
C ARG A 93 1.05 28.27 -28.02
N ALA A 94 1.23 27.06 -27.51
CA ALA A 94 0.62 26.69 -26.24
C ALA A 94 1.13 27.57 -25.12
N LEU A 95 2.45 27.72 -25.03
CA LEU A 95 3.04 28.60 -24.02
C LEU A 95 2.54 30.04 -24.17
N GLU A 96 2.55 30.58 -25.39
CA GLU A 96 2.08 31.95 -25.55
C GLU A 96 0.63 32.10 -25.08
N LEU A 97 -0.18 31.04 -25.18
CA LEU A 97 -1.54 31.06 -24.70
C LEU A 97 -1.66 30.75 -23.22
N GLY A 98 -0.54 30.69 -22.50
CA GLY A 98 -0.59 30.50 -21.06
C GLY A 98 -0.49 29.08 -20.59
N ALA A 99 -0.24 28.12 -21.48
CA ALA A 99 -0.03 26.75 -21.01
C ALA A 99 1.27 26.69 -20.20
N GLN A 100 1.36 25.67 -19.32
CA GLN A 100 2.54 25.58 -18.47
C GLN A 100 3.46 24.46 -18.94
N PRO A 101 4.73 24.78 -19.18
CA PRO A 101 5.69 23.75 -19.58
C PRO A 101 5.86 22.69 -18.50
N ILE A 102 6.07 21.45 -18.93
CA ILE A 102 6.51 20.39 -18.05
C ILE A 102 7.82 19.88 -18.60
N HIS A 103 8.89 19.99 -17.82
CA HIS A 103 10.20 19.60 -18.28
C HIS A 103 10.37 18.10 -18.05
N ILE A 104 10.50 17.36 -19.15
CA ILE A 104 10.81 15.93 -19.13
C ILE A 104 12.31 15.76 -19.40
N ASP A 105 13.02 15.12 -18.47
CA ASP A 105 14.47 15.01 -18.58
C ASP A 105 14.85 14.15 -19.79
N THR A 106 15.70 14.71 -20.66
CA THR A 106 16.14 14.13 -21.92
C THR A 106 17.60 13.73 -21.77
N GLY A 107 17.91 12.47 -22.05
CA GLY A 107 19.27 12.01 -22.01
C GLY A 107 20.05 12.41 -23.25
N PRO A 108 21.38 12.27 -23.16
CA PRO A 108 22.23 12.61 -24.31
C PRO A 108 21.81 11.79 -25.51
N MET A 109 21.78 12.43 -26.67
CA MET A 109 21.50 11.78 -27.93
C MET A 109 20.08 11.23 -27.98
N GLU A 110 19.20 11.67 -27.08
CA GLU A 110 17.77 11.37 -27.18
C GLU A 110 16.97 12.64 -27.51
N LEU A 111 15.69 12.43 -27.85
CA LEU A 111 14.80 13.51 -28.28
C LEU A 111 14.28 14.34 -27.10
N ASN A 112 14.35 15.66 -27.24
CA ASN A 112 13.66 16.55 -26.32
C ASN A 112 12.15 16.47 -26.56
N LEU A 113 11.39 16.02 -25.57
CA LEU A 113 9.94 15.88 -25.78
C LEU A 113 9.20 17.08 -25.20
N PRO A 114 8.46 17.84 -25.99
CA PRO A 114 7.73 18.97 -25.45
C PRO A 114 6.43 18.53 -24.82
N ALA A 115 6.15 19.08 -23.65
CA ALA A 115 4.96 18.69 -22.91
C ALA A 115 4.50 19.89 -22.10
N ILE A 116 3.19 20.08 -22.06
CA ILE A 116 2.59 21.09 -21.21
C ILE A 116 1.79 20.37 -20.12
N LYS A 117 1.51 21.10 -19.05
CA LYS A 117 0.77 20.52 -17.93
C LYS A 117 -0.68 20.28 -18.34
N GLY A 118 -1.13 19.04 -18.19
CA GLY A 118 -2.45 18.61 -18.63
C GLY A 118 -3.31 18.14 -17.48
N ILE A 119 -4.25 17.24 -17.77
CA ILE A 119 -5.21 16.81 -16.76
C ILE A 119 -4.49 16.27 -15.52
N GLY A 120 -4.82 16.86 -14.38
CA GLY A 120 -4.30 16.38 -13.12
C GLY A 120 -2.81 16.49 -12.98
N GLY A 121 -2.18 17.38 -13.74
CA GLY A 121 -0.75 17.53 -13.75
C GLY A 121 -0.03 16.63 -14.76
N ALA A 122 -0.75 15.78 -15.47
CA ALA A 122 -0.09 14.83 -16.36
C ALA A 122 0.42 15.56 -17.60
N PRO A 123 1.65 15.27 -18.03
CA PRO A 123 2.15 15.92 -19.24
C PRO A 123 1.27 15.58 -20.44
N LEU A 124 1.03 16.58 -21.26
CA LEU A 124 0.41 16.49 -22.57
C LEU A 124 1.53 16.75 -23.58
N TYR A 125 1.98 15.68 -24.26
CA TYR A 125 3.06 15.76 -25.24
C TYR A 125 2.56 16.14 -26.62
N LEU A 126 3.37 16.92 -27.33
CA LEU A 126 3.10 17.32 -28.71
C LEU A 126 4.19 16.68 -29.59
N ILE A 127 3.84 15.66 -30.36
CA ILE A 127 4.83 14.84 -31.04
C ILE A 127 4.61 14.98 -32.54
N ASP A 128 5.64 15.46 -33.26
CA ASP A 128 5.53 15.62 -34.71
C ASP A 128 6.37 14.62 -35.49
N ARG A 129 6.72 13.51 -34.86
CA ARG A 129 7.49 12.46 -35.52
C ARG A 129 6.74 11.14 -35.43
N PHE A 130 6.34 10.60 -36.59
CA PHE A 130 5.53 9.40 -36.61
C PHE A 130 5.74 8.73 -37.96
N GLY A 131 5.31 7.47 -38.05
CA GLY A 131 5.48 6.69 -39.27
C GLY A 131 6.64 5.73 -39.14
N GLU A 132 6.54 4.55 -39.77
CA GLU A 132 7.59 3.55 -39.68
C GLU A 132 8.93 4.15 -40.10
N GLY A 133 9.91 4.10 -39.19
CA GLY A 133 11.22 4.64 -39.42
C GLY A 133 11.43 6.05 -38.91
N SER A 134 10.38 6.86 -38.86
CA SER A 134 10.52 8.25 -38.44
C SER A 134 9.87 8.53 -37.10
N SER A 135 9.49 7.48 -36.37
CA SER A 135 8.74 7.67 -35.14
C SER A 135 9.69 7.94 -34.00
N ILE A 136 9.14 8.40 -32.88
CA ILE A 136 9.99 8.56 -31.73
C ILE A 136 10.44 7.22 -31.20
N TYR A 137 9.67 6.15 -31.47
CA TYR A 137 10.09 4.82 -31.05
C TYR A 137 11.27 4.34 -31.89
N ASP A 138 11.25 4.64 -33.18
CA ASP A 138 12.36 4.22 -34.03
C ASP A 138 13.66 4.91 -33.57
N ILE A 139 13.53 6.13 -33.09
CA ILE A 139 14.68 6.94 -32.70
C ILE A 139 15.16 6.64 -31.29
N ASP A 140 14.26 6.55 -30.32
CA ASP A 140 14.71 6.47 -28.92
C ASP A 140 14.45 5.12 -28.27
N PHE A 141 13.90 4.15 -29.01
CA PHE A 141 13.64 2.83 -28.47
C PHE A 141 14.41 1.82 -29.30
N VAL A 142 14.60 0.65 -28.72
CA VAL A 142 15.24 -0.47 -29.39
C VAL A 142 14.24 -1.62 -29.44
N TYR A 143 13.86 -2.02 -30.63
CA TYR A 143 12.90 -3.10 -30.79
C TYR A 143 13.56 -4.43 -30.51
N LEU A 144 12.86 -5.31 -29.79
CA LEU A 144 13.39 -6.63 -29.49
C LEU A 144 13.84 -7.31 -30.77
N GLU A 145 14.98 -8.01 -30.69
CA GLU A 145 15.53 -8.68 -31.86
C GLU A 145 14.52 -9.69 -32.40
N GLY A 146 14.19 -9.54 -33.68
CA GLY A 146 13.33 -10.50 -34.35
C GLY A 146 11.85 -10.19 -34.31
N VAL A 147 11.34 -9.86 -33.12
CA VAL A 147 9.92 -9.67 -32.81
C VAL A 147 9.20 -8.81 -33.85
N GLU A 148 7.92 -9.07 -34.07
CA GLU A 148 7.17 -8.31 -35.05
C GLU A 148 6.72 -6.99 -34.44
N ARG A 149 6.99 -5.89 -35.14
CA ARG A 149 6.86 -4.56 -34.55
C ARG A 149 5.45 -4.01 -34.62
N ASN A 150 4.57 -4.61 -35.39
CA ASN A 150 3.19 -4.16 -35.52
C ASN A 150 2.21 -5.27 -35.12
N PRO A 151 2.29 -5.76 -33.89
CA PRO A 151 1.43 -6.90 -33.52
C PRO A 151 -0.04 -6.54 -33.60
N VAL A 152 -0.85 -7.49 -34.08
CA VAL A 152 -2.28 -7.26 -34.19
C VAL A 152 -2.99 -7.57 -32.88
N GLY A 153 -2.38 -8.43 -32.06
CA GLY A 153 -2.93 -8.74 -30.75
C GLY A 153 -4.34 -9.29 -30.87
N ALA A 154 -5.22 -8.76 -30.03
CA ALA A 154 -6.64 -9.12 -30.01
C ALA A 154 -7.48 -8.22 -30.93
N GLY A 155 -6.87 -7.49 -31.85
CA GLY A 155 -7.60 -6.72 -32.83
C GLY A 155 -7.95 -5.29 -32.45
N LEU A 156 -7.41 -4.77 -31.35
CA LEU A 156 -7.59 -3.35 -31.05
C LEU A 156 -6.74 -2.52 -32.00
N LYS A 157 -7.34 -1.45 -32.54
CA LYS A 157 -6.83 -0.73 -33.69
C LYS A 157 -6.27 0.64 -33.32
N VAL A 158 -7.06 1.47 -32.62
CA VAL A 158 -6.65 2.83 -32.27
C VAL A 158 -7.30 3.18 -30.95
N ILE A 159 -6.77 4.20 -30.27
CA ILE A 159 -7.54 4.83 -29.19
C ILE A 159 -8.72 5.56 -29.82
N ASP A 160 -9.93 5.11 -29.49
CA ASP A 160 -11.13 5.79 -29.94
C ASP A 160 -11.33 7.10 -29.18
N HIS A 161 -11.24 7.03 -27.85
CA HIS A 161 -11.45 8.21 -27.04
C HIS A 161 -10.88 7.92 -25.67
N LEU A 162 -10.70 8.98 -24.90
CA LEU A 162 -10.42 8.75 -23.50
C LEU A 162 -11.00 9.90 -22.70
N THR A 163 -11.33 9.62 -21.46
CA THR A 163 -12.09 10.57 -20.67
C THR A 163 -11.21 11.17 -19.59
N HIS A 164 -11.73 12.23 -19.00
CA HIS A 164 -11.18 12.83 -17.80
C HIS A 164 -12.34 12.91 -16.81
N ASN A 165 -12.11 12.48 -15.57
CA ASN A 165 -13.01 12.81 -14.47
C ASN A 165 -12.44 14.02 -13.78
N VAL A 166 -13.30 15.01 -13.52
CA VAL A 166 -12.83 16.27 -12.96
C VAL A 166 -13.75 16.61 -11.81
N TYR A 167 -13.30 17.53 -10.97
CA TYR A 167 -14.11 17.89 -9.82
C TYR A 167 -15.26 18.80 -10.26
N ARG A 168 -16.28 18.88 -9.40
CA ARG A 168 -17.46 19.66 -9.73
C ARG A 168 -17.06 21.06 -10.14
N GLY A 169 -17.67 21.56 -11.22
CA GLY A 169 -17.34 22.87 -11.71
C GLY A 169 -16.04 22.99 -12.48
N ARG A 170 -15.24 21.91 -12.57
CA ARG A 170 -14.00 21.95 -13.31
C ARG A 170 -14.15 21.62 -14.80
N MET A 171 -15.29 21.05 -15.18
CA MET A 171 -15.54 20.77 -16.59
C MET A 171 -15.39 22.03 -17.44
N VAL A 172 -15.92 23.16 -16.95
CA VAL A 172 -15.74 24.45 -17.62
C VAL A 172 -14.26 24.78 -17.75
N TYR A 173 -13.49 24.49 -16.71
CA TYR A 173 -12.05 24.71 -16.76
C TYR A 173 -11.39 23.86 -17.83
N TRP A 174 -11.71 22.56 -17.85
CA TRP A 174 -11.06 21.68 -18.80
C TRP A 174 -11.64 21.80 -20.20
N ALA A 175 -12.91 22.19 -20.36
CA ALA A 175 -13.41 22.53 -21.68
C ALA A 175 -12.63 23.72 -22.23
N ASN A 176 -12.43 24.73 -21.39
CA ASN A 176 -11.69 25.91 -21.83
C ASN A 176 -10.25 25.56 -22.18
N PHE A 177 -9.64 24.71 -21.37
CA PHE A 177 -8.28 24.29 -21.65
C PHE A 177 -8.16 23.73 -23.06
N TYR A 178 -9.03 22.79 -23.41
CA TYR A 178 -8.91 22.19 -24.73
C TYR A 178 -9.40 23.14 -25.80
N GLU A 179 -10.37 23.99 -25.48
CA GLU A 179 -10.86 24.92 -26.48
C GLU A 179 -9.80 25.95 -26.82
N LYS A 180 -9.27 26.60 -25.79
CA LYS A 180 -8.31 27.69 -25.99
C LYS A 180 -7.03 27.20 -26.66
N LEU A 181 -6.49 26.06 -26.20
CA LEU A 181 -5.21 25.62 -26.75
C LEU A 181 -5.35 24.93 -28.10
N PHE A 182 -6.34 24.05 -28.27
CA PHE A 182 -6.44 23.19 -29.45
C PHE A 182 -7.70 23.36 -30.30
N ASN A 183 -8.62 24.26 -29.93
CA ASN A 183 -9.91 24.36 -30.62
C ASN A 183 -10.66 23.04 -30.62
N PHE A 184 -10.57 22.29 -29.52
CA PHE A 184 -11.59 21.27 -29.31
C PHE A 184 -12.94 21.96 -29.21
N ARG A 185 -13.99 21.30 -29.68
CA ARG A 185 -15.33 21.86 -29.58
C ARG A 185 -16.29 20.78 -29.15
N GLU A 186 -17.26 21.15 -28.32
CA GLU A 186 -18.37 20.25 -28.02
C GLU A 186 -19.31 20.23 -29.22
N ALA A 187 -19.40 19.07 -29.87
CA ALA A 187 -20.13 18.96 -31.13
C ALA A 187 -21.37 18.11 -31.04
N ARG A 188 -21.60 17.46 -29.90
CA ARG A 188 -22.67 16.49 -29.81
C ARG A 188 -22.95 16.30 -28.33
N TYR A 189 -24.23 16.27 -27.97
CA TYR A 189 -24.60 16.02 -26.59
C TYR A 189 -25.71 14.99 -26.55
N PHE A 190 -25.51 13.94 -25.77
CA PHE A 190 -26.55 12.93 -25.53
C PHE A 190 -27.25 13.24 -24.22
N ASP A 191 -28.58 13.34 -24.26
CA ASP A 191 -29.38 13.66 -23.08
C ASP A 191 -29.46 12.46 -22.16
N ILE A 192 -29.25 12.67 -20.86
CA ILE A 192 -29.40 11.60 -19.88
C ILE A 192 -30.19 12.12 -18.68
N LYS A 193 -31.43 11.67 -18.55
CA LYS A 193 -32.24 12.00 -17.37
C LYS A 193 -31.48 11.62 -16.09
N GLY A 194 -31.77 12.36 -15.01
CA GLY A 194 -31.12 12.12 -13.74
C GLY A 194 -31.42 10.75 -13.16
N GLU A 195 -31.25 9.71 -13.98
CA GLU A 195 -31.52 8.33 -13.57
C GLU A 195 -30.78 7.37 -14.50
N GLY A 198 -24.92 10.05 -11.35
CA GLY A 198 -25.35 11.43 -11.45
C GLY A 198 -24.60 12.15 -12.59
N LEU A 199 -23.64 11.45 -13.18
CA LEU A 199 -22.85 11.83 -14.35
C LEU A 199 -23.41 12.98 -15.16
N THR A 200 -22.64 14.07 -15.23
CA THR A 200 -22.72 15.04 -16.30
C THR A 200 -21.44 14.96 -17.13
N SER A 201 -21.60 15.08 -18.44
CA SER A 201 -20.51 14.81 -19.36
C SER A 201 -20.52 15.83 -20.47
N LYS A 202 -19.34 16.00 -21.08
CA LYS A 202 -19.07 16.99 -22.10
C LYS A 202 -18.08 16.42 -23.09
N ALA A 203 -18.56 16.02 -24.27
CA ALA A 203 -17.72 15.43 -25.30
C ALA A 203 -16.95 16.53 -26.03
N MET A 204 -15.64 16.59 -25.84
CA MET A 204 -14.80 17.55 -26.56
C MET A 204 -14.18 16.84 -27.76
N SER A 205 -14.43 17.35 -28.97
CA SER A 205 -13.85 16.76 -30.16
C SER A 205 -12.80 17.69 -30.72
N ALA A 206 -11.64 17.14 -31.02
CA ALA A 206 -10.59 17.95 -31.57
C ALA A 206 -10.86 18.21 -33.06
N PRO A 207 -10.20 19.23 -33.62
CA PRO A 207 -10.44 19.56 -35.02
C PRO A 207 -9.90 18.57 -36.01
N ASP A 208 -9.06 17.60 -35.60
CA ASP A 208 -8.66 16.56 -36.53
C ASP A 208 -9.76 15.54 -36.79
N GLY A 209 -10.81 15.54 -35.99
CA GLY A 209 -11.84 14.52 -36.14
C GLY A 209 -11.49 13.21 -35.47
N MET A 210 -10.34 13.11 -34.82
CA MET A 210 -9.84 11.86 -34.28
C MET A 210 -9.71 11.84 -32.76
N ILE A 211 -9.19 12.91 -32.17
CA ILE A 211 -9.02 12.98 -30.74
C ILE A 211 -10.36 13.40 -30.14
N ARG A 212 -10.87 12.59 -29.21
CA ARG A 212 -12.10 12.91 -28.50
C ARG A 212 -11.86 12.64 -27.03
N ILE A 213 -12.13 13.63 -26.20
CA ILE A 213 -11.93 13.51 -24.77
C ILE A 213 -13.22 13.94 -24.09
N PRO A 214 -14.07 13.01 -23.65
CA PRO A 214 -15.19 13.42 -22.80
C PRO A 214 -14.73 13.78 -21.40
N LEU A 215 -15.29 14.88 -20.89
CA LEU A 215 -15.08 15.30 -19.51
C LEU A 215 -16.30 14.93 -18.67
N ASN A 216 -16.06 14.28 -17.54
CA ASN A 216 -17.11 13.85 -16.61
C ASN A 216 -16.94 14.57 -15.26
N GLU A 217 -18.03 15.10 -14.70
CA GLU A 217 -18.02 15.47 -13.28
C GLU A 217 -19.26 14.89 -12.59
N GLU A 218 -19.35 15.11 -11.27
CA GLU A 218 -20.40 14.47 -10.47
C GLU A 218 -21.67 15.28 -10.32
N SER A 219 -22.08 15.53 -9.07
CA SER A 219 -23.36 16.19 -8.72
C SER A 219 -23.44 16.47 -7.23
N ALA A 223 -22.17 11.14 -4.52
CA ALA A 223 -21.84 9.79 -4.09
C ALA A 223 -22.08 8.76 -5.19
N GLY A 224 -21.17 8.68 -6.17
CA GLY A 224 -21.32 7.76 -7.29
C GLY A 224 -20.01 7.31 -7.88
N GLN A 225 -19.98 7.14 -9.19
CA GLN A 225 -18.85 6.53 -9.87
C GLN A 225 -17.74 7.52 -10.19
N ILE A 226 -18.08 8.79 -10.41
CA ILE A 226 -17.07 9.81 -10.72
C ILE A 226 -16.37 10.28 -9.46
N GLU A 227 -17.12 10.45 -8.37
CA GLU A 227 -16.48 10.82 -7.12
C GLU A 227 -15.67 9.67 -6.53
N GLU A 228 -16.12 8.43 -6.75
CA GLU A 228 -15.33 7.29 -6.27
C GLU A 228 -13.99 7.21 -7.00
N PHE A 229 -13.99 7.55 -8.30
CA PHE A 229 -12.72 7.66 -9.01
C PHE A 229 -11.85 8.74 -8.39
N LEU A 230 -12.40 9.94 -8.22
CA LEU A 230 -11.60 11.09 -7.79
C LEU A 230 -10.97 10.83 -6.43
N MET A 231 -11.69 10.13 -5.55
CA MET A 231 -11.12 9.74 -4.27
C MET A 231 -10.04 8.69 -4.47
N GLN A 232 -10.33 7.65 -5.25
CA GLN A 232 -9.37 6.56 -5.39
C GLN A 232 -8.14 7.02 -6.16
N PHE A 233 -8.31 8.01 -7.03
CA PHE A 233 -7.23 8.48 -7.86
C PHE A 233 -6.48 9.64 -7.25
N ASN A 234 -6.97 10.19 -6.15
CA ASN A 234 -6.28 11.33 -5.54
C ASN A 234 -6.26 12.52 -6.50
N GLY A 235 -7.29 12.67 -7.30
CA GLY A 235 -7.42 13.86 -8.12
C GLY A 235 -8.09 13.59 -9.45
N GLU A 236 -8.05 14.62 -10.29
CA GLU A 236 -8.55 14.54 -11.65
C GLU A 236 -7.61 13.74 -12.53
N GLY A 237 -8.15 13.00 -13.47
CA GLY A 237 -7.30 12.16 -14.27
C GLY A 237 -8.12 11.42 -15.27
N ILE A 238 -7.43 10.62 -16.07
CA ILE A 238 -8.08 9.82 -17.11
C ILE A 238 -8.74 8.61 -16.46
N GLN A 239 -10.05 8.49 -16.68
CA GLN A 239 -10.91 7.47 -16.11
C GLN A 239 -10.96 6.19 -16.92
N HIS A 240 -11.14 6.30 -18.23
CA HIS A 240 -11.02 5.13 -19.10
C HIS A 240 -10.49 5.51 -20.46
N VAL A 241 -9.87 4.52 -21.09
CA VAL A 241 -9.36 4.62 -22.44
C VAL A 241 -10.16 3.63 -23.25
N ALA A 242 -10.69 4.08 -24.38
CA ALA A 242 -11.49 3.24 -25.25
C ALA A 242 -10.69 2.88 -26.49
N PHE A 243 -10.63 1.60 -26.82
CA PHE A 243 -9.89 1.17 -27.99
C PHE A 243 -10.87 0.67 -29.04
N LEU A 244 -10.68 1.12 -30.27
CA LEU A 244 -11.59 0.74 -31.33
C LEU A 244 -11.18 -0.63 -31.85
N THR A 245 -12.18 -1.45 -32.18
CA THR A 245 -11.93 -2.69 -32.89
C THR A 245 -12.93 -2.80 -34.03
N ASP A 246 -12.50 -3.49 -35.09
CA ASP A 246 -13.36 -3.77 -36.24
C ASP A 246 -14.34 -4.91 -35.99
N ASP A 247 -14.20 -5.66 -34.91
CA ASP A 247 -15.21 -6.68 -34.59
C ASP A 247 -15.10 -7.02 -33.12
N LEU A 248 -16.01 -6.47 -32.31
CA LEU A 248 -15.94 -6.67 -30.88
C LEU A 248 -16.10 -8.13 -30.51
N VAL A 249 -16.97 -8.86 -31.21
CA VAL A 249 -17.15 -10.27 -30.87
C VAL A 249 -15.84 -11.02 -30.99
N LYS A 250 -15.13 -10.87 -32.12
CA LYS A 250 -13.88 -11.62 -32.29
C LYS A 250 -12.79 -11.10 -31.37
N THR A 251 -12.75 -9.78 -31.17
CA THR A 251 -11.86 -9.19 -30.17
C THR A 251 -12.17 -9.74 -28.78
N TRP A 252 -13.46 -9.81 -28.43
CA TRP A 252 -13.88 -10.38 -27.15
C TRP A 252 -13.31 -11.76 -26.94
N ASP A 253 -13.49 -12.66 -27.92
CA ASP A 253 -12.96 -14.01 -27.81
C ASP A 253 -11.46 -13.98 -27.58
N ALA A 254 -10.75 -13.17 -28.36
CA ALA A 254 -9.30 -13.08 -28.25
C ALA A 254 -8.89 -12.57 -26.88
N LEU A 255 -9.63 -11.60 -26.35
CA LEU A 255 -9.31 -11.01 -25.05
C LEU A 255 -9.65 -11.97 -23.91
N LYS A 256 -10.75 -12.70 -24.03
CA LYS A 256 -11.11 -13.62 -22.96
C LYS A 256 -10.07 -14.74 -22.85
N LYS A 257 -9.56 -15.19 -23.99
CA LYS A 257 -8.56 -16.25 -24.02
C LYS A 257 -7.28 -15.91 -23.27
N ILE A 258 -6.91 -14.63 -23.19
CA ILE A 258 -5.64 -14.23 -22.61
C ILE A 258 -5.84 -13.55 -21.26
N GLY A 259 -7.04 -13.64 -20.69
CA GLY A 259 -7.26 -13.24 -19.32
C GLY A 259 -8.02 -11.96 -19.08
N MET A 260 -8.59 -11.35 -20.11
CA MET A 260 -9.26 -10.08 -19.90
C MET A 260 -10.37 -10.20 -18.86
N ARG A 261 -10.48 -9.20 -18.00
CA ARG A 261 -11.49 -9.17 -16.95
C ARG A 261 -12.55 -8.14 -17.37
N PHE A 262 -13.66 -8.62 -17.91
CA PHE A 262 -14.73 -7.74 -18.35
C PHE A 262 -15.69 -7.48 -17.21
N MET A 263 -16.42 -6.38 -17.34
CA MET A 263 -17.62 -6.16 -16.54
C MET A 263 -18.57 -7.34 -16.71
N THR A 264 -19.18 -7.74 -15.60
CA THR A 264 -20.17 -8.82 -15.65
C THR A 264 -21.36 -8.39 -16.50
N ALA A 265 -21.86 -9.35 -17.29
CA ALA A 265 -22.91 -9.07 -18.26
C ALA A 265 -24.12 -8.41 -17.59
N PRO A 266 -24.84 -7.57 -18.33
CA PRO A 266 -26.15 -7.11 -17.87
C PRO A 266 -27.09 -8.27 -17.62
N PRO A 267 -28.17 -8.06 -16.90
CA PRO A 267 -29.19 -9.11 -16.81
C PRO A 267 -29.81 -9.39 -18.18
N ASP A 268 -30.42 -10.56 -18.30
CA ASP A 268 -30.98 -10.94 -19.59
C ASP A 268 -32.11 -10.01 -20.00
N THR A 269 -32.80 -9.38 -19.03
CA THR A 269 -33.79 -8.37 -19.39
C THR A 269 -33.17 -7.26 -20.24
N TYR A 270 -31.89 -6.98 -20.05
CA TYR A 270 -31.24 -6.00 -20.91
C TYR A 270 -31.28 -6.44 -22.37
N TYR A 271 -31.17 -7.73 -22.63
CA TYR A 271 -31.19 -8.22 -24.00
C TYR A 271 -32.60 -8.47 -24.53
N GLU A 272 -33.56 -8.73 -23.64
CA GLU A 272 -34.95 -8.80 -24.06
C GLU A 272 -35.47 -7.45 -24.54
N MET A 273 -34.95 -6.36 -24.01
CA MET A 273 -35.44 -5.03 -24.32
C MET A 273 -34.73 -4.39 -25.50
N LEU A 274 -33.87 -5.15 -26.19
CA LEU A 274 -33.06 -4.56 -27.25
C LEU A 274 -33.91 -4.20 -28.47
N GLU A 275 -34.74 -5.13 -28.94
CA GLU A 275 -35.64 -4.79 -30.06
C GLU A 275 -36.54 -3.63 -29.70
N GLY A 276 -37.12 -3.66 -28.50
CA GLY A 276 -37.89 -2.51 -28.05
C GLY A 276 -37.09 -1.23 -28.07
N ARG A 277 -35.87 -1.28 -27.53
CA ARG A 277 -35.07 -0.07 -27.45
C ARG A 277 -34.54 0.34 -28.81
N LEU A 278 -34.10 -0.62 -29.63
CA LEU A 278 -33.48 -0.35 -30.92
C LEU A 278 -34.15 -1.27 -31.93
N PRO A 279 -35.29 -0.85 -32.49
CA PRO A 279 -36.05 -1.75 -33.37
C PRO A 279 -35.25 -2.11 -34.62
N ASP A 280 -35.19 -3.42 -34.89
CA ASP A 280 -34.55 -3.94 -36.11
C ASP A 280 -33.07 -3.56 -36.19
N HIS A 281 -32.37 -3.69 -35.07
CA HIS A 281 -30.96 -3.31 -35.06
C HIS A 281 -30.10 -4.27 -35.86
N GLY A 282 -30.50 -5.54 -35.96
CA GLY A 282 -29.83 -6.50 -36.82
C GLY A 282 -28.64 -7.25 -36.20
N GLU A 283 -28.26 -6.93 -34.96
CA GLU A 283 -27.08 -7.54 -34.34
C GLU A 283 -27.45 -8.89 -33.71
N PRO A 284 -26.56 -9.88 -33.76
CA PRO A 284 -26.89 -11.20 -33.20
C PRO A 284 -26.97 -11.15 -31.68
N VAL A 285 -28.18 -11.00 -31.16
CA VAL A 285 -28.38 -10.80 -29.73
C VAL A 285 -27.78 -11.95 -28.93
N ASP A 286 -27.83 -13.18 -29.46
CA ASP A 286 -27.31 -14.32 -28.70
C ASP A 286 -25.80 -14.21 -28.51
N GLN A 287 -25.08 -13.75 -29.53
CA GLN A 287 -23.64 -13.61 -29.40
C GLN A 287 -23.28 -12.48 -28.43
N LEU A 288 -24.03 -11.38 -28.46
CA LEU A 288 -23.74 -10.29 -27.54
C LEU A 288 -24.03 -10.70 -26.10
N GLN A 289 -25.14 -11.40 -25.87
CA GLN A 289 -25.54 -11.74 -24.50
C GLN A 289 -24.55 -12.71 -23.84
N ALA A 290 -24.14 -13.75 -24.59
CA ALA A 290 -23.15 -14.70 -24.10
C ALA A 290 -21.86 -14.00 -23.67
N ARG A 291 -21.55 -12.84 -24.25
CA ARG A 291 -20.31 -12.14 -23.93
C ARG A 291 -20.51 -10.92 -23.06
N GLY A 292 -21.75 -10.54 -22.75
CA GLY A 292 -22.01 -9.31 -22.02
C GLY A 292 -21.67 -8.04 -22.78
N ILE A 293 -21.71 -8.09 -24.09
CA ILE A 293 -21.42 -6.91 -24.91
C ILE A 293 -22.66 -6.01 -24.94
N LEU A 294 -22.44 -4.71 -24.78
CA LEU A 294 -23.51 -3.71 -24.80
C LEU A 294 -23.72 -3.13 -26.19
N LEU A 295 -24.96 -2.70 -26.45
CA LEU A 295 -25.33 -2.18 -27.76
C LEU A 295 -26.08 -0.88 -27.56
N ASP A 296 -25.75 0.12 -28.38
CA ASP A 296 -26.46 1.39 -28.32
C ASP A 296 -26.57 1.97 -29.72
N GLY A 297 -27.36 3.02 -29.84
CA GLY A 297 -27.43 3.73 -31.09
C GLY A 297 -28.84 4.29 -31.32
N SER A 298 -29.23 4.34 -32.60
CA SER A 298 -30.54 4.82 -32.96
C SER A 298 -31.12 4.07 -34.17
N ASP A 303 -31.12 4.10 -41.66
CA ASP A 303 -30.25 4.87 -40.77
C ASP A 303 -29.97 4.10 -39.48
N LYS A 304 -29.20 3.03 -39.59
CA LYS A 304 -28.97 2.12 -38.46
C LYS A 304 -27.62 2.41 -37.82
N ARG A 305 -27.56 3.54 -37.13
CA ARG A 305 -26.35 3.99 -36.44
C ARG A 305 -26.22 3.22 -35.12
N LEU A 306 -25.21 2.39 -35.01
CA LEU A 306 -25.08 1.46 -33.90
C LEU A 306 -23.67 1.53 -33.34
N LEU A 307 -23.50 0.99 -32.15
CA LEU A 307 -22.20 0.91 -31.52
C LEU A 307 -22.24 -0.25 -30.55
N LEU A 308 -21.19 -1.06 -30.56
CA LEU A 308 -21.00 -2.16 -29.62
C LEU A 308 -19.85 -1.79 -28.70
N GLN A 309 -20.06 -1.99 -27.40
CA GLN A 309 -19.03 -1.62 -26.44
C GLN A 309 -19.07 -2.62 -25.30
N ILE A 310 -17.92 -2.79 -24.66
CA ILE A 310 -17.84 -3.54 -23.43
C ILE A 310 -16.69 -2.95 -22.62
N PHE A 311 -16.83 -3.00 -21.32
CA PHE A 311 -15.86 -2.38 -20.44
C PHE A 311 -15.14 -3.44 -19.64
N SER A 312 -13.89 -3.15 -19.29
CA SER A 312 -13.19 -3.97 -18.32
C SER A 312 -13.67 -3.58 -16.93
N GLU A 313 -13.41 -4.46 -15.95
CA GLU A 313 -13.37 -4.05 -14.56
C GLU A 313 -12.29 -2.99 -14.39
N THR A 314 -12.25 -2.35 -13.22
CA THR A 314 -11.14 -1.45 -12.97
C THR A 314 -9.85 -2.25 -12.90
N LEU A 315 -8.81 -1.74 -13.56
CA LEU A 315 -7.58 -2.52 -13.75
C LEU A 315 -6.31 -1.83 -13.26
N MET A 316 -6.27 -0.51 -13.19
CA MET A 316 -5.15 0.21 -12.60
C MET A 316 -5.75 1.28 -11.69
N GLY A 317 -5.71 1.04 -10.38
CA GLY A 317 -6.54 1.80 -9.48
C GLY A 317 -7.95 1.86 -10.04
N PRO A 318 -8.54 3.05 -10.12
CA PRO A 318 -9.88 3.17 -10.67
C PRO A 318 -9.96 3.34 -12.19
N VAL A 319 -8.84 3.31 -12.95
CA VAL A 319 -8.91 3.40 -14.41
C VAL A 319 -9.38 2.06 -14.95
N PHE A 320 -10.31 2.13 -15.91
CA PHE A 320 -10.78 0.93 -16.59
C PHE A 320 -10.67 1.16 -18.10
N PHE A 321 -11.07 0.16 -18.87
CA PHE A 321 -10.89 0.21 -20.31
C PHE A 321 -12.17 -0.17 -21.01
N GLU A 322 -12.29 0.35 -22.22
CA GLU A 322 -13.46 0.15 -23.05
C GLU A 322 -13.03 -0.41 -24.39
N PHE A 323 -13.80 -1.35 -24.91
CA PHE A 323 -13.53 -1.90 -26.23
C PHE A 323 -14.78 -1.69 -27.09
N ILE A 324 -14.64 -1.00 -28.23
CA ILE A 324 -15.84 -0.45 -28.88
C ILE A 324 -15.74 -0.68 -30.38
N GLN A 325 -16.80 -1.22 -30.98
CA GLN A 325 -16.91 -1.33 -32.43
C GLN A 325 -18.01 -0.36 -32.88
N ARG A 326 -17.67 0.56 -33.77
CA ARG A 326 -18.60 1.59 -34.22
C ARG A 326 -19.22 1.16 -35.53
N LYS A 327 -20.56 1.20 -35.59
CA LYS A 327 -21.34 0.89 -36.79
C LYS A 327 -22.28 2.04 -37.12
N GLY A 328 -21.74 3.26 -37.22
CA GLY A 328 -22.51 4.43 -37.56
C GLY A 328 -22.77 5.38 -36.41
N ASP A 329 -22.91 4.86 -35.18
CA ASP A 329 -23.13 5.75 -34.05
C ASP A 329 -21.82 6.42 -33.66
N ASP A 330 -21.85 7.75 -33.58
CA ASP A 330 -20.70 8.54 -33.18
C ASP A 330 -20.73 8.92 -31.71
N GLY A 331 -21.59 8.27 -30.91
CA GLY A 331 -21.74 8.60 -29.52
C GLY A 331 -20.84 7.77 -28.64
N PHE A 332 -21.21 7.66 -27.37
CA PHE A 332 -20.34 6.97 -26.44
C PHE A 332 -21.07 5.87 -25.69
N GLY A 333 -22.26 5.49 -26.15
CA GLY A 333 -23.02 4.49 -25.43
C GLY A 333 -23.78 5.03 -24.26
N GLU A 334 -24.03 6.33 -24.21
CA GLU A 334 -24.72 6.91 -23.07
C GLU A 334 -26.13 6.36 -22.92
N GLY A 335 -26.72 5.84 -24.00
CA GLY A 335 -28.01 5.19 -23.88
C GLY A 335 -28.00 3.99 -22.96
N ASN A 336 -26.84 3.43 -22.73
CA ASN A 336 -26.71 2.21 -21.90
C ASN A 336 -26.99 2.47 -20.44
N PHE A 337 -26.99 3.69 -20.01
CA PHE A 337 -27.28 3.92 -18.59
C PHE A 337 -28.76 3.69 -18.31
N LYS A 338 -29.59 4.33 -19.11
CA LYS A 338 -31.04 4.18 -18.96
C LYS A 338 -31.41 2.73 -19.20
N ALA A 339 -30.89 2.16 -20.26
CA ALA A 339 -31.18 0.76 -20.60
C ALA A 339 -30.75 -0.20 -19.48
N LEU A 340 -29.63 0.03 -18.80
CA LEU A 340 -29.24 -0.93 -17.74
C LEU A 340 -30.08 -0.65 -16.51
N PHE A 341 -30.44 0.59 -16.35
CA PHE A 341 -31.36 0.92 -15.23
C PHE A 341 -32.66 0.14 -15.44
N GLU A 342 -33.21 0.17 -16.65
CA GLU A 342 -34.50 -0.50 -16.94
C GLU A 342 -34.29 -2.00 -16.85
N SER A 343 -33.14 -2.50 -17.25
CA SER A 343 -32.85 -3.94 -17.21
C SER A 343 -32.91 -4.42 -15.79
N ILE A 344 -32.21 -3.74 -14.89
CA ILE A 344 -32.25 -4.31 -13.54
C ILE A 344 -33.57 -3.94 -12.92
N ALA B 1 2.35 -48.25 0.91
CA ALA B 1 2.72 -48.77 -0.39
C ALA B 1 4.22 -49.01 -0.48
N ASP B 2 4.62 -49.56 -1.63
CA ASP B 2 5.99 -49.66 -2.10
C ASP B 2 7.07 -49.26 -1.10
N LEU B 3 7.46 -47.98 -1.08
CA LEU B 3 8.80 -47.57 -0.68
C LEU B 3 9.06 -47.76 0.80
N TYR B 4 8.28 -47.06 1.61
CA TYR B 4 8.45 -46.99 3.05
C TYR B 4 7.22 -47.53 3.74
N GLU B 5 7.33 -47.66 5.05
CA GLU B 5 6.14 -47.90 5.83
C GLU B 5 5.18 -46.74 5.62
N ASN B 6 3.91 -47.06 5.42
CA ASN B 6 2.89 -46.14 4.93
C ASN B 6 1.75 -46.08 5.92
N PRO B 7 1.96 -45.45 7.06
CA PRO B 7 0.98 -45.59 8.14
C PRO B 7 -0.30 -44.78 7.90
N MET B 8 -0.28 -43.81 6.99
CA MET B 8 -1.50 -43.08 6.63
C MET B 8 -2.21 -43.69 5.44
N GLY B 9 -1.67 -44.76 4.87
CA GLY B 9 -2.29 -45.39 3.72
C GLY B 9 -2.35 -44.51 2.50
N LEU B 10 -1.29 -43.73 2.26
CA LEU B 10 -1.21 -42.87 1.08
C LEU B 10 -1.25 -43.69 -0.20
N MET B 11 -2.02 -43.22 -1.18
CA MET B 11 -2.05 -43.84 -2.51
C MET B 11 -2.04 -42.81 -3.62
N GLY B 12 -1.24 -41.75 -3.49
CA GLY B 12 -0.95 -40.86 -4.60
C GLY B 12 -1.69 -39.53 -4.46
N PHE B 13 -1.25 -38.55 -5.25
CA PHE B 13 -1.99 -37.27 -5.31
C PHE B 13 -3.45 -37.48 -5.70
N GLU B 14 -4.37 -36.73 -5.08
CA GLU B 14 -5.76 -36.79 -5.50
C GLU B 14 -6.18 -35.58 -6.32
N PHE B 15 -5.90 -34.39 -5.83
CA PHE B 15 -6.11 -33.20 -6.63
C PHE B 15 -5.23 -32.10 -6.07
N ILE B 16 -5.08 -31.03 -6.84
CA ILE B 16 -4.60 -29.77 -6.30
C ILE B 16 -5.65 -28.73 -6.68
N GLU B 17 -5.69 -27.71 -5.87
CA GLU B 17 -6.74 -26.71 -5.87
C GLU B 17 -6.09 -25.37 -6.12
N PHE B 18 -6.77 -24.52 -6.87
CA PHE B 18 -6.26 -23.23 -7.29
C PHE B 18 -7.31 -22.20 -6.94
N ALA B 19 -6.86 -21.02 -6.54
CA ALA B 19 -7.75 -19.88 -6.37
C ALA B 19 -7.02 -18.65 -6.86
N SER B 20 -7.76 -17.56 -7.08
CA SER B 20 -7.11 -16.35 -7.55
C SER B 20 -7.96 -15.18 -7.13
N PRO B 21 -7.38 -14.07 -6.65
CA PRO B 21 -8.21 -12.91 -6.29
C PRO B 21 -8.75 -12.16 -7.49
N THR B 22 -8.30 -12.51 -8.71
CA THR B 22 -8.83 -11.88 -9.89
C THR B 22 -9.46 -12.92 -10.81
N PRO B 23 -10.60 -12.62 -11.42
CA PRO B 23 -11.31 -13.61 -12.24
C PRO B 23 -10.60 -13.84 -13.56
N GLY B 24 -11.00 -14.90 -14.25
CA GLY B 24 -10.50 -15.20 -15.57
C GLY B 24 -8.98 -15.21 -15.68
N THR B 25 -8.30 -15.56 -14.60
CA THR B 25 -6.85 -15.63 -14.67
C THR B 25 -6.32 -17.06 -14.59
N LEU B 26 -7.00 -17.93 -13.85
CA LEU B 26 -6.58 -19.33 -13.86
C LEU B 26 -7.09 -20.04 -15.10
N GLU B 27 -8.30 -19.70 -15.53
CA GLU B 27 -8.94 -20.43 -16.61
C GLU B 27 -8.14 -20.43 -17.90
N PRO B 28 -7.59 -19.29 -18.37
CA PRO B 28 -6.79 -19.33 -19.60
C PRO B 28 -5.49 -20.11 -19.44
N ILE B 29 -5.04 -20.30 -18.20
CA ILE B 29 -3.81 -21.06 -17.98
C ILE B 29 -4.08 -22.55 -18.07
N PHE B 30 -5.17 -23.01 -17.45
CA PHE B 30 -5.56 -24.41 -17.57
C PHE B 30 -5.74 -24.78 -19.05
N GLU B 31 -6.32 -23.88 -19.84
CA GLU B 31 -6.57 -24.19 -21.24
C GLU B 31 -5.28 -24.38 -22.04
N ILE B 32 -4.31 -23.48 -21.87
CA ILE B 32 -3.08 -23.58 -22.64
C ILE B 32 -2.21 -24.72 -22.15
N MET B 33 -2.50 -25.25 -20.97
CA MET B 33 -1.78 -26.42 -20.48
C MET B 33 -2.49 -27.73 -20.80
N GLY B 34 -3.50 -27.68 -21.65
CA GLY B 34 -4.16 -28.90 -22.06
C GLY B 34 -5.20 -29.44 -21.10
N PHE B 35 -5.61 -28.67 -20.09
CA PHE B 35 -6.69 -29.13 -19.22
C PHE B 35 -8.04 -28.76 -19.79
N THR B 36 -9.03 -29.62 -19.52
CA THR B 36 -10.40 -29.48 -19.97
C THR B 36 -11.32 -29.34 -18.77
N LYS B 37 -12.21 -28.36 -18.80
CA LYS B 37 -13.23 -28.29 -17.76
C LYS B 37 -14.25 -29.40 -18.00
N VAL B 38 -14.37 -30.31 -17.05
CA VAL B 38 -15.24 -31.47 -17.18
C VAL B 38 -16.45 -31.41 -16.27
N ALA B 39 -16.41 -30.61 -15.19
CA ALA B 39 -17.49 -30.67 -14.23
C ALA B 39 -17.53 -29.41 -13.38
N THR B 40 -18.69 -29.17 -12.80
CA THR B 40 -18.87 -28.02 -11.95
C THR B 40 -19.52 -28.52 -10.67
N HIS B 41 -19.14 -27.92 -9.55
CA HIS B 41 -19.63 -28.36 -8.24
C HIS B 41 -21.16 -28.27 -8.19
N ARG B 42 -21.77 -29.22 -7.51
CA ARG B 42 -23.23 -29.25 -7.37
C ARG B 42 -23.80 -27.95 -6.82
N SER B 43 -23.05 -27.23 -5.99
CA SER B 43 -23.61 -26.00 -5.45
C SER B 43 -22.62 -24.84 -5.35
N LYS B 44 -21.34 -25.10 -5.32
CA LYS B 44 -20.36 -24.05 -5.16
C LYS B 44 -19.83 -23.63 -6.52
N ASN B 45 -19.25 -22.45 -6.55
CA ASN B 45 -18.55 -21.98 -7.75
C ASN B 45 -17.13 -22.55 -7.75
N VAL B 46 -17.04 -23.87 -7.88
CA VAL B 46 -15.76 -24.54 -8.00
C VAL B 46 -15.85 -25.51 -9.16
N HIS B 47 -14.77 -25.61 -9.93
CA HIS B 47 -14.78 -26.34 -11.18
C HIS B 47 -13.64 -27.33 -11.19
N LEU B 48 -13.88 -28.44 -11.90
CA LEU B 48 -12.93 -29.52 -12.06
C LEU B 48 -12.34 -29.48 -13.47
N TYR B 49 -11.04 -29.23 -13.56
CA TYR B 49 -10.31 -29.33 -14.82
C TYR B 49 -9.54 -30.66 -14.83
N ARG B 50 -9.53 -31.32 -15.99
CA ARG B 50 -8.97 -32.67 -16.06
C ARG B 50 -8.11 -32.84 -17.30
N GLN B 51 -7.05 -33.65 -17.14
CA GLN B 51 -6.22 -34.16 -18.23
C GLN B 51 -5.57 -35.44 -17.72
N GLY B 52 -5.74 -36.56 -18.43
CA GLY B 52 -5.17 -37.82 -17.94
C GLY B 52 -5.73 -38.10 -16.56
N GLU B 53 -4.87 -38.52 -15.62
CA GLU B 53 -5.31 -38.77 -14.25
C GLU B 53 -5.16 -37.53 -13.37
N ILE B 54 -4.94 -36.36 -13.94
CA ILE B 54 -4.74 -35.13 -13.19
C ILE B 54 -6.08 -34.44 -12.95
N ASN B 55 -6.39 -34.18 -11.69
CA ASN B 55 -7.56 -33.42 -11.29
C ASN B 55 -7.14 -32.06 -10.74
N LEU B 56 -7.56 -30.98 -11.40
CA LEU B 56 -7.34 -29.63 -10.89
C LEU B 56 -8.69 -29.06 -10.51
N ILE B 57 -8.76 -28.41 -9.34
CA ILE B 57 -9.98 -27.79 -8.86
C ILE B 57 -9.72 -26.29 -8.87
N LEU B 58 -10.59 -25.57 -9.57
CA LEU B 58 -10.56 -24.12 -9.57
C LEU B 58 -11.61 -23.70 -8.56
N ASN B 59 -11.17 -23.11 -7.47
CA ASN B 59 -12.06 -22.75 -6.38
C ASN B 59 -12.32 -21.26 -6.48
N ASN B 60 -13.46 -20.93 -7.09
CA ASN B 60 -13.94 -19.55 -7.20
C ASN B 60 -14.95 -19.19 -6.13
N GLU B 61 -15.02 -19.92 -5.02
CA GLU B 61 -16.02 -19.52 -4.03
C GLU B 61 -15.50 -18.34 -3.20
N PRO B 62 -16.31 -17.30 -3.02
CA PRO B 62 -15.86 -16.13 -2.24
C PRO B 62 -15.97 -16.38 -0.76
N ASN B 63 -15.21 -15.59 0.00
CA ASN B 63 -15.29 -15.61 1.45
C ASN B 63 -15.01 -17.00 1.98
N SER B 64 -14.22 -17.75 1.23
CA SER B 64 -13.82 -19.10 1.59
C SER B 64 -12.39 -19.08 2.08
N ILE B 65 -11.98 -20.22 2.66
CA ILE B 65 -10.57 -20.42 2.96
C ILE B 65 -9.76 -20.18 1.69
N ALA B 66 -10.19 -20.77 0.58
CA ALA B 66 -9.43 -20.62 -0.66
C ALA B 66 -9.35 -19.16 -1.09
N SER B 67 -10.44 -18.39 -0.93
CA SER B 67 -10.43 -17.02 -1.40
C SER B 67 -9.49 -16.17 -0.58
N TYR B 68 -9.42 -16.42 0.74
CA TYR B 68 -8.47 -15.67 1.55
C TYR B 68 -7.03 -15.98 1.17
N PHE B 69 -6.71 -17.25 0.97
CA PHE B 69 -5.38 -17.67 0.56
C PHE B 69 -4.93 -16.92 -0.70
N ALA B 70 -5.79 -16.92 -1.72
CA ALA B 70 -5.48 -16.21 -2.95
C ALA B 70 -5.44 -14.70 -2.75
N ALA B 71 -6.20 -14.18 -1.79
CA ALA B 71 -6.09 -12.75 -1.52
C ALA B 71 -4.73 -12.43 -0.92
N GLU B 72 -4.19 -13.34 -0.12
CA GLU B 72 -2.89 -13.12 0.52
C GLU B 72 -1.72 -13.47 -0.38
N HIS B 73 -1.88 -14.46 -1.28
CA HIS B 73 -0.75 -14.99 -2.05
C HIS B 73 -0.84 -14.82 -3.55
N GLY B 74 -1.97 -14.32 -4.07
CA GLY B 74 -2.16 -14.25 -5.48
C GLY B 74 -2.71 -15.54 -6.06
N PRO B 75 -2.81 -15.58 -7.39
CA PRO B 75 -3.14 -16.83 -8.08
C PRO B 75 -2.11 -17.88 -7.72
N SER B 76 -2.60 -19.07 -7.36
CA SER B 76 -1.72 -19.96 -6.60
C SER B 76 -2.38 -21.31 -6.45
N VAL B 77 -1.57 -22.31 -6.09
CA VAL B 77 -2.11 -23.57 -5.60
C VAL B 77 -2.54 -23.35 -4.18
N CYS B 78 -3.85 -23.40 -3.92
CA CYS B 78 -4.34 -23.04 -2.59
C CYS B 78 -4.65 -24.26 -1.75
N GLY B 79 -4.35 -25.46 -2.24
CA GLY B 79 -4.61 -26.67 -1.48
C GLY B 79 -4.20 -27.91 -2.26
N MET B 80 -4.11 -29.01 -1.54
CA MET B 80 -3.82 -30.24 -2.24
C MET B 80 -4.38 -31.40 -1.45
N ALA B 81 -4.73 -32.47 -2.17
CA ALA B 81 -5.34 -33.65 -1.60
C ALA B 81 -4.49 -34.89 -1.88
N PHE B 82 -4.36 -35.72 -0.86
CA PHE B 82 -3.71 -37.03 -0.93
C PHE B 82 -4.78 -38.09 -0.86
N ARG B 83 -4.73 -39.02 -1.79
CA ARG B 83 -5.50 -40.24 -1.64
C ARG B 83 -5.05 -41.02 -0.42
N VAL B 84 -6.01 -41.41 0.41
CA VAL B 84 -5.62 -42.26 1.52
C VAL B 84 -6.57 -43.45 1.52
N LYS B 85 -6.15 -44.58 2.10
CA LYS B 85 -7.12 -45.69 2.23
C LYS B 85 -8.33 -45.38 3.12
N ASP B 86 -8.13 -44.71 4.25
CA ASP B 86 -9.17 -44.49 5.25
C ASP B 86 -8.99 -43.06 5.74
N SER B 87 -9.87 -42.16 5.30
CA SER B 87 -9.67 -40.76 5.65
C SER B 87 -9.90 -40.53 7.13
N GLN B 88 -10.86 -41.25 7.74
CA GLN B 88 -11.11 -41.12 9.16
C GLN B 88 -9.91 -41.57 10.00
N LYS B 89 -9.27 -42.66 9.61
CA LYS B 89 -8.11 -43.11 10.40
C LYS B 89 -6.94 -42.15 10.23
N ALA B 90 -6.57 -41.84 8.98
CA ALA B 90 -5.46 -40.94 8.73
C ALA B 90 -5.65 -39.62 9.44
N TYR B 91 -6.86 -39.05 9.30
CA TYR B 91 -7.14 -37.73 9.87
C TYR B 91 -6.97 -37.73 11.38
N ASN B 92 -7.61 -38.70 12.05
CA ASN B 92 -7.44 -38.86 13.50
C ASN B 92 -5.97 -39.00 13.86
N ARG B 93 -5.22 -39.78 13.06
CA ARG B 93 -3.81 -39.99 13.32
C ARG B 93 -3.04 -38.69 13.19
N ALA B 94 -3.36 -37.88 12.17
CA ALA B 94 -2.71 -36.59 12.01
C ALA B 94 -2.91 -35.72 13.24
N LEU B 95 -4.17 -35.59 13.68
CA LEU B 95 -4.48 -34.76 14.84
C LEU B 95 -3.79 -35.27 16.10
N GLU B 96 -3.80 -36.58 16.32
CA GLU B 96 -3.10 -37.08 17.50
C GLU B 96 -1.62 -36.74 17.45
N LEU B 97 -1.01 -36.73 16.26
CA LEU B 97 0.42 -36.46 16.14
C LEU B 97 0.74 -34.98 16.13
N GLY B 98 -0.25 -34.12 16.33
CA GLY B 98 0.01 -32.69 16.45
C GLY B 98 -0.37 -31.86 15.25
N ALA B 99 -0.97 -32.43 14.21
CA ALA B 99 -1.48 -31.61 13.12
C ALA B 99 -2.66 -30.78 13.60
N GLN B 100 -2.94 -29.69 12.87
CA GLN B 100 -4.03 -28.77 13.14
C GLN B 100 -5.08 -28.90 12.06
N PRO B 101 -6.34 -29.12 12.43
CA PRO B 101 -7.40 -29.21 11.42
C PRO B 101 -7.63 -27.87 10.77
N ILE B 102 -7.97 -27.89 9.50
CA ILE B 102 -8.52 -26.74 8.82
C ILE B 102 -9.95 -27.07 8.46
N HIS B 103 -10.88 -26.25 8.92
CA HIS B 103 -12.30 -26.48 8.63
C HIS B 103 -12.63 -25.88 7.28
N ILE B 104 -13.02 -26.74 6.34
CA ILE B 104 -13.55 -26.32 5.06
C ILE B 104 -15.07 -26.46 5.13
N ASP B 105 -15.77 -25.33 5.03
CA ASP B 105 -17.22 -25.33 5.18
C ASP B 105 -17.87 -26.12 4.07
N THR B 106 -18.65 -27.12 4.45
CA THR B 106 -19.36 -27.97 3.51
C THR B 106 -20.85 -27.72 3.67
N GLY B 107 -21.54 -27.63 2.55
CA GLY B 107 -22.93 -27.30 2.58
C GLY B 107 -23.79 -28.54 2.66
N PRO B 108 -25.10 -28.31 2.71
CA PRO B 108 -26.06 -29.41 2.72
C PRO B 108 -25.83 -30.36 1.57
N MET B 109 -25.79 -31.65 1.90
CA MET B 109 -25.69 -32.77 0.98
C MET B 109 -24.35 -32.78 0.27
N GLU B 110 -23.38 -32.01 0.73
CA GLU B 110 -22.05 -32.17 0.17
C GLU B 110 -21.17 -32.95 1.14
N LEU B 111 -20.03 -33.39 0.62
CA LEU B 111 -19.11 -34.24 1.39
C LEU B 111 -18.29 -33.40 2.37
N ASN B 112 -18.12 -33.94 3.58
CA ASN B 112 -17.22 -33.36 4.56
C ASN B 112 -15.81 -33.83 4.21
N LEU B 113 -15.00 -32.96 3.64
CA LEU B 113 -13.63 -33.34 3.29
C LEU B 113 -12.72 -32.94 4.44
N PRO B 114 -12.04 -33.89 5.08
CA PRO B 114 -11.18 -33.55 6.20
C PRO B 114 -9.87 -32.96 5.68
N ALA B 115 -9.31 -32.05 6.45
CA ALA B 115 -8.06 -31.49 5.98
C ALA B 115 -7.29 -30.98 7.17
N ILE B 116 -5.98 -30.91 7.00
CA ILE B 116 -5.11 -30.41 8.04
C ILE B 116 -4.34 -29.22 7.49
N LYS B 117 -3.84 -28.39 8.40
CA LYS B 117 -3.13 -27.18 7.98
C LYS B 117 -1.76 -27.57 7.44
N GLY B 118 -1.46 -27.12 6.23
CA GLY B 118 -0.24 -27.44 5.55
C GLY B 118 0.61 -26.22 5.23
N ILE B 119 1.37 -26.31 4.15
CA ILE B 119 2.36 -25.29 3.84
C ILE B 119 1.68 -23.97 3.55
N GLY B 120 2.06 -22.92 4.27
CA GLY B 120 1.43 -21.64 4.03
C GLY B 120 0.00 -21.56 4.53
N GLY B 121 -0.43 -22.53 5.34
CA GLY B 121 -1.81 -22.60 5.74
C GLY B 121 -2.73 -23.29 4.77
N ALA B 122 -2.28 -23.62 3.56
CA ALA B 122 -3.11 -24.32 2.60
C ALA B 122 -3.60 -25.63 3.20
N PRO B 123 -4.88 -25.97 3.04
CA PRO B 123 -5.38 -27.29 3.47
C PRO B 123 -4.72 -28.42 2.68
N LEU B 124 -4.32 -29.44 3.44
CA LEU B 124 -3.95 -30.75 2.92
C LEU B 124 -5.15 -31.64 3.16
N TYR B 125 -5.87 -32.00 2.09
CA TYR B 125 -7.02 -32.87 2.23
C TYR B 125 -6.62 -34.33 2.23
N LEU B 126 -7.36 -35.14 2.99
CA LEU B 126 -7.14 -36.59 3.05
C LEU B 126 -8.39 -37.31 2.53
N ILE B 127 -8.32 -37.84 1.31
CA ILE B 127 -9.46 -38.32 0.54
C ILE B 127 -9.40 -39.84 0.36
N ASP B 128 -10.43 -40.56 0.82
CA ASP B 128 -10.53 -41.99 0.59
C ASP B 128 -11.64 -42.42 -0.38
N ARG B 129 -12.22 -41.47 -1.12
CA ARG B 129 -13.17 -41.81 -2.17
C ARG B 129 -12.59 -41.48 -3.53
N PHE B 130 -12.35 -42.49 -4.37
CA PHE B 130 -11.68 -42.21 -5.63
C PHE B 130 -12.00 -43.32 -6.63
N GLY B 131 -11.61 -43.08 -7.88
CA GLY B 131 -11.95 -43.95 -8.98
C GLY B 131 -13.28 -43.58 -9.63
N GLU B 132 -13.45 -44.03 -10.87
CA GLU B 132 -14.64 -43.70 -11.63
C GLU B 132 -15.89 -44.18 -10.91
N GLY B 133 -16.91 -43.30 -10.86
CA GLY B 133 -18.18 -43.63 -10.25
C GLY B 133 -18.20 -43.45 -8.74
N SER B 134 -17.04 -43.59 -8.10
CA SER B 134 -16.94 -43.53 -6.65
C SER B 134 -16.22 -42.28 -6.15
N SER B 135 -15.81 -41.39 -7.04
CA SER B 135 -14.94 -40.30 -6.64
C SER B 135 -15.72 -39.16 -5.99
N ILE B 136 -14.98 -38.24 -5.37
CA ILE B 136 -15.61 -37.05 -4.85
C ILE B 136 -16.17 -36.18 -5.98
N TYR B 137 -15.60 -36.30 -7.20
CA TYR B 137 -16.14 -35.57 -8.34
C TYR B 137 -17.49 -36.13 -8.75
N ASP B 138 -17.63 -37.46 -8.70
CA ASP B 138 -18.92 -38.09 -9.02
C ASP B 138 -19.98 -37.72 -7.99
N ILE B 139 -19.60 -37.62 -6.73
CA ILE B 139 -20.57 -37.28 -5.70
C ILE B 139 -20.89 -35.79 -5.70
N ASP B 140 -19.87 -34.93 -5.66
CA ASP B 140 -20.09 -33.52 -5.37
C ASP B 140 -20.09 -32.61 -6.59
N PHE B 141 -19.81 -33.12 -7.80
CA PHE B 141 -19.72 -32.31 -9.00
C PHE B 141 -20.73 -32.82 -10.02
N VAL B 142 -21.09 -31.96 -10.95
CA VAL B 142 -21.96 -32.27 -12.05
C VAL B 142 -21.14 -32.18 -13.33
N TYR B 143 -21.01 -33.28 -14.05
CA TYR B 143 -20.23 -33.27 -15.28
C TYR B 143 -20.98 -32.54 -16.37
N LEU B 144 -20.26 -31.70 -17.10
CA LEU B 144 -20.88 -30.95 -18.17
C LEU B 144 -21.47 -31.92 -19.18
N GLU B 145 -22.70 -31.67 -19.59
CA GLU B 145 -23.37 -32.60 -20.48
C GLU B 145 -22.56 -32.79 -21.76
N GLY B 146 -22.48 -34.03 -22.22
CA GLY B 146 -21.66 -34.31 -23.36
C GLY B 146 -20.21 -34.49 -23.02
N VAL B 147 -19.58 -33.41 -22.51
CA VAL B 147 -18.13 -33.31 -22.52
C VAL B 147 -17.48 -34.60 -22.06
N GLU B 148 -16.44 -34.99 -22.76
CA GLU B 148 -15.71 -36.20 -22.44
C GLU B 148 -15.11 -36.10 -21.05
N ARG B 149 -15.37 -37.10 -20.22
CA ARG B 149 -15.07 -37.01 -18.81
C ARG B 149 -13.64 -37.46 -18.48
N ASN B 150 -12.95 -38.10 -19.43
CA ASN B 150 -11.56 -38.54 -19.27
C ASN B 150 -10.69 -37.95 -20.38
N PRO B 151 -10.67 -36.63 -20.55
CA PRO B 151 -9.91 -36.06 -21.67
C PRO B 151 -8.43 -36.38 -21.56
N VAL B 152 -7.80 -36.60 -22.71
CA VAL B 152 -6.37 -36.83 -22.75
C VAL B 152 -5.60 -35.52 -22.86
N GLY B 153 -6.22 -34.47 -23.39
CA GLY B 153 -5.58 -33.17 -23.55
C GLY B 153 -4.29 -33.28 -24.33
N ALA B 154 -3.26 -32.63 -23.81
CA ALA B 154 -1.95 -32.64 -24.45
C ALA B 154 -1.08 -33.79 -23.95
N GLY B 155 -1.69 -34.80 -23.36
CA GLY B 155 -0.96 -35.99 -22.96
C GLY B 155 -0.35 -35.96 -21.57
N LEU B 156 -0.66 -34.96 -20.77
CA LEU B 156 -0.23 -35.00 -19.38
C LEU B 156 -1.02 -36.06 -18.63
N LYS B 157 -0.33 -36.85 -17.80
CA LYS B 157 -0.89 -38.07 -17.23
C LYS B 157 -1.14 -38.01 -15.73
N VAL B 158 -0.22 -37.44 -14.97
CA VAL B 158 -0.29 -37.52 -13.52
C VAL B 158 0.51 -36.35 -13.00
N ILE B 159 0.18 -35.90 -11.80
CA ILE B 159 1.08 -34.98 -11.12
C ILE B 159 2.31 -35.77 -10.68
N ASP B 160 3.49 -35.30 -11.06
CA ASP B 160 4.73 -35.96 -10.71
C ASP B 160 5.26 -35.43 -9.38
N HIS B 161 5.31 -34.10 -9.23
CA HIS B 161 5.72 -33.50 -7.96
C HIS B 161 5.21 -32.08 -7.84
N LEU B 162 5.12 -31.60 -6.59
CA LEU B 162 4.88 -30.20 -6.33
C LEU B 162 6.07 -29.67 -5.51
N THR B 163 6.95 -28.88 -6.12
CA THR B 163 8.07 -28.41 -5.31
C THR B 163 7.75 -27.06 -4.70
N HIS B 164 7.94 -27.00 -3.36
CA HIS B 164 7.68 -25.83 -2.54
C HIS B 164 8.92 -25.00 -2.34
N ASN B 165 8.71 -23.71 -2.15
CA ASN B 165 9.72 -22.80 -1.63
C ASN B 165 9.32 -22.43 -0.22
N VAL B 166 10.25 -22.56 0.72
CA VAL B 166 9.99 -22.23 2.11
C VAL B 166 11.07 -21.26 2.56
N TYR B 167 10.78 -20.54 3.66
CA TYR B 167 11.77 -19.62 4.22
C TYR B 167 12.98 -20.39 4.77
N ARG B 168 14.07 -19.65 4.96
CA ARG B 168 15.30 -20.29 5.40
C ARG B 168 15.08 -20.94 6.77
N GLY B 169 15.50 -22.18 6.87
CA GLY B 169 15.28 -22.94 8.07
C GLY B 169 13.98 -23.71 8.10
N ARG B 170 12.99 -23.31 7.29
CA ARG B 170 11.70 -23.97 7.34
C ARG B 170 11.69 -25.29 6.58
N MET B 171 12.71 -25.55 5.77
CA MET B 171 12.81 -26.85 5.13
C MET B 171 12.98 -27.96 6.16
N VAL B 172 13.75 -27.73 7.23
CA VAL B 172 13.80 -28.76 8.27
C VAL B 172 12.42 -28.92 8.91
N TYR B 173 11.71 -27.81 9.11
CA TYR B 173 10.40 -27.86 9.75
C TYR B 173 9.42 -28.68 8.93
N TRP B 174 9.31 -28.40 7.63
CA TRP B 174 8.34 -29.09 6.81
C TRP B 174 8.76 -30.52 6.51
N ALA B 175 10.06 -30.78 6.40
CA ALA B 175 10.51 -32.15 6.24
C ALA B 175 10.05 -32.99 7.42
N ASN B 176 10.24 -32.47 8.64
CA ASN B 176 9.82 -33.18 9.84
C ASN B 176 8.32 -33.24 9.93
N PHE B 177 7.63 -32.19 9.49
CA PHE B 177 6.18 -32.26 9.41
C PHE B 177 5.77 -33.48 8.59
N TYR B 178 6.38 -33.64 7.40
CA TYR B 178 5.93 -34.72 6.53
C TYR B 178 6.44 -36.07 7.01
N GLU B 179 7.64 -36.13 7.59
CA GLU B 179 8.15 -37.38 8.15
C GLU B 179 7.27 -37.86 9.30
N LYS B 180 7.04 -37.00 10.28
CA LYS B 180 6.28 -37.42 11.46
C LYS B 180 4.87 -37.86 11.10
N LEU B 181 4.17 -37.09 10.27
CA LEU B 181 2.76 -37.40 10.08
C LEU B 181 2.56 -38.52 9.07
N PHE B 182 3.39 -38.57 8.03
CA PHE B 182 3.15 -39.48 6.91
C PHE B 182 4.29 -40.46 6.65
N ASN B 183 5.41 -40.35 7.35
CA ASN B 183 6.61 -41.13 7.05
C ASN B 183 7.10 -40.88 5.62
N PHE B 184 6.93 -39.64 5.14
CA PHE B 184 7.74 -39.22 4.00
C PHE B 184 9.20 -39.43 4.36
N ARG B 185 10.03 -39.72 3.38
CA ARG B 185 11.47 -39.73 3.62
C ARG B 185 12.15 -38.95 2.51
N GLU B 186 13.27 -38.30 2.84
CA GLU B 186 14.07 -37.70 1.79
C GLU B 186 14.67 -38.78 0.90
N ALA B 187 14.64 -38.57 -0.40
CA ALA B 187 15.54 -39.28 -1.29
C ALA B 187 16.72 -38.37 -1.60
N ARG B 188 17.90 -38.79 -1.19
CA ARG B 188 19.09 -38.00 -1.48
C ARG B 188 19.54 -38.26 -2.91
N TYR B 189 19.79 -37.19 -3.65
CA TYR B 189 20.27 -37.25 -5.01
C TYR B 189 21.69 -36.70 -5.06
N PHE B 190 22.46 -37.20 -6.01
CA PHE B 190 23.88 -36.93 -6.08
C PHE B 190 24.20 -36.50 -7.49
N ASP B 191 25.06 -35.50 -7.62
CA ASP B 191 25.27 -34.91 -8.93
C ASP B 191 26.35 -35.68 -9.68
N ILE B 192 26.89 -35.01 -10.69
CA ILE B 192 27.78 -35.60 -11.67
C ILE B 192 29.17 -35.84 -11.08
N LYS B 193 29.50 -35.15 -9.98
CA LYS B 193 30.74 -35.36 -9.24
C LYS B 193 30.51 -36.18 -7.99
N GLY B 194 29.33 -36.77 -7.85
CA GLY B 194 29.02 -37.59 -6.70
C GLY B 194 28.67 -36.84 -5.44
N GLU B 195 28.38 -35.55 -5.54
CA GLU B 195 28.14 -34.71 -4.37
C GLU B 195 26.64 -34.56 -4.11
N TYR B 196 26.26 -34.71 -2.85
CA TYR B 196 24.88 -34.53 -2.42
C TYR B 196 24.33 -33.19 -2.89
N THR B 197 23.12 -33.20 -3.46
CA THR B 197 22.46 -32.01 -3.99
C THR B 197 21.45 -31.38 -3.04
N GLY B 198 21.23 -31.94 -1.86
CA GLY B 198 20.11 -31.53 -1.05
C GLY B 198 20.41 -30.61 0.11
N LEU B 199 21.51 -29.87 0.01
CA LEU B 199 21.82 -28.90 1.05
C LEU B 199 20.64 -27.95 1.28
N THR B 200 20.12 -27.35 0.21
CA THR B 200 18.97 -26.46 0.32
C THR B 200 17.76 -26.99 -0.47
N SER B 201 17.61 -28.30 -0.58
CA SER B 201 16.47 -28.86 -1.29
C SER B 201 16.31 -30.31 -0.84
N LYS B 202 15.25 -30.60 -0.11
CA LYS B 202 14.95 -31.94 0.39
C LYS B 202 13.89 -32.57 -0.52
N ALA B 203 14.24 -33.66 -1.18
CA ALA B 203 13.26 -34.36 -2.02
C ALA B 203 12.40 -35.30 -1.15
N MET B 204 11.50 -34.70 -0.40
CA MET B 204 10.66 -35.50 0.49
C MET B 204 9.69 -36.32 -0.35
N SER B 205 9.67 -37.63 -0.12
CA SER B 205 8.91 -38.52 -0.98
C SER B 205 8.02 -39.37 -0.10
N ALA B 206 6.75 -39.46 -0.47
CA ALA B 206 5.81 -40.24 0.32
C ALA B 206 6.16 -41.72 0.26
N PRO B 207 5.75 -42.47 1.27
CA PRO B 207 5.96 -43.94 1.23
C PRO B 207 5.23 -44.62 0.10
N ASP B 208 4.30 -43.95 -0.58
CA ASP B 208 3.68 -44.61 -1.71
C ASP B 208 4.57 -44.57 -2.96
N GLY B 209 5.71 -43.89 -2.89
CA GLY B 209 6.54 -43.73 -4.07
C GLY B 209 5.92 -42.89 -5.18
N MET B 210 4.75 -42.30 -4.97
CA MET B 210 4.05 -41.47 -5.96
C MET B 210 4.04 -39.99 -5.64
N ILE B 211 3.75 -39.62 -4.39
CA ILE B 211 3.74 -38.23 -3.95
C ILE B 211 5.17 -37.78 -3.75
N ARG B 212 5.56 -36.70 -4.41
CA ARG B 212 6.88 -36.09 -4.25
C ARG B 212 6.72 -34.62 -3.89
N ILE B 213 7.32 -34.22 -2.79
CA ILE B 213 7.19 -32.83 -2.38
C ILE B 213 8.57 -32.23 -2.09
N PRO B 214 9.32 -31.83 -3.11
CA PRO B 214 10.61 -31.17 -2.86
C PRO B 214 10.40 -29.85 -2.15
N LEU B 215 11.24 -29.62 -1.15
CA LEU B 215 11.20 -28.42 -0.32
C LEU B 215 12.49 -27.65 -0.56
N ASN B 216 12.36 -26.42 -1.08
CA ASN B 216 13.50 -25.56 -1.40
C ASN B 216 13.59 -24.42 -0.40
N GLU B 217 14.82 -24.03 -0.07
CA GLU B 217 15.08 -22.74 0.54
C GLU B 217 16.30 -22.13 -0.16
N GLU B 218 16.47 -20.82 -0.01
CA GLU B 218 17.57 -20.15 -0.71
C GLU B 218 18.92 -20.78 -0.30
N ALA B 223 19.38 -13.32 -2.67
CA ALA B 223 19.18 -12.56 -3.91
C ALA B 223 19.07 -13.51 -5.10
N GLY B 224 18.25 -14.55 -4.94
CA GLY B 224 18.10 -15.55 -5.97
C GLY B 224 16.65 -15.90 -6.23
N GLN B 225 16.46 -17.02 -6.94
CA GLN B 225 15.13 -17.42 -7.39
C GLN B 225 14.20 -17.72 -6.22
N ILE B 226 14.70 -18.28 -5.13
CA ILE B 226 13.82 -18.70 -4.05
C ILE B 226 13.29 -17.50 -3.28
N GLU B 227 14.19 -16.63 -2.81
CA GLU B 227 13.70 -15.49 -2.04
C GLU B 227 12.85 -14.56 -2.90
N GLU B 228 13.07 -14.51 -4.22
CA GLU B 228 12.18 -13.71 -5.05
C GLU B 228 10.78 -14.30 -5.06
N PHE B 229 10.68 -15.63 -5.12
CA PHE B 229 9.38 -16.27 -5.01
C PHE B 229 8.72 -15.95 -3.68
N LEU B 230 9.47 -16.11 -2.59
CA LEU B 230 8.90 -15.87 -1.28
C LEU B 230 8.34 -14.46 -1.16
N MET B 231 9.05 -13.48 -1.71
CA MET B 231 8.52 -12.12 -1.72
C MET B 231 7.30 -12.00 -2.63
N GLN B 232 7.38 -12.53 -3.85
CA GLN B 232 6.31 -12.35 -4.81
C GLN B 232 5.06 -13.12 -4.41
N PHE B 233 5.25 -14.23 -3.71
CA PHE B 233 4.15 -15.07 -3.21
C PHE B 233 3.65 -14.60 -1.87
N ASN B 234 4.42 -13.76 -1.17
CA ASN B 234 4.05 -13.29 0.15
C ASN B 234 3.93 -14.44 1.14
N GLY B 235 4.81 -15.42 1.01
CA GLY B 235 4.76 -16.56 1.90
C GLY B 235 5.37 -17.78 1.25
N GLU B 236 5.29 -18.89 1.99
CA GLU B 236 5.79 -20.17 1.51
C GLU B 236 4.69 -20.85 0.73
N GLY B 237 5.07 -21.53 -0.34
CA GLY B 237 4.05 -22.24 -1.09
C GLY B 237 4.67 -22.93 -2.27
N ILE B 238 3.80 -23.52 -3.09
CA ILE B 238 4.23 -24.28 -4.24
C ILE B 238 4.80 -23.34 -5.29
N GLN B 239 6.05 -23.58 -5.64
CA GLN B 239 6.71 -22.82 -6.70
C GLN B 239 6.42 -23.40 -8.07
N HIS B 240 6.42 -24.72 -8.24
CA HIS B 240 6.00 -25.26 -9.54
C HIS B 240 5.36 -26.63 -9.40
N VAL B 241 4.47 -26.89 -10.35
CA VAL B 241 3.71 -28.12 -10.43
C VAL B 241 4.24 -28.86 -11.66
N ALA B 242 4.76 -30.05 -11.45
CA ALA B 242 5.31 -30.82 -12.55
C ALA B 242 4.33 -31.91 -12.95
N PHE B 243 3.99 -31.96 -14.22
CA PHE B 243 3.12 -33.01 -14.73
C PHE B 243 3.95 -33.99 -15.55
N LEU B 244 3.69 -35.29 -15.36
CA LEU B 244 4.34 -36.33 -16.11
C LEU B 244 3.63 -36.54 -17.44
N THR B 245 4.43 -36.81 -18.46
CA THR B 245 3.94 -37.21 -19.77
C THR B 245 4.75 -38.41 -20.24
N ASP B 246 4.10 -39.31 -20.99
CA ASP B 246 4.81 -40.43 -21.57
C ASP B 246 5.63 -40.07 -22.81
N ASP B 247 5.36 -38.94 -23.46
CA ASP B 247 6.15 -38.49 -24.61
C ASP B 247 6.18 -36.97 -24.61
N LEU B 248 7.31 -36.39 -24.20
CA LEU B 248 7.32 -34.95 -24.00
C LEU B 248 7.42 -34.20 -25.32
N VAL B 249 8.11 -34.76 -26.31
CA VAL B 249 8.11 -34.15 -27.65
C VAL B 249 6.68 -34.06 -28.19
N LYS B 250 5.91 -35.16 -28.11
CA LYS B 250 4.53 -35.13 -28.58
C LYS B 250 3.69 -34.19 -27.72
N THR B 251 3.88 -34.24 -26.40
CA THR B 251 3.15 -33.34 -25.53
C THR B 251 3.49 -31.88 -25.84
N TRP B 252 4.77 -31.58 -25.99
CA TRP B 252 5.19 -30.22 -26.37
C TRP B 252 4.45 -29.73 -27.60
N ASP B 253 4.38 -30.56 -28.66
CA ASP B 253 3.71 -30.11 -29.87
C ASP B 253 2.23 -29.86 -29.61
N ALA B 254 1.60 -30.70 -28.79
CA ALA B 254 0.20 -30.48 -28.47
C ALA B 254 0.04 -29.18 -27.67
N LEU B 255 0.97 -28.93 -26.73
CA LEU B 255 0.90 -27.73 -25.91
C LEU B 255 1.11 -26.47 -26.76
N LYS B 256 2.10 -26.50 -27.66
CA LYS B 256 2.36 -25.32 -28.48
C LYS B 256 1.16 -24.97 -29.33
N LYS B 257 0.50 -25.99 -29.89
CA LYS B 257 -0.71 -25.81 -30.68
C LYS B 257 -1.76 -24.98 -29.95
N ILE B 258 -1.95 -25.23 -28.64
CA ILE B 258 -3.03 -24.57 -27.91
C ILE B 258 -2.52 -23.37 -27.13
N GLY B 259 -1.27 -22.98 -27.34
CA GLY B 259 -0.79 -21.70 -26.87
C GLY B 259 0.09 -21.68 -25.66
N MET B 260 0.63 -22.82 -25.21
CA MET B 260 1.55 -22.81 -24.08
C MET B 260 2.68 -21.81 -24.30
N ARG B 261 3.02 -21.11 -23.24
CA ARG B 261 4.22 -20.27 -23.21
C ARG B 261 5.29 -21.04 -22.45
N PHE B 262 6.33 -21.46 -23.14
CA PHE B 262 7.48 -22.10 -22.51
C PHE B 262 8.58 -21.09 -22.25
N MET B 263 9.41 -21.41 -21.25
CA MET B 263 10.66 -20.70 -21.03
C MET B 263 11.46 -20.61 -22.34
N THR B 264 12.19 -19.52 -22.50
CA THR B 264 13.06 -19.37 -23.66
C THR B 264 14.07 -20.53 -23.74
N ALA B 265 14.26 -21.04 -24.95
CA ALA B 265 15.07 -22.24 -25.13
C ALA B 265 16.52 -21.95 -24.71
N PRO B 266 17.26 -23.00 -24.32
CA PRO B 266 18.67 -22.78 -24.00
C PRO B 266 19.43 -22.45 -25.26
N PRO B 267 20.52 -21.70 -25.13
CA PRO B 267 21.42 -21.54 -26.29
C PRO B 267 21.85 -22.90 -26.80
N ASP B 268 22.15 -22.96 -28.10
CA ASP B 268 22.50 -24.26 -28.67
C ASP B 268 23.85 -24.77 -28.19
N THR B 269 24.64 -23.94 -27.53
CA THR B 269 25.77 -24.41 -26.74
C THR B 269 25.30 -25.55 -25.85
N TYR B 270 24.05 -25.46 -25.36
CA TYR B 270 23.51 -26.49 -24.47
C TYR B 270 23.40 -27.83 -25.19
N TYR B 271 22.95 -27.83 -26.44
CA TYR B 271 22.74 -29.08 -27.14
C TYR B 271 24.03 -29.69 -27.71
N GLU B 272 25.08 -28.90 -27.89
CA GLU B 272 26.38 -29.46 -28.27
C GLU B 272 26.98 -30.31 -27.17
N MET B 273 27.05 -29.76 -25.96
CA MET B 273 27.66 -30.44 -24.85
C MET B 273 26.88 -31.65 -24.44
N LEU B 274 25.76 -31.94 -25.13
CA LEU B 274 24.90 -33.02 -24.70
C LEU B 274 25.58 -34.37 -24.87
N GLU B 275 26.31 -34.57 -25.97
CA GLU B 275 27.03 -35.83 -26.11
C GLU B 275 28.20 -35.93 -25.15
N GLY B 276 28.79 -34.80 -24.78
CA GLY B 276 29.86 -34.83 -23.79
C GLY B 276 29.35 -34.96 -22.37
N ARG B 277 28.18 -34.37 -22.10
CA ARG B 277 27.64 -34.41 -20.75
C ARG B 277 26.98 -35.75 -20.47
N LEU B 278 26.34 -36.32 -21.49
CA LEU B 278 25.54 -37.54 -21.38
C LEU B 278 25.93 -38.47 -22.52
N PRO B 279 27.12 -39.06 -22.45
CA PRO B 279 27.62 -39.85 -23.58
C PRO B 279 26.66 -40.97 -23.95
N ASP B 280 26.36 -41.06 -25.24
CA ASP B 280 25.44 -42.06 -25.78
C ASP B 280 24.07 -41.98 -25.12
N HIS B 281 23.54 -40.75 -24.98
CA HIS B 281 22.21 -40.63 -24.40
C HIS B 281 21.14 -41.20 -25.34
N GLY B 282 21.32 -41.02 -26.65
CA GLY B 282 20.46 -41.68 -27.59
C GLY B 282 19.19 -40.92 -27.96
N GLU B 283 18.99 -39.74 -27.40
CA GLU B 283 17.80 -38.98 -27.76
C GLU B 283 18.01 -38.24 -29.09
N PRO B 284 16.93 -37.99 -29.83
CA PRO B 284 17.06 -37.19 -31.06
C PRO B 284 17.31 -35.72 -30.75
N VAL B 285 18.57 -35.30 -30.81
CA VAL B 285 18.93 -33.99 -30.28
C VAL B 285 18.20 -32.89 -31.02
N ASP B 286 18.11 -32.99 -32.35
CA ASP B 286 17.50 -31.95 -33.16
C ASP B 286 16.06 -31.70 -32.74
N GLN B 287 15.33 -32.77 -32.44
CA GLN B 287 13.95 -32.64 -31.98
C GLN B 287 13.87 -31.84 -30.69
N LEU B 288 14.76 -32.15 -29.74
CA LEU B 288 14.74 -31.45 -28.47
C LEU B 288 15.19 -30.01 -28.62
N GLN B 289 16.20 -29.77 -29.47
CA GLN B 289 16.67 -28.41 -29.67
C GLN B 289 15.61 -27.53 -30.30
N ALA B 290 14.85 -28.09 -31.25
CA ALA B 290 13.80 -27.32 -31.90
C ALA B 290 12.80 -26.80 -30.88
N ARG B 291 12.66 -27.48 -29.75
CA ARG B 291 11.60 -27.20 -28.79
C ARG B 291 12.12 -26.61 -27.50
N GLY B 292 13.43 -26.50 -27.33
CA GLY B 292 13.93 -25.98 -26.08
C GLY B 292 13.75 -26.93 -24.93
N ILE B 293 13.63 -28.24 -25.24
CA ILE B 293 13.47 -29.28 -24.23
C ILE B 293 14.82 -29.59 -23.60
N LEU B 294 14.82 -29.74 -22.27
CA LEU B 294 16.01 -30.05 -21.49
C LEU B 294 16.13 -31.54 -21.29
N LEU B 295 17.38 -31.99 -21.12
CA LEU B 295 17.70 -33.41 -20.94
C LEU B 295 18.69 -33.55 -19.78
N ASP B 296 18.40 -34.46 -18.87
CA ASP B 296 19.30 -34.73 -17.77
C ASP B 296 19.34 -36.23 -17.55
N GLY B 297 20.28 -36.67 -16.74
CA GLY B 297 20.36 -38.07 -16.33
C GLY B 297 21.81 -38.51 -16.19
N SER B 298 22.04 -39.80 -16.38
CA SER B 298 23.40 -40.34 -16.33
C SER B 298 23.49 -41.52 -17.28
N SER B 299 24.60 -41.59 -18.04
CA SER B 299 24.86 -42.74 -18.91
C SER B 299 26.15 -43.46 -18.52
N ASP B 303 23.98 -48.31 -18.09
CA ASP B 303 22.72 -47.87 -17.49
C ASP B 303 22.37 -46.46 -17.94
N LYS B 304 21.52 -46.36 -18.97
CA LYS B 304 21.04 -45.05 -19.43
C LYS B 304 19.77 -44.72 -18.64
N ARG B 305 19.90 -43.81 -17.68
CA ARG B 305 18.77 -43.33 -16.89
C ARG B 305 18.62 -41.83 -17.13
N LEU B 306 17.53 -41.43 -17.74
CA LEU B 306 17.42 -40.10 -18.31
C LEU B 306 16.06 -39.49 -17.97
N LEU B 307 15.95 -38.18 -18.13
CA LEU B 307 14.62 -37.57 -18.07
C LEU B 307 14.60 -36.36 -18.98
N LEU B 308 13.40 -36.06 -19.47
CA LEU B 308 13.20 -34.88 -20.31
C LEU B 308 12.25 -33.95 -19.59
N GLN B 309 12.55 -32.65 -19.64
CA GLN B 309 11.74 -31.69 -18.93
C GLN B 309 11.77 -30.35 -19.66
N ILE B 310 10.66 -29.64 -19.56
CA ILE B 310 10.59 -28.26 -20.01
C ILE B 310 9.66 -27.52 -19.04
N PHE B 311 9.93 -26.23 -18.86
CA PHE B 311 9.19 -25.42 -17.91
C PHE B 311 8.43 -24.32 -18.64
N SER B 312 7.31 -23.90 -18.07
CA SER B 312 6.64 -22.73 -18.63
C SER B 312 7.31 -21.46 -18.12
N GLU B 313 6.92 -20.34 -18.70
CA GLU B 313 7.06 -19.07 -18.02
C GLU B 313 6.29 -19.09 -16.70
N THR B 314 6.54 -18.10 -15.85
CA THR B 314 5.66 -17.91 -14.70
C THR B 314 4.25 -17.61 -15.22
N LEU B 315 3.26 -18.34 -14.71
CA LEU B 315 1.92 -18.33 -15.26
C LEU B 315 0.88 -17.88 -14.26
N MET B 316 1.09 -18.15 -12.98
CA MET B 316 0.19 -17.70 -11.92
C MET B 316 1.05 -17.03 -10.85
N GLY B 317 1.14 -15.70 -10.92
CA GLY B 317 2.11 -14.99 -10.13
C GLY B 317 3.49 -15.57 -10.41
N PRO B 318 4.22 -15.92 -9.35
CA PRO B 318 5.53 -16.58 -9.51
C PRO B 318 5.48 -18.09 -9.69
N VAL B 319 4.28 -18.70 -9.75
CA VAL B 319 4.16 -20.15 -9.89
C VAL B 319 4.32 -20.49 -11.38
N PHE B 320 5.19 -21.46 -11.69
CA PHE B 320 5.34 -21.95 -13.05
C PHE B 320 5.07 -23.46 -13.07
N PHE B 321 5.23 -24.05 -14.24
CA PHE B 321 4.83 -25.41 -14.45
C PHE B 321 5.93 -26.16 -15.18
N GLU B 322 6.00 -27.45 -14.90
CA GLU B 322 7.00 -28.31 -15.50
C GLU B 322 6.30 -29.48 -16.16
N PHE B 323 6.81 -29.87 -17.33
CA PHE B 323 6.34 -31.02 -18.07
C PHE B 323 7.49 -32.00 -18.19
N ILE B 324 7.34 -33.19 -17.62
CA ILE B 324 8.48 -34.09 -17.46
C ILE B 324 8.16 -35.46 -18.05
N GLN B 325 9.14 -36.04 -18.75
CA GLN B 325 9.08 -37.42 -19.20
C GLN B 325 10.25 -38.15 -18.54
N ARG B 326 9.94 -39.15 -17.73
CA ARG B 326 10.96 -39.94 -17.05
C ARG B 326 11.34 -41.12 -17.93
N LYS B 327 12.64 -41.29 -18.15
CA LYS B 327 13.20 -42.41 -18.91
C LYS B 327 14.26 -43.11 -18.09
N GLY B 328 13.92 -43.44 -16.84
CA GLY B 328 14.81 -44.13 -15.95
C GLY B 328 15.41 -43.25 -14.86
N ASP B 329 15.43 -41.94 -15.03
CA ASP B 329 15.95 -41.08 -13.96
C ASP B 329 14.82 -40.67 -13.03
N ASP B 330 15.04 -40.89 -11.73
CA ASP B 330 14.14 -40.64 -10.63
C ASP B 330 14.33 -39.25 -10.02
N GLY B 331 15.16 -38.41 -10.63
CA GLY B 331 15.51 -37.13 -10.07
C GLY B 331 14.64 -36.01 -10.62
N PHE B 332 15.18 -34.80 -10.58
CA PHE B 332 14.38 -33.61 -10.87
C PHE B 332 15.02 -32.71 -11.92
N GLY B 333 16.12 -33.15 -12.51
CA GLY B 333 16.80 -32.35 -13.51
C GLY B 333 17.82 -31.40 -12.95
N GLU B 334 18.26 -31.59 -11.72
CA GLU B 334 19.24 -30.69 -11.11
C GLU B 334 20.55 -30.61 -11.89
N GLY B 335 20.85 -31.60 -12.74
CA GLY B 335 22.00 -31.47 -13.61
C GLY B 335 21.89 -30.33 -14.61
N ASN B 336 20.69 -29.85 -14.83
CA ASN B 336 20.45 -28.78 -15.82
C ASN B 336 20.94 -27.44 -15.32
N PHE B 337 21.07 -27.21 -14.03
CA PHE B 337 21.56 -25.89 -13.60
C PHE B 337 22.95 -25.67 -14.17
N LYS B 338 23.88 -26.55 -13.84
CA LYS B 338 25.25 -26.45 -14.35
C LYS B 338 25.29 -26.46 -15.87
N ALA B 339 24.52 -27.36 -16.47
CA ALA B 339 24.47 -27.50 -17.94
C ALA B 339 24.05 -26.18 -18.58
N LEU B 340 23.00 -25.58 -18.05
CA LEU B 340 22.48 -24.35 -18.66
C LEU B 340 23.48 -23.23 -18.46
N PHE B 341 24.07 -23.15 -17.27
CA PHE B 341 25.05 -22.07 -17.00
C PHE B 341 26.25 -22.18 -17.94
N GLU B 342 26.71 -23.40 -18.18
CA GLU B 342 27.89 -23.56 -19.05
C GLU B 342 27.48 -23.23 -20.48
N SER B 343 26.25 -23.58 -20.88
CA SER B 343 25.72 -23.23 -22.20
C SER B 343 25.76 -21.72 -22.38
N ILE B 344 25.31 -20.99 -21.37
CA ILE B 344 25.28 -19.50 -21.41
C ILE B 344 26.69 -18.95 -21.46
N GLU B 345 27.64 -19.54 -20.74
CA GLU B 345 29.06 -19.08 -20.74
C GLU B 345 29.77 -19.46 -22.05
N ARG B 346 29.25 -20.44 -22.77
CA ARG B 346 29.81 -20.80 -24.10
C ARG B 346 29.17 -19.89 -25.14
N ASP B 347 28.04 -19.25 -24.78
CA ASP B 347 27.34 -18.24 -25.62
C ASP B 347 27.78 -16.81 -25.22
N GLN B 348 28.32 -16.57 -24.01
CA GLN B 348 28.80 -15.23 -23.66
C GLN B 348 30.12 -14.94 -24.38
N ALA C 1 -7.10 9.66 22.47
CA ALA C 1 -6.07 9.26 23.42
C ALA C 1 -4.77 10.01 23.17
N ASP C 2 -4.09 10.33 24.28
CA ASP C 2 -2.85 11.10 24.37
C ASP C 2 -2.33 11.76 23.09
N LEU C 3 -1.92 10.97 22.11
CA LEU C 3 -1.04 11.46 21.03
C LEU C 3 -1.78 12.01 19.83
N TYR C 4 -2.62 11.18 19.22
CA TYR C 4 -3.38 11.59 18.04
C TYR C 4 -4.59 10.68 17.92
N GLU C 5 -5.34 10.86 16.82
CA GLU C 5 -6.54 10.09 16.53
C GLU C 5 -6.39 8.65 17.01
N ASN C 6 -7.13 8.27 18.05
CA ASN C 6 -7.09 6.89 18.52
C ASN C 6 -8.44 6.25 18.27
N PRO C 7 -8.77 5.95 17.02
CA PRO C 7 -10.10 5.42 16.71
C PRO C 7 -10.35 4.03 17.28
N MET C 8 -9.34 3.42 17.92
CA MET C 8 -9.50 2.14 18.60
C MET C 8 -9.40 2.27 20.12
N GLY C 9 -9.24 3.48 20.64
CA GLY C 9 -9.18 3.69 22.08
C GLY C 9 -8.13 2.85 22.78
N LEU C 10 -7.02 2.56 22.10
CA LEU C 10 -5.84 1.94 22.71
C LEU C 10 -5.46 2.67 23.99
N MET C 11 -5.13 1.89 25.03
CA MET C 11 -4.66 2.49 26.29
C MET C 11 -3.45 1.75 26.82
N GLY C 12 -2.53 1.38 25.93
CA GLY C 12 -1.28 0.77 26.34
C GLY C 12 -1.34 -0.75 26.30
N PHE C 13 -0.18 -1.34 26.58
CA PHE C 13 -0.10 -2.80 26.69
C PHE C 13 -0.91 -3.27 27.88
N GLU C 14 -1.66 -4.35 27.70
CA GLU C 14 -2.36 -4.98 28.82
C GLU C 14 -1.57 -6.17 29.38
N PHE C 15 -1.23 -7.16 28.55
CA PHE C 15 -0.31 -8.22 28.94
C PHE C 15 0.42 -8.73 27.70
N ILE C 16 1.47 -9.51 27.91
CA ILE C 16 2.01 -10.36 26.86
C ILE C 16 2.03 -11.79 27.38
N GLU C 17 1.77 -12.73 26.47
CA GLU C 17 1.56 -14.14 26.76
C GLU C 17 2.73 -14.95 26.26
N PHE C 18 3.17 -15.89 27.10
CA PHE C 18 4.27 -16.77 26.77
C PHE C 18 3.81 -18.22 26.84
N ALA C 19 4.45 -19.08 26.05
CA ALA C 19 4.30 -20.52 26.23
C ALA C 19 5.53 -21.20 25.65
N SER C 20 5.67 -22.45 26.06
CA SER C 20 6.84 -23.23 25.77
C SER C 20 6.40 -24.68 25.60
N PRO C 21 6.91 -25.38 24.59
CA PRO C 21 6.64 -26.83 24.51
C PRO C 21 7.35 -27.62 25.59
N THR C 22 8.33 -27.03 26.27
CA THR C 22 9.09 -27.68 27.32
C THR C 22 8.67 -27.15 28.67
N PRO C 23 8.32 -28.01 29.62
CA PRO C 23 7.91 -27.52 30.95
C PRO C 23 9.08 -26.89 31.69
N GLY C 24 8.72 -26.09 32.70
CA GLY C 24 9.71 -25.50 33.58
C GLY C 24 10.82 -24.73 32.89
N THR C 25 10.58 -24.25 31.68
CA THR C 25 11.58 -23.42 31.01
C THR C 25 11.25 -21.94 31.04
N LEU C 26 9.97 -21.58 31.23
CA LEU C 26 9.59 -20.17 31.27
C LEU C 26 9.55 -19.61 32.68
N GLU C 27 9.11 -20.40 33.66
CA GLU C 27 9.08 -19.95 35.04
C GLU C 27 10.42 -19.39 35.54
N PRO C 28 11.57 -20.05 35.37
CA PRO C 28 12.81 -19.47 35.91
C PRO C 28 13.27 -18.24 35.15
N ILE C 29 12.85 -18.08 33.90
CA ILE C 29 13.19 -16.88 33.15
C ILE C 29 12.49 -15.67 33.73
N PHE C 30 11.20 -15.84 34.11
CA PHE C 30 10.46 -14.74 34.73
C PHE C 30 11.07 -14.33 36.06
N GLU C 31 11.54 -15.32 36.85
CA GLU C 31 12.03 -15.02 38.19
C GLU C 31 13.32 -14.23 38.12
N ILE C 32 14.26 -14.64 37.26
CA ILE C 32 15.52 -13.92 37.15
C ILE C 32 15.35 -12.53 36.55
N MET C 33 14.19 -12.26 35.95
CA MET C 33 13.90 -10.93 35.44
C MET C 33 13.06 -10.11 36.41
N GLY C 34 12.90 -10.58 37.65
CA GLY C 34 12.25 -9.79 38.68
C GLY C 34 10.75 -9.90 38.74
N PHE C 35 10.14 -10.83 38.02
CA PHE C 35 8.71 -11.02 37.99
C PHE C 35 8.30 -12.02 39.06
N THR C 36 7.08 -11.85 39.57
CA THR C 36 6.54 -12.67 40.65
C THR C 36 5.24 -13.34 40.21
N LYS C 37 5.17 -14.67 40.36
CA LYS C 37 3.90 -15.36 40.22
C LYS C 37 2.95 -14.86 41.29
N VAL C 38 1.81 -14.31 40.87
CA VAL C 38 0.85 -13.71 41.79
C VAL C 38 -0.54 -14.30 41.67
N ALA C 39 -0.84 -15.07 40.63
CA ALA C 39 -2.18 -15.59 40.45
C ALA C 39 -2.15 -16.75 39.49
N THR C 40 -3.18 -17.58 39.57
CA THR C 40 -3.36 -18.71 38.66
C THR C 40 -4.80 -18.72 38.17
N HIS C 41 -4.97 -19.08 36.90
CA HIS C 41 -6.28 -19.08 36.27
C HIS C 41 -7.25 -19.96 37.04
N ARG C 42 -8.53 -19.59 36.99
CA ARG C 42 -9.56 -20.29 37.74
C ARG C 42 -9.71 -21.74 37.30
N SER C 43 -9.48 -22.05 36.02
CA SER C 43 -9.69 -23.40 35.52
C SER C 43 -8.62 -23.91 34.57
N LYS C 44 -7.83 -23.05 33.94
CA LYS C 44 -6.80 -23.49 33.02
C LYS C 44 -5.44 -23.51 33.71
N ASN C 45 -4.49 -24.17 33.05
CA ASN C 45 -3.10 -24.18 33.50
C ASN C 45 -2.41 -22.93 32.97
N VAL C 46 -2.80 -21.79 33.54
CA VAL C 46 -2.38 -20.48 33.08
C VAL C 46 -2.08 -19.62 34.31
N HIS C 47 -0.96 -18.90 34.27
CA HIS C 47 -0.43 -18.23 35.45
C HIS C 47 -0.05 -16.79 35.14
N LEU C 48 -0.21 -15.93 36.15
CA LEU C 48 0.04 -14.50 36.02
C LEU C 48 1.29 -14.15 36.83
N TYR C 49 2.31 -13.64 36.14
CA TYR C 49 3.48 -13.05 36.77
C TYR C 49 3.41 -11.53 36.64
N ARG C 50 3.78 -10.83 37.72
CA ARG C 50 3.69 -9.38 37.73
C ARG C 50 5.04 -8.77 38.11
N GLN C 51 5.29 -7.58 37.56
CA GLN C 51 6.31 -6.66 38.05
C GLN C 51 5.88 -5.26 37.67
N GLY C 52 5.86 -4.33 38.62
CA GLY C 52 5.31 -3.01 38.37
C GLY C 52 3.94 -3.07 37.73
N GLU C 53 3.79 -2.41 36.59
CA GLU C 53 2.54 -2.47 35.84
C GLU C 53 2.61 -3.48 34.68
N ILE C 54 3.59 -4.37 34.71
CA ILE C 54 3.76 -5.36 33.64
C ILE C 54 3.03 -6.64 34.04
N ASN C 55 2.16 -7.10 33.14
CA ASN C 55 1.44 -8.36 33.31
C ASN C 55 2.01 -9.35 32.31
N LEU C 56 2.58 -10.44 32.82
CA LEU C 56 3.13 -11.52 32.02
C LEU C 56 2.27 -12.75 32.27
N ILE C 57 1.70 -13.30 31.21
CA ILE C 57 0.81 -14.45 31.29
C ILE C 57 1.55 -15.67 30.77
N LEU C 58 1.67 -16.69 31.62
CA LEU C 58 2.30 -17.95 31.25
C LEU C 58 1.19 -18.95 30.94
N ASN C 59 1.12 -19.35 29.68
CA ASN C 59 0.03 -20.18 29.18
C ASN C 59 0.55 -21.59 28.98
N ASN C 60 0.13 -22.51 29.85
CA ASN C 60 0.46 -23.91 29.69
C ASN C 60 -0.78 -24.76 29.44
N GLU C 61 -1.82 -24.17 28.88
CA GLU C 61 -2.99 -24.92 28.50
C GLU C 61 -2.61 -25.86 27.36
N PRO C 62 -2.78 -27.17 27.52
CA PRO C 62 -2.48 -28.07 26.41
C PRO C 62 -3.62 -28.08 25.39
N ASN C 63 -3.26 -28.43 24.16
CA ASN C 63 -4.23 -28.52 23.07
C ASN C 63 -4.92 -27.17 22.85
N SER C 64 -4.13 -26.10 22.92
CA SER C 64 -4.60 -24.73 22.91
C SER C 64 -3.90 -23.97 21.80
N ILE C 65 -4.48 -22.80 21.48
CA ILE C 65 -3.87 -21.91 20.49
C ILE C 65 -2.41 -21.64 20.85
N ALA C 66 -2.15 -21.43 22.14
CA ALA C 66 -0.81 -21.08 22.57
C ALA C 66 0.14 -22.28 22.47
N SER C 67 -0.33 -23.48 22.80
CA SER C 67 0.56 -24.64 22.74
C SER C 67 0.91 -24.99 21.30
N TYR C 68 -0.03 -24.79 20.38
CA TYR C 68 0.29 -25.00 18.97
C TYR C 68 1.29 -23.95 18.49
N PHE C 69 1.15 -22.72 18.97
CA PHE C 69 2.16 -21.71 18.67
C PHE C 69 3.51 -22.12 19.20
N ALA C 70 3.55 -22.56 20.46
CA ALA C 70 4.82 -22.92 21.09
C ALA C 70 5.45 -24.12 20.39
N ALA C 71 4.65 -25.12 20.03
CA ALA C 71 5.20 -26.30 19.38
C ALA C 71 5.89 -25.94 18.07
N GLU C 72 5.40 -24.93 17.35
CA GLU C 72 6.03 -24.54 16.11
C GLU C 72 7.23 -23.63 16.36
N HIS C 73 7.12 -22.73 17.34
CA HIS C 73 8.10 -21.68 17.53
C HIS C 73 8.98 -21.88 18.76
N GLY C 74 8.65 -22.83 19.63
CA GLY C 74 9.41 -23.03 20.83
C GLY C 74 9.03 -21.96 21.83
N PRO C 75 9.77 -21.89 22.95
CA PRO C 75 9.51 -20.85 23.95
C PRO C 75 9.42 -19.48 23.29
N SER C 76 8.32 -18.77 23.55
CA SER C 76 7.99 -17.64 22.69
C SER C 76 6.98 -16.73 23.36
N VAL C 77 6.87 -15.52 22.84
CA VAL C 77 5.72 -14.67 23.14
C VAL C 77 4.63 -15.04 22.14
N CYS C 78 3.61 -15.74 22.61
CA CYS C 78 2.56 -16.25 21.72
C CYS C 78 1.30 -15.41 21.72
N GLY C 79 1.27 -14.31 22.45
CA GLY C 79 0.06 -13.53 22.55
C GLY C 79 0.41 -12.15 23.05
N MET C 80 -0.45 -11.19 22.73
CA MET C 80 -0.17 -9.81 23.04
C MET C 80 -1.50 -9.12 23.19
N ALA C 81 -1.76 -8.55 24.37
CA ALA C 81 -3.03 -7.90 24.64
C ALA C 81 -2.84 -6.39 24.66
N PHE C 82 -3.77 -5.72 24.01
CA PHE C 82 -3.83 -4.26 23.99
C PHE C 82 -4.95 -3.83 24.92
N ARG C 83 -4.69 -2.77 25.68
CA ARG C 83 -5.75 -2.13 26.46
C ARG C 83 -6.58 -1.24 25.55
N VAL C 84 -7.90 -1.35 25.67
CA VAL C 84 -8.83 -0.51 24.92
C VAL C 84 -9.96 -0.10 25.85
N LYS C 85 -10.66 0.96 25.45
CA LYS C 85 -11.75 1.51 26.26
C LYS C 85 -13.00 0.67 26.14
N ASP C 86 -13.16 -0.02 25.02
CA ASP C 86 -14.37 -0.81 24.76
C ASP C 86 -14.02 -1.92 23.79
N SER C 87 -13.98 -3.17 24.27
CA SER C 87 -13.44 -4.25 23.43
C SER C 87 -14.33 -4.56 22.23
N GLN C 88 -15.64 -4.33 22.34
CA GLN C 88 -16.50 -4.61 21.20
C GLN C 88 -16.36 -3.54 20.11
N LYS C 89 -16.26 -2.26 20.52
CA LYS C 89 -16.08 -1.19 19.54
C LYS C 89 -14.91 -1.51 18.63
N ALA C 90 -13.84 -2.09 19.18
CA ALA C 90 -12.58 -2.29 18.48
C ALA C 90 -12.53 -3.62 17.76
N TYR C 91 -13.04 -4.68 18.40
CA TYR C 91 -13.05 -6.00 17.77
C TYR C 91 -13.85 -5.98 16.47
N ASN C 92 -14.95 -5.24 16.45
CA ASN C 92 -15.84 -5.25 15.29
C ASN C 92 -15.32 -4.35 14.17
N ARG C 93 -14.74 -3.22 14.54
CA ARG C 93 -14.05 -2.38 13.56
C ARG C 93 -12.90 -3.11 12.91
N ALA C 94 -12.07 -3.79 13.73
CA ALA C 94 -10.91 -4.49 13.18
C ALA C 94 -11.33 -5.56 12.19
N LEU C 95 -12.42 -6.28 12.48
CA LEU C 95 -12.92 -7.27 11.52
C LEU C 95 -13.51 -6.59 10.29
N GLU C 96 -14.22 -5.47 10.47
CA GLU C 96 -14.70 -4.70 9.32
C GLU C 96 -13.55 -4.29 8.42
N LEU C 97 -12.46 -3.80 9.03
CA LEU C 97 -11.27 -3.42 8.28
C LEU C 97 -10.52 -4.62 7.73
N GLY C 98 -11.02 -5.83 7.96
CA GLY C 98 -10.47 -7.02 7.36
C GLY C 98 -9.54 -7.84 8.21
N ALA C 99 -9.54 -7.67 9.52
CA ALA C 99 -8.72 -8.50 10.39
C ALA C 99 -9.30 -9.91 10.47
N GLN C 100 -8.40 -10.91 10.71
CA GLN C 100 -8.85 -12.30 10.84
C GLN C 100 -9.02 -12.65 12.31
N PRO C 101 -10.19 -13.12 12.72
CA PRO C 101 -10.38 -13.45 14.13
C PRO C 101 -9.70 -14.76 14.46
N ILE C 102 -9.22 -14.84 15.71
CA ILE C 102 -8.76 -16.11 16.27
C ILE C 102 -9.63 -16.40 17.48
N HIS C 103 -10.31 -17.54 17.45
CA HIS C 103 -11.18 -17.94 18.55
C HIS C 103 -10.32 -18.51 19.69
N ILE C 104 -10.37 -17.88 20.86
CA ILE C 104 -9.74 -18.41 22.07
C ILE C 104 -10.84 -19.10 22.86
N ASP C 105 -10.68 -20.41 23.09
CA ASP C 105 -11.71 -21.18 23.74
C ASP C 105 -11.81 -20.81 25.22
N THR C 106 -13.03 -20.59 25.70
CA THR C 106 -13.29 -20.02 27.01
C THR C 106 -14.19 -20.95 27.80
N GLY C 107 -13.88 -21.16 29.06
CA GLY C 107 -14.62 -22.07 29.87
C GLY C 107 -15.90 -21.46 30.39
N PRO C 108 -16.77 -22.31 30.93
CA PRO C 108 -17.99 -21.80 31.56
C PRO C 108 -17.64 -20.84 32.69
N MET C 109 -18.41 -19.75 32.77
CA MET C 109 -18.24 -18.69 33.76
C MET C 109 -16.91 -17.95 33.62
N GLU C 110 -16.23 -18.10 32.49
CA GLU C 110 -15.02 -17.34 32.22
C GLU C 110 -15.28 -16.30 31.13
N LEU C 111 -14.36 -15.34 31.04
CA LEU C 111 -14.51 -14.23 30.09
C LEU C 111 -14.14 -14.67 28.67
N ASN C 112 -14.92 -14.20 27.69
CA ASN C 112 -14.59 -14.38 26.29
C ASN C 112 -13.57 -13.32 25.89
N LEU C 113 -12.34 -13.74 25.61
CA LEU C 113 -11.32 -12.80 25.17
C LEU C 113 -11.37 -12.63 23.66
N PRO C 114 -11.60 -11.41 23.16
CA PRO C 114 -11.62 -11.20 21.71
C PRO C 114 -10.20 -11.05 21.21
N ALA C 115 -9.87 -11.78 20.15
CA ALA C 115 -8.52 -11.74 19.64
C ALA C 115 -8.57 -11.81 18.11
N ILE C 116 -7.59 -11.16 17.49
CA ILE C 116 -7.40 -11.21 16.05
C ILE C 116 -6.05 -11.82 15.77
N LYS C 117 -5.89 -12.30 14.54
CA LYS C 117 -4.62 -12.89 14.14
C LYS C 117 -3.55 -11.79 14.02
N GLY C 118 -2.43 -11.99 14.71
CA GLY C 118 -1.39 -10.97 14.73
C GLY C 118 -0.07 -11.47 14.18
N ILE C 119 1.04 -10.87 14.60
CA ILE C 119 2.33 -11.25 14.04
C ILE C 119 2.57 -12.74 14.25
N GLY C 120 3.01 -13.41 13.19
CA GLY C 120 3.18 -14.85 13.20
C GLY C 120 1.92 -15.62 13.50
N GLY C 121 0.75 -15.01 13.39
CA GLY C 121 -0.48 -15.65 13.75
C GLY C 121 -0.80 -15.63 15.22
N ALA C 122 0.04 -14.99 16.02
CA ALA C 122 -0.20 -14.94 17.46
C ALA C 122 -1.44 -14.10 17.73
N PRO C 123 -2.32 -14.52 18.63
CA PRO C 123 -3.49 -13.70 18.95
C PRO C 123 -3.08 -12.32 19.43
N LEU C 124 -3.87 -11.34 19.04
CA LEU C 124 -3.76 -9.97 19.55
C LEU C 124 -5.07 -9.69 20.27
N TYR C 125 -5.02 -9.65 21.61
CA TYR C 125 -6.24 -9.49 22.39
C TYR C 125 -6.60 -8.02 22.55
N LEU C 126 -7.88 -7.77 22.67
CA LEU C 126 -8.38 -6.41 22.90
C LEU C 126 -9.15 -6.45 24.20
N ILE C 127 -8.55 -5.91 25.27
CA ILE C 127 -9.02 -6.07 26.65
C ILE C 127 -9.46 -4.72 27.19
N ASP C 128 -10.75 -4.59 27.53
CA ASP C 128 -11.27 -3.36 28.11
C ASP C 128 -11.59 -3.47 29.60
N ARG C 129 -11.10 -4.52 30.24
CA ARG C 129 -11.25 -4.69 31.69
C ARG C 129 -9.87 -4.57 32.33
N PHE C 130 -9.73 -3.65 33.29
CA PHE C 130 -8.42 -3.38 33.86
C PHE C 130 -8.59 -2.59 35.14
N GLY C 131 -7.49 -2.45 35.87
CA GLY C 131 -7.55 -1.83 37.17
C GLY C 131 -7.77 -2.85 38.28
N GLU C 132 -7.26 -2.54 39.46
CA GLU C 132 -7.39 -3.44 40.60
C GLU C 132 -8.86 -3.53 41.01
N GLY C 133 -9.39 -4.75 41.03
CA GLY C 133 -10.79 -4.99 41.34
C GLY C 133 -11.64 -5.40 40.15
N SER C 134 -11.42 -4.80 39.00
CA SER C 134 -12.26 -4.99 37.83
C SER C 134 -11.48 -5.54 36.64
N SER C 135 -10.21 -5.88 36.82
CA SER C 135 -9.38 -6.37 35.74
C SER C 135 -9.75 -7.80 35.39
N ILE C 136 -9.20 -8.27 34.26
CA ILE C 136 -9.48 -9.64 33.86
C ILE C 136 -8.85 -10.61 34.84
N TYR C 137 -7.79 -10.20 35.52
CA TYR C 137 -7.13 -11.08 36.49
C TYR C 137 -7.98 -11.27 37.73
N ASP C 138 -8.71 -10.22 38.17
CA ASP C 138 -9.58 -10.39 39.31
C ASP C 138 -10.71 -11.36 39.00
N ILE C 139 -11.15 -11.38 37.75
CA ILE C 139 -12.32 -12.15 37.37
C ILE C 139 -11.95 -13.61 37.11
N ASP C 140 -10.96 -13.86 36.29
CA ASP C 140 -10.67 -15.22 35.86
C ASP C 140 -9.49 -15.84 36.60
N PHE C 141 -8.75 -15.06 37.37
CA PHE C 141 -7.61 -15.60 38.10
C PHE C 141 -7.88 -15.57 39.60
N VAL C 142 -7.15 -16.43 40.32
CA VAL C 142 -7.20 -16.50 41.77
C VAL C 142 -5.80 -16.17 42.28
N TYR C 143 -5.69 -15.12 43.09
CA TYR C 143 -4.40 -14.72 43.62
C TYR C 143 -3.95 -15.68 44.71
N LEU C 144 -2.65 -15.86 44.82
CA LEU C 144 -2.08 -16.69 45.87
C LEU C 144 -2.36 -16.07 47.24
N GLU C 145 -2.51 -16.94 48.25
CA GLU C 145 -2.90 -16.48 49.57
C GLU C 145 -1.91 -15.46 50.12
N GLY C 146 -2.43 -14.29 50.50
CA GLY C 146 -1.65 -13.27 51.17
C GLY C 146 -0.40 -12.79 50.46
N VAL C 147 -0.33 -12.93 49.14
CA VAL C 147 0.84 -12.53 48.37
C VAL C 147 0.69 -11.06 47.99
N GLU C 148 1.82 -10.34 47.96
CA GLU C 148 1.75 -8.93 47.58
C GLU C 148 1.17 -8.80 46.18
N ARG C 149 0.03 -8.10 46.11
CA ARG C 149 -0.76 -8.03 44.90
C ARG C 149 0.01 -7.36 43.75
N ASN C 150 0.80 -6.34 44.06
CA ASN C 150 1.49 -5.51 43.07
C ASN C 150 2.99 -5.52 43.32
N PRO C 151 3.68 -6.63 43.08
CA PRO C 151 5.11 -6.66 43.36
C PRO C 151 5.86 -5.62 42.51
N VAL C 152 6.92 -5.08 43.08
CA VAL C 152 7.72 -4.05 42.44
C VAL C 152 8.96 -4.70 41.86
N GLY C 153 9.37 -5.83 42.44
CA GLY C 153 10.49 -6.59 41.90
C GLY C 153 11.75 -5.76 41.79
N ALA C 154 12.45 -5.89 40.66
CA ALA C 154 13.67 -5.14 40.40
C ALA C 154 13.41 -3.76 39.82
N GLY C 155 12.18 -3.26 39.87
CA GLY C 155 11.94 -1.89 39.46
C GLY C 155 11.60 -1.70 38.00
N LEU C 156 11.32 -2.77 37.26
CA LEU C 156 10.68 -2.63 35.96
C LEU C 156 9.23 -2.19 36.15
N LYS C 157 8.82 -1.17 35.40
CA LYS C 157 7.55 -0.47 35.59
C LYS C 157 6.53 -0.77 34.49
N VAL C 158 6.89 -0.59 33.21
CA VAL C 158 6.00 -0.87 32.09
C VAL C 158 6.78 -1.61 31.01
N ILE C 159 6.01 -2.24 30.11
CA ILE C 159 6.55 -2.59 28.80
C ILE C 159 6.73 -1.31 28.01
N ASP C 160 7.97 -1.01 27.64
CA ASP C 160 8.29 0.21 26.92
C ASP C 160 8.11 0.04 25.43
N HIS C 161 8.48 -1.14 24.92
CA HIS C 161 8.22 -1.50 23.54
C HIS C 161 8.54 -2.97 23.39
N LEU C 162 8.02 -3.55 22.31
CA LEU C 162 8.43 -4.86 21.86
C LEU C 162 8.58 -4.78 20.35
N THR C 163 9.50 -5.56 19.81
CA THR C 163 9.75 -5.50 18.38
C THR C 163 9.14 -6.70 17.71
N HIS C 164 8.92 -6.57 16.40
CA HIS C 164 8.62 -7.70 15.53
C HIS C 164 9.72 -7.79 14.51
N ASN C 165 10.26 -8.99 14.32
CA ASN C 165 11.11 -9.27 13.18
C ASN C 165 10.26 -9.86 12.09
N VAL C 166 10.48 -9.42 10.85
CA VAL C 166 9.63 -9.81 9.72
C VAL C 166 10.48 -10.12 8.51
N TYR C 167 9.96 -10.99 7.65
CA TYR C 167 10.73 -11.40 6.48
C TYR C 167 10.90 -10.22 5.52
N ARG C 168 11.91 -10.33 4.66
CA ARG C 168 12.24 -9.27 3.72
C ARG C 168 11.04 -8.85 2.90
N GLY C 169 10.73 -7.56 2.92
CA GLY C 169 9.58 -7.02 2.22
C GLY C 169 8.26 -7.15 2.92
N ARG C 170 8.23 -7.58 4.18
CA ARG C 170 6.99 -7.69 4.94
C ARG C 170 6.74 -6.49 5.84
N MET C 171 7.74 -5.62 6.02
CA MET C 171 7.57 -4.54 6.98
C MET C 171 6.49 -3.57 6.55
N VAL C 172 6.37 -3.34 5.24
CA VAL C 172 5.25 -2.54 4.77
C VAL C 172 3.93 -3.25 5.03
N TYR C 173 3.95 -4.58 5.01
CA TYR C 173 2.73 -5.34 5.30
C TYR C 173 2.32 -5.16 6.76
N TRP C 174 3.29 -5.28 7.68
CA TRP C 174 2.96 -5.16 9.09
C TRP C 174 2.82 -3.71 9.52
N ALA C 175 3.54 -2.79 8.88
CA ALA C 175 3.27 -1.38 9.08
C ALA C 175 1.83 -1.06 8.70
N ASN C 176 1.41 -1.51 7.51
CA ASN C 176 0.02 -1.32 7.10
C ASN C 176 -0.95 -1.89 8.13
N PHE C 177 -0.67 -3.11 8.59
CA PHE C 177 -1.50 -3.77 9.60
C PHE C 177 -1.77 -2.86 10.79
N TYR C 178 -0.71 -2.23 11.32
CA TYR C 178 -0.90 -1.42 12.52
C TYR C 178 -1.39 -0.03 12.19
N GLU C 179 -1.06 0.48 11.01
CA GLU C 179 -1.67 1.73 10.55
C GLU C 179 -3.16 1.54 10.32
N LYS C 180 -3.54 0.66 9.38
CA LYS C 180 -4.94 0.54 8.97
C LYS C 180 -5.85 0.23 10.16
N LEU C 181 -5.39 -0.64 11.07
CA LEU C 181 -6.25 -1.15 12.12
C LEU C 181 -6.21 -0.32 13.39
N PHE C 182 -5.06 0.25 13.76
CA PHE C 182 -4.93 0.92 15.04
C PHE C 182 -4.53 2.38 14.92
N ASN C 183 -4.35 2.89 13.69
CA ASN C 183 -3.88 4.25 13.47
C ASN C 183 -2.50 4.48 14.07
N PHE C 184 -1.66 3.45 14.06
CA PHE C 184 -0.25 3.64 14.33
C PHE C 184 0.34 4.55 13.27
N ARG C 185 1.31 5.38 13.67
CA ARG C 185 2.12 6.13 12.73
C ARG C 185 3.58 5.83 12.98
N GLU C 186 4.33 5.66 11.91
CA GLU C 186 5.79 5.60 12.01
C GLU C 186 6.31 6.98 12.40
N ALA C 187 7.12 7.03 13.46
CA ALA C 187 7.50 8.32 14.05
C ALA C 187 8.42 9.10 13.13
N ARG C 188 9.44 8.46 12.57
CA ARG C 188 10.37 9.02 11.58
C ARG C 188 11.34 10.07 12.13
N TYR C 189 12.62 9.86 11.83
CA TYR C 189 13.80 10.57 12.31
C TYR C 189 14.40 11.50 11.26
N PHE C 190 15.56 12.05 11.62
CA PHE C 190 16.63 12.60 10.74
C PHE C 190 16.57 14.12 10.76
N LEU C 199 21.03 -2.19 8.96
CA LEU C 199 19.79 -2.79 9.45
C LEU C 199 18.61 -1.82 9.28
N THR C 200 17.48 -2.33 8.76
CA THR C 200 16.34 -1.51 8.37
C THR C 200 15.14 -1.77 9.28
N SER C 201 14.49 -0.68 9.71
CA SER C 201 13.55 -0.74 10.81
C SER C 201 12.55 0.40 10.73
N LYS C 202 11.35 0.16 11.25
CA LYS C 202 10.27 1.14 11.23
C LYS C 202 9.64 1.19 12.62
N ALA C 203 9.82 2.30 13.33
CA ALA C 203 9.29 2.49 14.67
C ALA C 203 7.80 2.83 14.61
N MET C 204 6.96 1.82 14.73
CA MET C 204 5.52 2.05 14.69
C MET C 204 5.02 2.46 16.07
N SER C 205 4.45 3.66 16.16
CA SER C 205 4.02 4.20 17.44
C SER C 205 2.50 4.34 17.46
N ALA C 206 1.89 3.94 18.60
CA ALA C 206 0.45 3.92 18.73
C ALA C 206 -0.08 5.28 19.13
N PRO C 207 -1.33 5.59 18.79
CA PRO C 207 -1.91 6.89 19.18
C PRO C 207 -2.03 7.07 20.69
N ASP C 208 -1.91 6.02 21.49
CA ASP C 208 -2.01 6.20 22.94
C ASP C 208 -0.73 6.76 23.55
N GLY C 209 0.38 6.76 22.80
CA GLY C 209 1.63 7.26 23.33
C GLY C 209 2.33 6.32 24.28
N MET C 210 1.88 5.08 24.38
CA MET C 210 2.46 4.06 25.25
C MET C 210 2.91 2.83 24.50
N ILE C 211 2.16 2.41 23.49
CA ILE C 211 2.49 1.23 22.68
C ILE C 211 3.42 1.65 21.56
N ARG C 212 4.59 1.04 21.53
CA ARG C 212 5.52 1.20 20.42
C ARG C 212 5.91 -0.20 19.97
N ILE C 213 5.79 -0.47 18.68
CA ILE C 213 6.21 -1.74 18.09
C ILE C 213 7.13 -1.43 16.92
N PRO C 214 8.43 -1.46 17.11
CA PRO C 214 9.33 -1.35 15.96
C PRO C 214 9.38 -2.63 15.17
N LEU C 215 9.44 -2.49 13.85
CA LEU C 215 9.49 -3.61 12.92
C LEU C 215 10.87 -3.67 12.30
N ASN C 216 11.47 -4.85 12.31
CA ASN C 216 12.77 -5.11 11.67
C ASN C 216 12.62 -6.13 10.56
N GLU C 217 13.28 -5.87 9.43
CA GLU C 217 13.72 -6.90 8.51
C GLU C 217 15.20 -6.66 8.23
N GLU C 218 15.91 -7.72 7.84
CA GLU C 218 17.35 -7.56 7.64
C GLU C 218 17.64 -6.78 6.36
N GLY C 224 22.44 -12.43 9.14
CA GLY C 224 22.76 -11.59 10.28
C GLY C 224 21.82 -11.76 11.46
N GLN C 225 21.61 -10.67 12.18
CA GLN C 225 20.89 -10.74 13.45
C GLN C 225 19.40 -11.02 13.24
N ILE C 226 18.79 -10.35 12.27
CA ILE C 226 17.34 -10.51 12.05
C ILE C 226 17.06 -11.86 11.39
N GLU C 227 17.79 -12.17 10.31
CA GLU C 227 17.60 -13.45 9.63
C GLU C 227 17.81 -14.62 10.57
N GLU C 228 18.78 -14.52 11.50
CA GLU C 228 18.97 -15.64 12.42
C GLU C 228 17.77 -15.82 13.34
N PHE C 229 17.14 -14.72 13.77
CA PHE C 229 15.93 -14.87 14.56
C PHE C 229 14.87 -15.63 13.79
N LEU C 230 14.59 -15.18 12.57
CA LEU C 230 13.51 -15.75 11.76
C LEU C 230 13.67 -17.25 11.59
N MET C 231 14.92 -17.74 11.50
CA MET C 231 15.18 -19.17 11.36
C MET C 231 15.02 -19.91 12.68
N GLN C 232 15.64 -19.39 13.74
CA GLN C 232 15.55 -20.05 15.03
C GLN C 232 14.13 -19.98 15.58
N PHE C 233 13.41 -18.91 15.30
CA PHE C 233 12.03 -18.77 15.74
C PHE C 233 11.05 -19.51 14.82
N ASN C 234 11.47 -19.84 13.61
CA ASN C 234 10.61 -20.52 12.65
C ASN C 234 9.45 -19.60 12.21
N GLY C 235 9.75 -18.33 11.98
CA GLY C 235 8.75 -17.40 11.50
C GLY C 235 8.98 -15.99 11.99
N GLU C 236 8.06 -15.12 11.58
CA GLU C 236 8.02 -13.78 12.14
C GLU C 236 7.55 -13.86 13.59
N GLY C 237 7.95 -12.88 14.39
CA GLY C 237 7.48 -12.85 15.77
C GLY C 237 8.20 -11.77 16.57
N ILE C 238 7.93 -11.79 17.87
CA ILE C 238 8.49 -10.78 18.77
C ILE C 238 9.92 -11.18 19.12
N GLN C 239 10.86 -10.31 18.78
CA GLN C 239 12.27 -10.57 18.97
C GLN C 239 12.77 -10.14 20.35
N HIS C 240 12.31 -9.00 20.84
CA HIS C 240 12.64 -8.67 22.22
C HIS C 240 11.58 -7.78 22.80
N VAL C 241 11.39 -7.91 24.11
CA VAL C 241 10.50 -7.07 24.89
C VAL C 241 11.37 -6.17 25.77
N ALA C 242 11.06 -4.89 25.79
CA ALA C 242 11.85 -3.92 26.52
C ALA C 242 11.07 -3.44 27.74
N PHE C 243 11.70 -3.53 28.90
CA PHE C 243 11.06 -3.14 30.14
C PHE C 243 11.66 -1.82 30.59
N LEU C 244 10.80 -0.88 30.96
CA LEU C 244 11.24 0.42 31.43
C LEU C 244 11.48 0.37 32.93
N THR C 245 12.52 1.07 33.38
CA THR C 245 12.79 1.26 34.79
C THR C 245 13.17 2.71 34.98
N ASP C 246 12.90 3.24 36.18
CA ASP C 246 13.32 4.59 36.51
C ASP C 246 14.80 4.69 36.83
N ASP C 247 15.45 3.58 37.21
CA ASP C 247 16.87 3.60 37.56
C ASP C 247 17.45 2.26 37.10
N LEU C 248 18.03 2.26 35.89
CA LEU C 248 18.60 1.04 35.33
C LEU C 248 19.74 0.52 36.20
N VAL C 249 20.56 1.41 36.78
CA VAL C 249 21.71 0.96 37.57
C VAL C 249 21.24 0.21 38.81
N LYS C 250 20.28 0.79 39.55
CA LYS C 250 19.73 0.06 40.68
C LYS C 250 19.00 -1.18 40.21
N THR C 251 18.27 -1.07 39.10
CA THR C 251 17.60 -2.24 38.54
C THR C 251 18.63 -3.31 38.17
N TRP C 252 19.76 -2.90 37.60
CA TRP C 252 20.81 -3.85 37.23
C TRP C 252 21.25 -4.65 38.44
N ASP C 253 21.61 -3.98 39.53
CA ASP C 253 22.04 -4.70 40.74
C ASP C 253 20.92 -5.60 41.23
N ALA C 254 19.68 -5.12 41.20
CA ALA C 254 18.55 -5.91 41.66
C ALA C 254 18.42 -7.18 40.84
N LEU C 255 18.55 -7.07 39.51
CA LEU C 255 18.41 -8.25 38.67
C LEU C 255 19.58 -9.22 38.87
N LYS C 256 20.81 -8.71 38.96
CA LYS C 256 21.96 -9.61 39.05
C LYS C 256 21.95 -10.43 40.34
N LYS C 257 21.32 -9.93 41.41
CA LYS C 257 21.29 -10.67 42.65
C LYS C 257 20.29 -11.81 42.63
N ILE C 258 19.41 -11.87 41.64
CA ILE C 258 18.42 -12.94 41.53
C ILE C 258 18.67 -13.81 40.29
N GLY C 259 19.85 -13.69 39.68
CA GLY C 259 20.28 -14.61 38.66
C GLY C 259 20.22 -14.13 37.23
N MET C 260 20.13 -12.81 36.99
CA MET C 260 20.02 -12.28 35.65
C MET C 260 21.34 -12.38 34.89
N ARG C 261 21.24 -12.73 33.61
CA ARG C 261 22.39 -12.92 32.72
C ARG C 261 22.27 -11.92 31.56
N PHE C 262 23.20 -10.97 31.51
CA PHE C 262 23.17 -9.93 30.49
C PHE C 262 24.17 -10.20 29.37
N MET C 263 23.93 -9.56 28.22
CA MET C 263 24.92 -9.52 27.16
C MET C 263 26.25 -9.08 27.75
N THR C 264 27.34 -9.68 27.27
CA THR C 264 28.65 -9.31 27.80
C THR C 264 28.96 -7.86 27.45
N ALA C 265 29.60 -7.18 28.41
CA ALA C 265 29.80 -5.73 28.35
C ALA C 265 30.62 -5.33 27.14
N PRO C 266 30.47 -4.09 26.67
CA PRO C 266 31.31 -3.59 25.60
C PRO C 266 32.76 -3.53 26.05
N PRO C 267 33.71 -3.56 25.11
CA PRO C 267 35.09 -3.25 25.46
C PRO C 267 35.19 -1.83 26.02
N ASP C 268 36.21 -1.62 26.85
CA ASP C 268 36.32 -0.36 27.58
C ASP C 268 36.39 0.83 26.64
N THR C 269 36.97 0.65 25.46
CA THR C 269 37.07 1.73 24.49
C THR C 269 35.69 2.29 24.10
N TYR C 270 34.61 1.52 24.31
CA TYR C 270 33.27 2.05 24.14
C TYR C 270 32.97 3.19 25.10
N TYR C 271 33.65 3.22 26.25
CA TYR C 271 33.40 4.24 27.25
C TYR C 271 34.32 5.44 27.10
N GLU C 272 35.52 5.25 26.54
CA GLU C 272 36.36 6.40 26.22
C GLU C 272 35.67 7.33 25.23
N MET C 273 34.99 6.76 24.23
CA MET C 273 34.31 7.58 23.25
C MET C 273 33.05 8.24 23.81
N LEU C 274 32.62 7.85 25.02
CA LEU C 274 31.32 8.30 25.52
C LEU C 274 31.26 9.81 25.61
N GLU C 275 32.30 10.44 26.17
CA GLU C 275 32.34 11.89 26.21
C GLU C 275 32.49 12.49 24.83
N GLY C 276 33.20 11.78 23.94
CA GLY C 276 33.27 12.17 22.55
C GLY C 276 31.92 12.13 21.85
N ARG C 277 31.26 10.97 21.85
CA ARG C 277 30.02 10.90 21.08
C ARG C 277 28.82 11.49 21.80
N LEU C 278 28.91 11.75 23.11
CA LEU C 278 27.79 12.29 23.88
C LEU C 278 28.27 13.33 24.86
N PRO C 279 28.67 14.51 24.37
CA PRO C 279 29.26 15.52 25.27
C PRO C 279 28.30 15.94 26.38
N ASP C 280 28.81 15.91 27.61
CA ASP C 280 28.10 16.37 28.81
C ASP C 280 26.83 15.56 29.07
N HIS C 281 26.89 14.24 28.84
CA HIS C 281 25.76 13.39 29.16
C HIS C 281 25.55 13.30 30.67
N GLY C 282 26.62 13.39 31.45
CA GLY C 282 26.52 13.47 32.89
C GLY C 282 26.39 12.15 33.61
N GLU C 283 26.53 11.06 32.93
CA GLU C 283 26.27 9.84 33.67
C GLU C 283 27.55 9.32 34.31
N PRO C 284 27.44 8.72 35.49
CA PRO C 284 28.62 8.12 36.14
C PRO C 284 29.19 7.01 35.26
N VAL C 285 30.25 7.34 34.52
CA VAL C 285 30.77 6.44 33.50
C VAL C 285 31.22 5.12 34.12
N ASP C 286 31.80 5.17 35.32
CA ASP C 286 32.36 3.96 35.92
C ASP C 286 31.26 3.00 36.35
N GLN C 287 30.11 3.51 36.76
CA GLN C 287 29.01 2.65 37.16
C GLN C 287 28.37 1.96 35.96
N LEU C 288 28.35 2.63 34.82
CA LEU C 288 27.80 1.99 33.62
C LEU C 288 28.75 0.94 33.09
N GLN C 289 30.05 1.21 33.16
CA GLN C 289 31.05 0.26 32.68
C GLN C 289 31.20 -0.93 33.63
N ALA C 290 31.01 -0.70 34.93
CA ALA C 290 30.98 -1.80 35.88
C ALA C 290 29.91 -2.83 35.55
N ARG C 291 28.89 -2.43 34.78
CA ARG C 291 27.79 -3.33 34.49
C ARG C 291 27.54 -3.56 33.00
N GLY C 292 28.34 -2.96 32.11
CA GLY C 292 28.10 -3.09 30.69
C GLY C 292 26.84 -2.40 30.20
N ILE C 293 26.42 -1.34 30.85
CA ILE C 293 25.21 -0.65 30.45
C ILE C 293 25.53 0.26 29.27
N LEU C 294 24.67 0.21 28.25
CA LEU C 294 24.87 1.01 27.06
C LEU C 294 24.18 2.36 27.21
N LEU C 295 24.51 3.26 26.29
CA LEU C 295 24.12 4.65 26.41
C LEU C 295 24.00 5.24 25.02
N ASP C 296 22.95 6.03 24.81
CA ASP C 296 22.71 6.69 23.53
C ASP C 296 21.90 7.95 23.77
N GLY C 297 22.12 8.96 22.94
CA GLY C 297 21.44 10.22 23.09
C GLY C 297 21.85 11.27 22.07
N LYS C 304 19.85 18.12 25.92
CA LYS C 304 20.41 16.77 25.93
C LYS C 304 19.35 15.72 26.22
N ARG C 305 19.08 14.86 25.24
CA ARG C 305 18.15 13.74 25.38
C ARG C 305 18.98 12.46 25.51
N LEU C 306 18.79 11.71 26.59
CA LEU C 306 19.65 10.55 26.88
C LEU C 306 18.81 9.30 27.12
N LEU C 307 19.41 8.13 26.92
CA LEU C 307 18.78 6.89 27.36
C LEU C 307 19.85 5.84 27.68
N LEU C 308 19.56 5.04 28.70
CA LEU C 308 20.41 3.93 29.11
C LEU C 308 19.69 2.63 28.78
N GLN C 309 20.46 1.61 28.40
CA GLN C 309 19.84 0.35 28.05
C GLN C 309 20.83 -0.78 28.27
N ILE C 310 20.30 -1.97 28.49
CA ILE C 310 21.12 -3.17 28.52
C ILE C 310 20.21 -4.36 28.23
N PHE C 311 20.81 -5.39 27.65
CA PHE C 311 20.09 -6.52 27.09
C PHE C 311 20.47 -7.80 27.80
N SER C 312 19.49 -8.69 27.93
CA SER C 312 19.72 -10.06 28.31
C SER C 312 20.33 -10.82 27.16
N GLU C 313 20.84 -12.01 27.46
CA GLU C 313 21.14 -12.95 26.39
C GLU C 313 19.84 -13.46 25.79
N THR C 314 19.95 -14.26 24.74
CA THR C 314 18.78 -15.00 24.29
C THR C 314 18.37 -15.97 25.38
N LEU C 315 17.12 -15.91 25.79
CA LEU C 315 16.62 -16.71 26.91
C LEU C 315 15.50 -17.66 26.52
N MET C 316 14.62 -17.24 25.61
CA MET C 316 13.51 -18.05 25.11
C MET C 316 13.77 -18.24 23.62
N GLY C 317 14.47 -19.32 23.27
CA GLY C 317 15.02 -19.45 21.96
C GLY C 317 15.82 -18.21 21.64
N PRO C 318 15.56 -17.62 20.48
CA PRO C 318 16.21 -16.35 20.11
C PRO C 318 15.52 -15.10 20.64
N VAL C 319 14.54 -15.22 21.52
CA VAL C 319 13.89 -14.05 22.08
C VAL C 319 14.73 -13.56 23.26
N PHE C 320 15.00 -12.26 23.29
CA PHE C 320 15.73 -11.71 24.43
C PHE C 320 14.98 -10.52 25.02
N PHE C 321 15.59 -9.84 25.99
CA PHE C 321 14.87 -8.81 26.71
C PHE C 321 15.77 -7.61 26.91
N GLU C 322 15.13 -6.46 26.97
CA GLU C 322 15.83 -5.21 27.14
C GLU C 322 15.32 -4.49 28.37
N PHE C 323 16.23 -3.77 29.02
CA PHE C 323 15.92 -2.97 30.20
C PHE C 323 16.43 -1.57 29.93
N ILE C 324 15.52 -0.60 29.90
CA ILE C 324 15.83 0.75 29.42
C ILE C 324 15.41 1.78 30.45
N GLN C 325 16.23 2.82 30.60
CA GLN C 325 15.87 4.01 31.35
C GLN C 325 16.02 5.20 30.43
N ARG C 326 14.95 5.98 30.27
CA ARG C 326 14.93 7.11 29.37
C ARG C 326 15.22 8.40 30.14
N LYS C 327 16.20 9.14 29.66
CA LYS C 327 16.55 10.44 30.23
C LYS C 327 16.43 11.50 29.14
N GLY C 328 15.25 11.62 28.54
CA GLY C 328 15.03 12.60 27.48
C GLY C 328 14.92 11.99 26.10
N ASP C 329 15.73 10.99 25.81
CA ASP C 329 15.74 10.36 24.50
C ASP C 329 14.55 9.41 24.37
N ASP C 330 13.85 9.49 23.24
CA ASP C 330 12.69 8.62 22.97
C ASP C 330 12.99 7.61 21.89
N GLY C 331 14.24 7.49 21.47
CA GLY C 331 14.64 6.50 20.50
C GLY C 331 14.81 5.12 21.12
N PHE C 332 15.50 4.26 20.38
CA PHE C 332 15.66 2.87 20.79
C PHE C 332 17.12 2.46 20.91
N GLY C 333 18.02 3.43 21.09
CA GLY C 333 19.41 3.12 21.25
C GLY C 333 20.13 2.77 19.97
N GLU C 334 19.53 3.09 18.82
CA GLU C 334 20.10 2.70 17.54
C GLU C 334 21.56 3.12 17.40
N GLY C 335 21.94 4.26 17.98
CA GLY C 335 23.31 4.73 17.87
C GLY C 335 24.32 3.79 18.45
N ASN C 336 23.87 2.80 19.24
CA ASN C 336 24.80 1.87 19.84
C ASN C 336 25.36 0.86 18.85
N PHE C 337 24.79 0.74 17.66
CA PHE C 337 25.41 -0.11 16.64
C PHE C 337 26.70 0.53 16.14
N LYS C 338 26.62 1.80 15.69
CA LYS C 338 27.82 2.52 15.31
C LYS C 338 28.80 2.57 16.47
N ALA C 339 28.30 2.92 17.66
CA ALA C 339 29.18 3.01 18.83
C ALA C 339 29.86 1.68 19.13
N LEU C 340 29.10 0.58 19.11
CA LEU C 340 29.65 -0.72 19.46
C LEU C 340 30.65 -1.21 18.41
N PHE C 341 30.31 -1.04 17.13
CA PHE C 341 31.20 -1.50 16.07
C PHE C 341 32.50 -0.69 16.06
N GLU C 342 32.38 0.65 16.11
CA GLU C 342 33.55 1.53 16.13
C GLU C 342 34.32 1.46 17.45
N SER C 343 33.83 0.71 18.44
CA SER C 343 34.62 0.41 19.63
C SER C 343 35.39 -0.89 19.49
N ILE C 344 34.86 -1.86 18.75
CA ILE C 344 35.60 -3.07 18.45
C ILE C 344 36.48 -2.80 17.23
N GLU C 345 36.49 -1.56 16.76
CA GLU C 345 37.42 -1.10 15.74
C GLU C 345 38.71 -0.57 16.35
N ARG C 346 38.64 0.05 17.52
CA ARG C 346 39.81 0.52 18.24
C ARG C 346 40.29 -0.43 19.33
N ASP C 347 39.53 -1.49 19.63
CA ASP C 347 39.94 -2.51 20.63
C ASP C 347 40.37 -3.80 19.95
N ASP D 2 9.46 21.06 20.21
CA ASP D 2 9.22 21.69 21.49
C ASP D 2 8.11 20.97 22.22
N LEU D 3 7.42 20.05 21.54
CA LEU D 3 6.45 19.23 22.23
C LEU D 3 6.40 17.78 21.76
N TYR D 4 6.95 17.47 20.57
CA TYR D 4 7.43 16.12 20.25
C TYR D 4 8.57 16.22 19.23
N GLU D 5 8.98 15.07 18.69
CA GLU D 5 10.11 14.99 17.76
C GLU D 5 9.98 15.98 16.61
N ASN D 6 11.04 16.78 16.41
CA ASN D 6 11.06 17.87 15.42
C ASN D 6 12.22 17.65 14.44
N PRO D 7 12.12 16.65 13.57
CA PRO D 7 13.22 16.40 12.63
C PRO D 7 13.51 17.54 11.68
N MET D 8 12.50 18.32 11.29
CA MET D 8 12.70 19.46 10.41
C MET D 8 13.00 20.74 11.16
N GLY D 9 13.08 20.68 12.49
CA GLY D 9 13.40 21.87 13.27
C GLY D 9 12.47 23.03 13.03
N LEU D 10 11.18 22.76 12.91
CA LEU D 10 10.21 23.83 12.72
C LEU D 10 10.18 24.74 13.92
N MET D 11 9.96 26.04 13.67
CA MET D 11 9.92 27.05 14.72
C MET D 11 8.80 28.03 14.47
N GLY D 12 7.67 27.54 13.97
CA GLY D 12 6.51 28.38 13.75
C GLY D 12 6.49 29.02 12.38
N PHE D 13 5.32 29.60 12.07
CA PHE D 13 5.18 30.35 10.84
C PHE D 13 6.20 31.47 10.79
N GLU D 14 6.82 31.65 9.61
CA GLU D 14 7.69 32.79 9.38
C GLU D 14 6.97 33.95 8.71
N PHE D 15 6.26 33.68 7.61
CA PHE D 15 5.38 34.66 6.99
C PHE D 15 4.33 33.90 6.21
N ILE D 16 3.31 34.62 5.77
CA ILE D 16 2.45 34.11 4.70
C ILE D 16 2.37 35.15 3.60
N GLU D 17 2.19 34.65 2.38
CA GLU D 17 2.29 35.44 1.16
C GLU D 17 0.93 35.56 0.51
N PHE D 18 0.62 36.75 -0.01
CA PHE D 18 -0.65 37.02 -0.65
C PHE D 18 -0.40 37.60 -2.03
N ALA D 19 -1.30 37.30 -2.97
CA ALA D 19 -1.19 37.90 -4.29
C ALA D 19 -2.60 38.08 -4.86
N SER D 20 -2.71 39.03 -5.79
CA SER D 20 -4.00 39.39 -6.40
C SER D 20 -3.82 39.75 -7.85
N PRO D 21 -4.69 39.28 -8.75
CA PRO D 21 -4.58 39.65 -10.16
C PRO D 21 -5.11 41.05 -10.44
N THR D 22 -5.71 41.70 -9.43
CA THR D 22 -6.36 42.99 -9.58
C THR D 22 -5.72 43.93 -8.57
N PRO D 23 -5.06 45.01 -9.00
CA PRO D 23 -4.33 45.86 -8.06
C PRO D 23 -5.26 46.58 -7.09
N GLY D 24 -4.66 47.13 -6.04
CA GLY D 24 -5.39 47.92 -5.06
C GLY D 24 -6.46 47.19 -4.28
N THR D 25 -6.38 45.86 -4.20
CA THR D 25 -7.42 45.08 -3.55
C THR D 25 -6.96 44.29 -2.33
N LEU D 26 -5.66 44.03 -2.18
CA LEU D 26 -5.15 43.48 -0.93
C LEU D 26 -4.66 44.57 0.01
N GLU D 27 -4.22 45.70 -0.53
CA GLU D 27 -3.69 46.77 0.32
C GLU D 27 -4.72 47.29 1.32
N PRO D 28 -5.98 47.56 0.95
CA PRO D 28 -6.94 47.99 1.98
C PRO D 28 -7.26 46.90 3.00
N ILE D 29 -7.19 45.63 2.63
CA ILE D 29 -7.64 44.57 3.54
C ILE D 29 -6.62 44.33 4.66
N PHE D 30 -5.34 44.59 4.39
CA PHE D 30 -4.34 44.49 5.44
C PHE D 30 -4.49 45.62 6.45
N GLU D 31 -4.77 46.85 5.98
CA GLU D 31 -4.85 47.98 6.89
C GLU D 31 -6.02 47.81 7.85
N ILE D 32 -7.19 47.44 7.32
CA ILE D 32 -8.37 47.35 8.19
C ILE D 32 -8.24 46.23 9.20
N MET D 33 -7.34 45.25 8.97
CA MET D 33 -7.05 44.17 9.91
C MET D 33 -5.99 44.55 10.93
N GLY D 34 -5.48 45.78 10.88
CA GLY D 34 -4.50 46.25 11.83
C GLY D 34 -3.06 46.12 11.39
N PHE D 35 -2.82 45.85 10.12
CA PHE D 35 -1.47 45.71 9.60
C PHE D 35 -1.04 47.03 8.95
N THR D 36 0.28 47.25 8.90
CA THR D 36 0.82 48.47 8.34
C THR D 36 2.04 48.14 7.50
N LYS D 37 2.07 48.67 6.28
CA LYS D 37 3.27 48.59 5.45
C LYS D 37 4.45 49.12 6.24
N VAL D 38 5.53 48.33 6.30
CA VAL D 38 6.69 48.72 7.09
C VAL D 38 7.97 48.59 6.26
N ALA D 39 7.87 47.93 5.11
CA ALA D 39 9.06 47.70 4.29
C ALA D 39 8.64 47.32 2.89
N THR D 40 9.53 47.64 1.94
CA THR D 40 9.36 47.28 0.55
C THR D 40 10.61 46.53 0.09
N HIS D 41 10.41 45.54 -0.77
CA HIS D 41 11.51 44.72 -1.25
C HIS D 41 12.60 45.57 -1.89
N ARG D 42 13.83 45.05 -1.82
CA ARG D 42 14.96 45.78 -2.41
C ARG D 42 14.82 45.95 -3.91
N SER D 43 14.19 44.98 -4.59
CA SER D 43 14.19 44.96 -6.05
C SER D 43 12.92 44.42 -6.68
N LYS D 44 11.92 44.05 -5.90
CA LYS D 44 10.69 43.46 -6.42
C LYS D 44 9.51 44.25 -5.88
N ASN D 45 8.40 44.25 -6.63
CA ASN D 45 7.19 44.91 -6.17
C ASN D 45 6.47 44.01 -5.18
N VAL D 46 7.08 43.88 -4.01
CA VAL D 46 6.48 43.13 -2.91
C VAL D 46 6.72 43.93 -1.64
N HIS D 47 5.75 43.88 -0.73
CA HIS D 47 5.70 44.79 0.40
C HIS D 47 5.39 44.02 1.68
N LEU D 48 6.08 44.37 2.75
CA LEU D 48 5.94 43.66 4.01
C LEU D 48 4.99 44.42 4.92
N TYR D 49 3.90 43.77 5.31
CA TYR D 49 2.96 44.30 6.30
C TYR D 49 3.16 43.57 7.61
N ARG D 50 3.11 44.31 8.71
CA ARG D 50 3.47 43.74 9.98
C ARG D 50 2.45 44.11 11.05
N GLN D 51 2.30 43.19 12.01
CA GLN D 51 1.49 43.35 13.20
C GLN D 51 2.00 42.32 14.21
N GLY D 52 2.40 42.78 15.39
CA GLY D 52 2.98 41.85 16.34
C GLY D 52 4.14 41.10 15.72
N GLU D 53 4.17 39.78 15.93
CA GLU D 53 5.18 38.94 15.29
C GLU D 53 4.70 38.39 13.93
N ILE D 54 3.53 38.80 13.47
CA ILE D 54 2.99 38.33 12.19
C ILE D 54 3.65 39.10 11.06
N ASN D 55 4.11 38.37 10.05
CA ASN D 55 4.72 38.92 8.85
C ASN D 55 3.88 38.54 7.66
N LEU D 56 3.26 39.53 7.01
CA LEU D 56 2.46 39.31 5.81
C LEU D 56 3.18 39.90 4.59
N ILE D 57 3.27 39.11 3.52
CA ILE D 57 3.93 39.51 2.28
C ILE D 57 2.86 39.66 1.21
N LEU D 58 2.73 40.85 0.66
CA LEU D 58 1.97 41.10 -0.56
C LEU D 58 2.93 41.05 -1.75
N ASN D 59 2.84 39.99 -2.57
CA ASN D 59 3.69 39.86 -3.75
C ASN D 59 2.90 40.32 -4.97
N ASN D 60 3.25 41.51 -5.47
CA ASN D 60 2.67 42.12 -6.64
C ASN D 60 3.42 41.76 -7.92
N GLU D 61 4.58 41.10 -7.82
CA GLU D 61 5.50 41.04 -8.94
C GLU D 61 4.87 40.32 -10.13
N PRO D 62 4.94 40.90 -11.34
CA PRO D 62 4.35 40.26 -12.51
C PRO D 62 5.13 39.03 -12.96
N ASN D 63 4.51 38.29 -13.89
CA ASN D 63 5.14 37.13 -14.54
C ASN D 63 5.86 36.25 -13.52
N SER D 64 5.16 35.93 -12.45
CA SER D 64 5.78 35.27 -11.32
C SER D 64 4.95 34.08 -10.87
N ILE D 65 5.63 33.22 -10.13
CA ILE D 65 5.06 32.23 -9.24
C ILE D 65 3.75 32.72 -8.66
N ALA D 66 3.84 33.83 -7.92
CA ALA D 66 2.68 34.37 -7.22
C ALA D 66 1.61 34.86 -8.20
N SER D 67 2.03 35.62 -9.22
CA SER D 67 1.06 36.19 -10.15
C SER D 67 0.24 35.10 -10.82
N TYR D 68 0.89 34.01 -11.27
CA TYR D 68 0.14 32.93 -11.89
C TYR D 68 -0.83 32.30 -10.90
N PHE D 69 -0.37 32.08 -9.67
CA PHE D 69 -1.25 31.51 -8.65
C PHE D 69 -2.48 32.39 -8.44
N ALA D 70 -2.28 33.69 -8.23
CA ALA D 70 -3.41 34.59 -8.06
C ALA D 70 -4.29 34.63 -9.31
N ALA D 71 -3.70 34.47 -10.49
CA ALA D 71 -4.51 34.47 -11.71
C ALA D 71 -5.43 33.26 -11.78
N GLU D 72 -5.00 32.12 -11.25
CA GLU D 72 -5.85 30.93 -11.26
C GLU D 72 -6.81 30.86 -10.08
N HIS D 73 -6.47 31.52 -8.96
CA HIS D 73 -7.23 31.41 -7.71
C HIS D 73 -7.66 32.75 -7.13
N GLY D 74 -7.49 33.86 -7.86
CA GLY D 74 -7.92 35.16 -7.37
C GLY D 74 -7.09 35.61 -6.19
N PRO D 75 -7.55 36.65 -5.48
CA PRO D 75 -6.84 37.06 -4.26
C PRO D 75 -6.78 35.88 -3.31
N SER D 76 -5.59 35.65 -2.74
CA SER D 76 -5.38 34.37 -2.09
C SER D 76 -4.09 34.41 -1.29
N VAL D 77 -3.99 33.47 -0.36
CA VAL D 77 -2.69 33.15 0.21
C VAL D 77 -1.97 32.32 -0.83
N CYS D 78 -0.99 32.90 -1.48
CA CYS D 78 -0.25 32.23 -2.54
C CYS D 78 0.98 31.52 -2.02
N GLY D 79 1.18 31.50 -0.71
CA GLY D 79 2.41 30.97 -0.17
C GLY D 79 2.55 31.05 1.33
N MET D 80 3.43 30.21 1.87
CA MET D 80 3.49 30.00 3.29
C MET D 80 4.92 29.64 3.65
N ALA D 81 5.45 30.25 4.71
CA ALA D 81 6.81 29.97 5.13
C ALA D 81 6.83 29.39 6.53
N PHE D 82 7.71 28.41 6.72
CA PHE D 82 8.01 27.81 8.01
C PHE D 82 9.39 28.28 8.43
N ARG D 83 9.50 28.78 9.64
CA ARG D 83 10.82 28.94 10.24
C ARG D 83 11.42 27.57 10.56
N VAL D 84 12.70 27.41 10.25
CA VAL D 84 13.44 26.18 10.52
C VAL D 84 14.83 26.54 11.03
N LYS D 85 15.40 25.64 11.85
CA LYS D 85 16.76 25.87 12.36
C LYS D 85 17.74 26.00 11.21
N ASP D 86 17.68 25.06 10.28
CA ASP D 86 18.62 24.97 9.17
C ASP D 86 17.80 24.59 7.95
N SER D 87 17.77 25.46 6.95
CA SER D 87 16.85 25.22 5.85
C SER D 87 17.45 24.30 4.79
N GLN D 88 18.76 24.29 4.63
CA GLN D 88 19.39 23.32 3.75
C GLN D 88 19.14 21.89 4.22
N LYS D 89 19.28 21.65 5.53
CA LYS D 89 18.95 20.34 6.07
C LYS D 89 17.47 20.01 5.83
N ALA D 90 16.59 20.99 6.07
CA ALA D 90 15.15 20.74 5.97
C ALA D 90 14.74 20.51 4.52
N TYR D 91 15.20 21.36 3.61
CA TYR D 91 14.90 21.22 2.19
C TYR D 91 15.37 19.87 1.66
N ASN D 92 16.65 19.56 1.87
CA ASN D 92 17.22 18.30 1.42
C ASN D 92 16.41 17.12 1.93
N ARG D 93 15.99 17.17 3.20
CA ARG D 93 15.26 16.03 3.77
C ARG D 93 13.88 15.90 3.14
N ALA D 94 13.18 17.02 2.92
CA ALA D 94 11.87 16.98 2.29
C ALA D 94 11.98 16.34 0.90
N LEU D 95 12.97 16.77 0.10
CA LEU D 95 13.20 16.11 -1.18
C LEU D 95 13.48 14.63 -1.00
N GLU D 96 14.31 14.27 -0.01
CA GLU D 96 14.58 12.87 0.26
C GLU D 96 13.29 12.12 0.51
N LEU D 97 12.36 12.74 1.23
CA LEU D 97 11.10 12.09 1.55
C LEU D 97 10.04 12.24 0.45
N GLY D 98 10.39 12.84 -0.68
CA GLY D 98 9.54 12.80 -1.85
C GLY D 98 8.79 14.07 -2.15
N ALA D 99 9.13 15.18 -1.51
CA ALA D 99 8.54 16.46 -1.85
C ALA D 99 9.11 16.95 -3.18
N GLN D 100 8.37 17.79 -3.82
CA GLN D 100 8.84 18.34 -5.06
C GLN D 100 9.20 19.80 -4.87
N PRO D 101 10.30 20.26 -5.46
CA PRO D 101 10.71 21.64 -5.27
C PRO D 101 9.92 22.57 -6.16
N ILE D 102 9.86 23.83 -5.75
CA ILE D 102 9.26 24.91 -6.51
C ILE D 102 10.30 25.99 -6.68
N HIS D 103 10.75 26.20 -7.92
CA HIS D 103 11.64 27.29 -8.24
C HIS D 103 10.99 28.63 -7.96
N ILE D 104 11.57 29.41 -7.06
CA ILE D 104 11.19 30.81 -6.86
C ILE D 104 12.31 31.65 -7.44
N ASP D 105 12.04 32.33 -8.55
CA ASP D 105 13.11 33.07 -9.21
C ASP D 105 13.65 34.15 -8.29
N THR D 106 14.96 34.36 -8.34
CA THR D 106 15.59 35.30 -7.43
C THR D 106 16.57 36.16 -8.23
N GLY D 107 16.66 37.44 -7.86
CA GLY D 107 17.45 38.38 -8.59
C GLY D 107 18.81 38.61 -7.98
N PRO D 108 19.69 39.29 -8.72
CA PRO D 108 21.01 39.65 -8.19
C PRO D 108 20.95 40.26 -6.80
N MET D 109 21.79 39.72 -5.91
CA MET D 109 22.04 40.24 -4.56
C MET D 109 20.86 40.07 -3.62
N GLU D 110 19.92 39.20 -3.96
CA GLU D 110 18.84 38.81 -3.06
C GLU D 110 19.01 37.34 -2.66
N LEU D 111 18.14 36.90 -1.74
CA LEU D 111 18.26 35.60 -1.10
C LEU D 111 17.56 34.52 -1.90
N ASN D 112 18.25 33.40 -2.08
CA ASN D 112 17.63 32.21 -2.65
C ASN D 112 16.77 31.55 -1.57
N LEU D 113 15.45 31.69 -1.68
CA LEU D 113 14.55 31.13 -0.69
C LEU D 113 14.12 29.74 -1.14
N PRO D 114 14.55 28.69 -0.44
CA PRO D 114 14.10 27.34 -0.81
C PRO D 114 12.63 27.12 -0.48
N ALA D 115 11.98 26.30 -1.31
CA ALA D 115 10.57 26.02 -1.13
C ALA D 115 10.22 24.72 -1.84
N ILE D 116 9.17 24.08 -1.34
CA ILE D 116 8.63 22.85 -1.90
C ILE D 116 7.18 23.09 -2.31
N LYS D 117 6.65 22.16 -3.11
CA LYS D 117 5.26 22.23 -3.53
C LYS D 117 4.36 21.93 -2.35
N GLY D 118 3.47 22.86 -2.03
CA GLY D 118 2.48 22.65 -1.00
C GLY D 118 1.06 22.63 -1.51
N ILE D 119 0.11 23.00 -0.65
CA ILE D 119 -1.29 22.90 -1.02
C ILE D 119 -1.58 23.84 -2.20
N GLY D 120 -2.37 23.34 -3.15
CA GLY D 120 -2.69 24.10 -4.36
C GLY D 120 -1.44 24.46 -5.15
N GLY D 121 -0.34 23.77 -4.86
CA GLY D 121 0.93 24.09 -5.47
C GLY D 121 1.56 25.37 -4.99
N ALA D 122 1.03 25.98 -3.93
CA ALA D 122 1.67 27.15 -3.38
C ALA D 122 3.03 26.78 -2.80
N PRO D 123 4.02 27.65 -2.89
CA PRO D 123 5.33 27.34 -2.32
C PRO D 123 5.26 27.32 -0.80
N LEU D 124 5.90 26.31 -0.22
CA LEU D 124 6.15 26.24 1.21
C LEU D 124 7.63 26.55 1.40
N TYR D 125 7.92 27.78 1.81
CA TYR D 125 9.29 28.19 2.06
C TYR D 125 9.80 27.60 3.38
N LEU D 126 11.10 27.32 3.42
CA LEU D 126 11.76 26.86 4.63
C LEU D 126 12.84 27.88 4.94
N ILE D 127 12.62 28.73 5.95
CA ILE D 127 13.41 29.93 6.19
C ILE D 127 14.14 29.77 7.51
N ASP D 128 15.46 29.99 7.48
CA ASP D 128 16.31 29.85 8.66
C ASP D 128 17.03 31.15 9.03
N ARG D 129 16.51 32.30 8.59
CA ARG D 129 17.02 33.60 8.97
C ARG D 129 15.85 34.40 9.56
N PHE D 130 16.05 34.95 10.75
CA PHE D 130 14.94 35.59 11.46
C PHE D 130 15.50 36.34 12.66
N GLY D 131 14.64 37.17 13.26
CA GLY D 131 15.02 37.94 14.42
C GLY D 131 15.68 39.25 14.05
N GLU D 132 15.84 40.11 15.06
CA GLU D 132 16.33 41.47 14.90
C GLU D 132 17.62 41.52 14.09
N GLY D 133 17.59 42.27 13.00
CA GLY D 133 18.78 42.50 12.18
C GLY D 133 19.28 41.30 11.40
N SER D 134 18.68 40.12 11.59
CA SER D 134 19.12 38.92 10.92
C SER D 134 18.06 38.32 10.00
N SER D 135 16.86 38.87 10.00
CA SER D 135 15.75 38.29 9.26
C SER D 135 15.93 38.50 7.76
N ILE D 136 15.10 37.79 6.99
CA ILE D 136 15.09 38.01 5.56
C ILE D 136 14.58 39.40 5.24
N TYR D 137 13.79 40.00 6.14
CA TYR D 137 13.28 41.35 5.88
C TYR D 137 14.39 42.38 6.05
N ASP D 138 15.21 42.24 7.09
CA ASP D 138 16.40 43.09 7.22
C ASP D 138 17.32 42.99 6.02
N ILE D 139 17.26 41.90 5.26
CA ILE D 139 18.20 41.68 4.17
C ILE D 139 17.57 42.02 2.83
N ASP D 140 16.43 41.42 2.52
CA ASP D 140 15.83 41.57 1.20
C ASP D 140 14.85 42.72 1.12
N PHE D 141 14.54 43.39 2.24
CA PHE D 141 13.61 44.49 2.24
C PHE D 141 14.30 45.77 2.72
N VAL D 142 13.63 46.88 2.43
CA VAL D 142 14.03 48.20 2.89
C VAL D 142 12.85 48.76 3.67
N TYR D 143 13.06 49.02 4.95
CA TYR D 143 11.99 49.61 5.73
C TYR D 143 11.79 51.06 5.35
N LEU D 144 10.53 51.49 5.40
CA LEU D 144 10.24 52.91 5.29
C LEU D 144 10.95 53.65 6.41
N GLU D 145 11.56 54.79 6.07
CA GLU D 145 12.23 55.60 7.07
C GLU D 145 11.22 56.14 8.09
N GLY D 146 11.61 56.12 9.36
CA GLY D 146 10.77 56.68 10.40
C GLY D 146 9.78 55.71 11.02
N VAL D 147 8.86 55.19 10.22
CA VAL D 147 7.72 54.45 10.77
C VAL D 147 8.20 53.14 11.41
N GLU D 148 7.78 52.94 12.65
CA GLU D 148 8.30 51.87 13.50
C GLU D 148 8.25 50.51 12.82
N ARG D 149 9.28 49.70 13.11
CA ARG D 149 9.46 48.41 12.47
C ARG D 149 8.62 47.31 13.10
N ASN D 150 8.14 47.50 14.33
CA ASN D 150 7.46 46.46 15.09
C ASN D 150 6.08 46.92 15.55
N PRO D 151 5.17 47.24 14.62
CA PRO D 151 3.85 47.71 15.03
C PRO D 151 3.12 46.69 15.90
N VAL D 152 2.30 47.22 16.81
CA VAL D 152 1.40 46.39 17.61
C VAL D 152 -0.01 46.37 17.02
N GLY D 153 -0.36 47.36 16.20
CA GLY D 153 -1.62 47.31 15.45
C GLY D 153 -2.83 47.24 16.37
N ALA D 154 -3.75 46.33 16.04
CA ALA D 154 -4.90 46.05 16.88
C ALA D 154 -4.64 44.95 17.90
N GLY D 155 -3.37 44.65 18.18
CA GLY D 155 -3.03 43.66 19.16
C GLY D 155 -2.95 42.23 18.67
N LEU D 156 -3.03 42.00 17.36
CA LEU D 156 -2.82 40.65 16.83
C LEU D 156 -1.35 40.26 16.99
N LYS D 157 -1.12 39.07 17.51
CA LYS D 157 0.21 38.69 18.01
C LYS D 157 0.93 37.69 17.14
N VAL D 158 0.27 36.60 16.74
CA VAL D 158 0.88 35.56 15.92
C VAL D 158 -0.20 34.94 15.05
N ILE D 159 0.24 34.29 13.97
CA ILE D 159 -0.62 33.36 13.28
C ILE D 159 -0.88 32.18 14.21
N ASP D 160 -2.15 31.98 14.57
CA ASP D 160 -2.50 30.86 15.43
C ASP D 160 -2.63 29.59 14.61
N HIS D 161 -3.32 29.67 13.49
CA HIS D 161 -3.45 28.53 12.60
C HIS D 161 -3.92 29.05 11.25
N LEU D 162 -3.80 28.18 10.26
CA LEU D 162 -4.40 28.42 8.96
C LEU D 162 -4.89 27.07 8.46
N THR D 163 -6.12 27.06 7.96
CA THR D 163 -6.79 25.83 7.57
C THR D 163 -6.79 25.70 6.06
N HIS D 164 -6.53 24.50 5.57
CA HIS D 164 -6.64 24.19 4.16
C HIS D 164 -8.01 23.60 3.86
N ASN D 165 -8.57 23.95 2.72
CA ASN D 165 -9.76 23.29 2.22
C ASN D 165 -9.33 22.39 1.07
N VAL D 166 -9.74 21.13 1.11
CA VAL D 166 -9.24 20.15 0.17
C VAL D 166 -10.40 19.37 -0.43
N TYR D 167 -10.15 18.81 -1.62
CA TYR D 167 -11.13 17.97 -2.29
C TYR D 167 -11.40 16.72 -1.47
N ARG D 168 -12.58 16.13 -1.71
CA ARG D 168 -12.98 14.99 -0.90
C ARG D 168 -12.01 13.85 -1.14
N GLY D 169 -11.51 13.25 -0.06
CA GLY D 169 -10.52 12.21 -0.10
C GLY D 169 -9.10 12.68 0.10
N ARG D 170 -8.79 13.92 -0.28
CA ARG D 170 -7.43 14.44 -0.16
C ARG D 170 -7.04 14.78 1.28
N MET D 171 -7.99 14.75 2.23
CA MET D 171 -7.66 15.12 3.61
C MET D 171 -6.67 14.14 4.22
N VAL D 172 -6.67 12.89 3.78
CA VAL D 172 -5.66 11.94 4.24
C VAL D 172 -4.36 12.11 3.45
N TYR D 173 -4.43 12.54 2.19
CA TYR D 173 -3.21 12.84 1.45
C TYR D 173 -2.44 13.95 2.15
N TRP D 174 -3.10 15.08 2.44
CA TRP D 174 -2.40 16.21 3.04
C TRP D 174 -2.04 15.95 4.48
N ALA D 175 -2.81 15.11 5.18
CA ALA D 175 -2.42 14.70 6.52
C ALA D 175 -1.11 13.92 6.48
N ASN D 176 -0.98 12.99 5.52
CA ASN D 176 0.25 12.23 5.38
C ASN D 176 1.37 13.08 4.82
N PHE D 177 1.04 14.11 4.02
CA PHE D 177 2.06 15.06 3.56
C PHE D 177 2.74 15.73 4.75
N TYR D 178 1.94 16.22 5.70
CA TYR D 178 2.54 16.90 6.84
C TYR D 178 3.10 15.92 7.86
N GLU D 179 2.49 14.73 7.98
CA GLU D 179 3.05 13.69 8.86
C GLU D 179 4.41 13.23 8.36
N LYS D 180 4.46 12.77 7.11
CA LYS D 180 5.71 12.22 6.59
C LYS D 180 6.81 13.28 6.56
N LEU D 181 6.48 14.50 6.17
CA LEU D 181 7.52 15.50 5.91
C LEU D 181 7.99 16.21 7.17
N PHE D 182 7.06 16.58 8.06
CA PHE D 182 7.40 17.41 9.22
C PHE D 182 7.01 16.78 10.55
N ASN D 183 6.50 15.55 10.52
CA ASN D 183 6.04 14.85 11.73
C ASN D 183 4.94 15.65 12.43
N PHE D 184 4.02 16.21 11.64
CA PHE D 184 2.77 16.64 12.25
C PHE D 184 2.02 15.42 12.76
N ARG D 185 1.18 15.64 13.76
CA ARG D 185 0.26 14.60 14.21
C ARG D 185 -1.14 15.18 14.35
N GLU D 186 -2.11 14.28 14.39
CA GLU D 186 -3.53 14.60 14.31
C GLU D 186 -4.08 14.76 15.71
N ALA D 187 -3.98 15.96 16.26
CA ALA D 187 -4.50 16.24 17.60
C ALA D 187 -5.97 16.63 17.53
N THR D 200 -16.29 17.92 8.75
CA THR D 200 -15.31 16.90 9.06
C THR D 200 -13.88 17.36 8.70
N SER D 201 -12.97 17.18 9.64
CA SER D 201 -11.70 17.89 9.56
C SER D 201 -10.65 17.16 10.37
N LYS D 202 -9.39 17.40 10.01
CA LYS D 202 -8.24 16.84 10.72
C LYS D 202 -7.33 18.00 11.11
N ALA D 203 -7.15 18.19 12.42
CA ALA D 203 -6.28 19.24 12.95
C ALA D 203 -4.85 18.71 13.05
N MET D 204 -3.99 19.12 12.12
CA MET D 204 -2.58 18.74 12.17
C MET D 204 -1.82 19.76 13.01
N SER D 205 -0.98 19.26 13.91
CA SER D 205 -0.15 20.10 14.77
C SER D 205 1.31 19.73 14.56
N ALA D 206 2.13 20.75 14.30
CA ALA D 206 3.55 20.56 14.12
C ALA D 206 4.21 20.30 15.46
N PRO D 207 5.38 19.64 15.44
CA PRO D 207 6.08 19.36 16.71
C PRO D 207 6.54 20.60 17.45
N ASP D 208 6.53 21.78 16.82
CA ASP D 208 6.96 22.98 17.50
C ASP D 208 5.90 23.54 18.44
N GLY D 209 4.70 22.98 18.43
CA GLY D 209 3.64 23.56 19.23
C GLY D 209 3.08 24.86 18.69
N MET D 210 3.57 25.34 17.56
CA MET D 210 3.17 26.64 17.03
C MET D 210 2.35 26.55 15.76
N ILE D 211 2.79 25.71 14.81
CA ILE D 211 2.14 25.60 13.52
C ILE D 211 0.93 24.68 13.65
N ARG D 212 -0.25 25.20 13.35
CA ARG D 212 -1.45 24.39 13.30
C ARG D 212 -2.05 24.53 11.90
N ILE D 213 -2.36 23.41 11.28
CA ILE D 213 -2.94 23.44 9.94
C ILE D 213 -4.09 22.44 9.90
N PRO D 214 -5.29 22.85 10.32
CA PRO D 214 -6.46 21.98 10.12
C PRO D 214 -6.77 21.84 8.65
N LEU D 215 -7.18 20.63 8.26
CA LEU D 215 -7.55 20.32 6.89
C LEU D 215 -9.04 20.00 6.85
N ASN D 216 -9.73 20.57 5.86
CA ASN D 216 -11.17 20.40 5.71
C ASN D 216 -11.52 19.78 4.37
N GLU D 217 -12.46 18.83 4.40
CA GLU D 217 -13.23 18.38 3.24
C GLU D 217 -14.67 18.28 3.69
N GLU D 218 -15.62 18.48 2.78
CA GLU D 218 -16.99 18.53 3.29
C GLU D 218 -17.54 17.13 3.51
N GLN D 225 -20.28 24.48 2.42
CA GLN D 225 -19.31 25.43 2.94
C GLN D 225 -17.92 25.21 2.34
N ILE D 226 -17.49 23.95 2.27
CA ILE D 226 -16.14 23.67 1.76
C ILE D 226 -16.15 23.58 0.24
N GLU D 227 -17.18 22.95 -0.32
CA GLU D 227 -17.32 22.84 -1.76
C GLU D 227 -17.36 24.21 -2.43
N GLU D 228 -18.08 25.16 -1.81
CA GLU D 228 -18.20 26.50 -2.37
C GLU D 228 -16.86 27.23 -2.34
N PHE D 229 -16.00 26.92 -1.36
CA PHE D 229 -14.64 27.43 -1.39
C PHE D 229 -13.87 26.85 -2.58
N LEU D 230 -13.86 25.52 -2.68
CA LEU D 230 -13.11 24.86 -3.74
C LEU D 230 -13.53 25.38 -5.11
N MET D 231 -14.83 25.61 -5.31
CA MET D 231 -15.29 26.13 -6.59
C MET D 231 -14.79 27.54 -6.83
N GLN D 232 -15.01 28.43 -5.85
CA GLN D 232 -14.60 29.81 -6.01
C GLN D 232 -13.09 29.96 -6.09
N PHE D 233 -12.36 29.13 -5.36
CA PHE D 233 -10.91 29.22 -5.34
C PHE D 233 -10.28 28.54 -6.54
N ASN D 234 -11.02 27.66 -7.22
CA ASN D 234 -10.51 26.86 -8.33
C ASN D 234 -9.37 25.96 -7.86
N GLY D 235 -9.59 25.27 -6.74
CA GLY D 235 -8.63 24.31 -6.25
C GLY D 235 -8.55 24.34 -4.73
N GLU D 236 -7.59 23.56 -4.22
CA GLU D 236 -7.33 23.51 -2.79
C GLU D 236 -6.52 24.73 -2.37
N GLY D 237 -6.71 25.17 -1.14
CA GLY D 237 -5.96 26.33 -0.66
C GLY D 237 -6.35 26.73 0.75
N ILE D 238 -5.67 27.76 1.24
CA ILE D 238 -5.89 28.23 2.59
C ILE D 238 -7.24 28.93 2.65
N GLN D 239 -8.16 28.39 3.45
CA GLN D 239 -9.50 28.95 3.52
C GLN D 239 -9.54 30.14 4.47
N HIS D 240 -8.90 30.04 5.64
CA HIS D 240 -8.85 31.19 6.53
C HIS D 240 -7.58 31.13 7.34
N VAL D 241 -7.14 32.30 7.78
CA VAL D 241 -5.96 32.49 8.62
C VAL D 241 -6.43 33.08 9.94
N ALA D 242 -6.03 32.46 11.04
CA ALA D 242 -6.48 32.87 12.37
C ALA D 242 -5.35 33.55 13.12
N PHE D 243 -5.65 34.74 13.65
CA PHE D 243 -4.68 35.56 14.35
C PHE D 243 -5.00 35.59 15.84
N LEU D 244 -4.01 35.25 16.65
CA LEU D 244 -4.11 35.34 18.10
C LEU D 244 -4.08 36.80 18.55
N THR D 245 -4.79 37.08 19.65
CA THR D 245 -4.66 38.34 20.37
C THR D 245 -4.81 38.05 21.86
N ASP D 246 -4.23 38.94 22.67
CA ASP D 246 -4.36 38.80 24.11
C ASP D 246 -5.70 39.29 24.64
N ASP D 247 -6.42 40.13 23.90
CA ASP D 247 -7.79 40.46 24.27
C ASP D 247 -8.61 40.75 23.02
N LEU D 248 -9.66 39.93 22.80
CA LEU D 248 -10.47 40.08 21.59
C LEU D 248 -11.32 41.34 21.65
N VAL D 249 -11.86 41.67 22.82
CA VAL D 249 -12.73 42.83 22.95
C VAL D 249 -11.97 44.11 22.61
N LYS D 250 -10.75 44.26 23.14
CA LYS D 250 -9.97 45.46 22.84
C LYS D 250 -9.44 45.42 21.41
N THR D 251 -9.06 44.23 20.93
CA THR D 251 -8.73 44.08 19.51
C THR D 251 -9.92 44.43 18.63
N TRP D 252 -11.12 43.99 19.04
CA TRP D 252 -12.34 44.28 18.28
C TRP D 252 -12.55 45.78 18.14
N ASP D 253 -12.53 46.50 19.27
CA ASP D 253 -12.66 47.95 19.21
C ASP D 253 -11.60 48.55 18.30
N ALA D 254 -10.37 48.05 18.41
CA ALA D 254 -9.27 48.59 17.60
C ALA D 254 -9.51 48.33 16.12
N LEU D 255 -9.95 47.12 15.79
CA LEU D 255 -10.23 46.77 14.39
C LEU D 255 -11.40 47.58 13.84
N LYS D 256 -12.49 47.70 14.60
CA LYS D 256 -13.66 48.40 14.10
C LYS D 256 -13.38 49.87 13.85
N LYS D 257 -12.38 50.45 14.53
CA LYS D 257 -12.04 51.86 14.36
C LYS D 257 -11.34 52.15 13.04
N ILE D 258 -10.91 51.12 12.31
CA ILE D 258 -10.27 51.32 11.01
C ILE D 258 -11.06 50.68 9.87
N GLY D 259 -12.29 50.25 10.14
CA GLY D 259 -13.15 49.75 9.08
C GLY D 259 -13.12 48.25 8.90
N MET D 260 -12.91 47.48 9.98
CA MET D 260 -12.87 46.04 9.85
C MET D 260 -14.27 45.50 9.66
N ARG D 261 -14.43 44.60 8.70
CA ARG D 261 -15.73 44.04 8.33
C ARG D 261 -15.81 42.61 8.87
N PHE D 262 -16.68 42.40 9.85
CA PHE D 262 -16.90 41.09 10.44
C PHE D 262 -18.14 40.43 9.84
N MET D 263 -18.23 39.11 10.03
CA MET D 263 -19.49 38.40 9.87
C MET D 263 -20.60 39.16 10.59
N THR D 264 -21.81 39.11 10.04
CA THR D 264 -22.93 39.69 10.77
C THR D 264 -23.09 38.94 12.09
N ALA D 265 -23.38 39.72 13.14
CA ALA D 265 -23.48 39.17 14.48
C ALA D 265 -24.54 38.06 14.53
N PRO D 266 -24.41 37.14 15.48
CA PRO D 266 -25.38 36.03 15.57
C PRO D 266 -26.70 36.49 16.15
N PRO D 267 -27.69 35.60 16.28
CA PRO D 267 -28.95 35.99 16.92
C PRO D 267 -28.87 35.95 18.44
N ASP D 268 -29.52 36.93 19.08
CA ASP D 268 -29.56 37.10 20.54
C ASP D 268 -29.79 35.80 21.31
N THR D 269 -30.61 34.90 20.75
CA THR D 269 -30.83 33.60 21.38
C THR D 269 -29.52 32.85 21.60
N TYR D 270 -28.58 33.00 20.65
CA TYR D 270 -27.24 32.44 20.82
C TYR D 270 -26.67 32.80 22.18
N TYR D 271 -26.96 34.01 22.64
CA TYR D 271 -26.49 34.48 23.93
C TYR D 271 -27.40 34.11 25.09
N GLU D 272 -28.64 33.68 24.81
CA GLU D 272 -29.44 33.10 25.89
C GLU D 272 -29.02 31.66 26.15
N MET D 273 -28.82 30.88 25.08
CA MET D 273 -28.25 29.54 25.20
C MET D 273 -26.83 29.57 25.75
N LEU D 274 -26.21 30.76 25.81
CA LEU D 274 -24.84 30.97 26.24
C LEU D 274 -24.57 30.44 27.64
N GLU D 275 -25.13 31.12 28.65
CA GLU D 275 -24.87 30.73 30.04
C GLU D 275 -25.23 29.26 30.27
N GLY D 276 -26.30 28.80 29.62
CA GLY D 276 -26.69 27.40 29.75
C GLY D 276 -25.62 26.45 29.22
N ARG D 277 -25.17 26.67 27.98
CA ARG D 277 -24.19 25.76 27.40
C ARG D 277 -22.82 25.89 28.06
N LEU D 278 -22.51 27.02 28.69
CA LEU D 278 -21.25 27.23 29.40
C LEU D 278 -21.51 27.71 30.83
N PRO D 279 -21.84 26.78 31.77
CA PRO D 279 -21.87 27.13 33.20
C PRO D 279 -20.71 27.98 33.68
N ASP D 280 -21.02 28.99 34.50
CA ASP D 280 -20.05 29.97 34.98
C ASP D 280 -19.40 30.73 33.83
N HIS D 281 -18.57 30.03 33.06
CA HIS D 281 -17.65 30.56 32.03
C HIS D 281 -16.93 31.85 32.44
N GLY D 282 -17.66 32.85 32.94
CA GLY D 282 -17.04 34.03 33.50
C GLY D 282 -16.68 35.11 32.51
N GLU D 283 -17.57 35.35 31.54
CA GLU D 283 -17.29 36.24 30.42
C GLU D 283 -18.38 37.29 30.32
N PRO D 284 -18.03 38.57 30.21
CA PRO D 284 -19.03 39.63 30.08
C PRO D 284 -19.94 39.45 28.87
N VAL D 285 -21.02 38.69 29.05
CA VAL D 285 -21.99 38.38 28.00
C VAL D 285 -22.38 39.64 27.22
N ASP D 286 -22.34 40.79 27.90
CA ASP D 286 -22.78 42.04 27.30
C ASP D 286 -21.86 42.48 26.17
N GLN D 287 -20.55 42.51 26.43
CA GLN D 287 -19.62 43.06 25.47
C GLN D 287 -19.40 42.13 24.29
N LEU D 288 -19.58 40.83 24.51
CA LEU D 288 -19.54 39.88 23.40
C LEU D 288 -20.68 40.17 22.42
N GLN D 289 -21.88 40.41 22.95
CA GLN D 289 -23.02 40.62 22.05
C GLN D 289 -22.95 41.98 21.37
N ALA D 290 -22.49 43.01 22.08
CA ALA D 290 -22.29 44.32 21.47
C ALA D 290 -21.36 44.24 20.27
N ARG D 291 -20.70 43.09 20.08
CA ARG D 291 -19.68 42.94 19.07
C ARG D 291 -19.82 41.69 18.19
N GLY D 292 -20.80 40.83 18.46
CA GLY D 292 -20.95 39.60 17.70
C GLY D 292 -19.88 38.55 17.97
N ILE D 293 -19.18 38.63 19.10
CA ILE D 293 -18.13 37.69 19.45
C ILE D 293 -18.74 36.35 19.88
N LEU D 294 -18.10 35.26 19.49
CA LEU D 294 -18.56 33.92 19.83
C LEU D 294 -17.67 33.28 20.89
N LEU D 295 -18.20 32.22 21.50
CA LEU D 295 -17.59 31.61 22.68
C LEU D 295 -17.65 30.09 22.57
N ASP D 296 -16.64 29.43 23.12
CA ASP D 296 -16.60 27.97 23.11
C ASP D 296 -15.64 27.49 24.20
N GLY D 297 -15.85 26.24 24.62
CA GLY D 297 -15.01 25.58 25.60
C GLY D 297 -15.83 24.71 26.53
N SER D 298 -15.20 24.29 27.62
CA SER D 298 -15.85 23.54 28.68
C SER D 298 -16.17 24.45 29.86
N SER D 299 -16.99 23.96 30.78
CA SER D 299 -17.50 24.80 31.86
C SER D 299 -17.78 24.05 33.16
N LYS D 304 -11.23 26.00 33.94
CA LYS D 304 -11.91 25.63 32.70
C LYS D 304 -11.18 26.19 31.48
N ARG D 305 -11.25 25.45 30.37
CA ARG D 305 -10.83 25.88 29.04
C ARG D 305 -11.94 26.70 28.38
N LEU D 306 -11.54 27.74 27.65
CA LEU D 306 -12.46 28.55 26.85
C LEU D 306 -11.69 29.22 25.70
N LEU D 307 -12.44 29.70 24.70
CA LEU D 307 -11.85 30.55 23.66
C LEU D 307 -12.88 31.53 23.14
N LEU D 308 -12.40 32.72 22.79
CA LEU D 308 -13.20 33.74 22.12
C LEU D 308 -12.76 33.83 20.67
N GLN D 309 -13.71 34.01 19.77
CA GLN D 309 -13.37 34.03 18.36
C GLN D 309 -14.37 34.92 17.64
N ILE D 310 -13.93 35.46 16.51
CA ILE D 310 -14.78 36.22 15.60
C ILE D 310 -14.18 36.06 14.22
N PHE D 311 -15.03 36.11 13.21
CA PHE D 311 -14.60 35.88 11.84
C PHE D 311 -14.96 37.09 11.01
N SER D 312 -14.06 37.45 10.09
CA SER D 312 -14.41 38.46 9.12
C SER D 312 -15.32 37.87 8.06
N GLU D 313 -15.83 38.74 7.19
CA GLU D 313 -16.47 38.25 5.99
C GLU D 313 -15.40 37.73 5.02
N THR D 314 -15.87 37.10 3.95
CA THR D 314 -14.93 36.68 2.92
C THR D 314 -14.31 37.93 2.31
N LEU D 315 -13.00 38.11 2.44
CA LEU D 315 -12.33 39.33 1.99
C LEU D 315 -11.46 39.13 0.76
N MET D 316 -10.80 37.98 0.63
CA MET D 316 -9.96 37.68 -0.53
C MET D 316 -10.57 36.48 -1.23
N GLY D 317 -11.50 36.75 -2.14
CA GLY D 317 -12.35 35.72 -2.67
C GLY D 317 -13.05 35.02 -1.54
N PRO D 318 -13.04 33.68 -1.55
CA PRO D 318 -13.62 32.91 -0.45
C PRO D 318 -12.71 32.81 0.77
N VAL D 319 -11.57 33.49 0.77
CA VAL D 319 -10.66 33.44 1.91
C VAL D 319 -11.09 34.49 2.92
N PHE D 320 -11.22 34.08 4.17
CA PHE D 320 -11.59 35.02 5.23
C PHE D 320 -10.59 34.90 6.37
N PHE D 321 -10.86 35.60 7.46
CA PHE D 321 -9.88 35.69 8.53
C PHE D 321 -10.58 35.51 9.87
N GLU D 322 -9.83 34.95 10.82
CA GLU D 322 -10.32 34.65 12.15
C GLU D 322 -9.46 35.38 13.16
N PHE D 323 -10.11 35.92 14.18
CA PHE D 323 -9.45 36.60 15.27
C PHE D 323 -9.83 35.88 16.55
N ILE D 324 -8.83 35.35 17.24
CA ILE D 324 -9.04 34.37 18.27
C ILE D 324 -8.32 34.81 19.52
N GLN D 325 -8.93 34.57 20.67
CA GLN D 325 -8.30 34.74 21.97
C GLN D 325 -8.48 33.42 22.70
N ARG D 326 -7.38 32.87 23.23
CA ARG D 326 -7.44 31.60 23.91
C ARG D 326 -7.51 31.80 25.42
N LYS D 327 -8.33 31.00 26.07
CA LYS D 327 -8.56 31.00 27.51
C LYS D 327 -8.48 29.58 28.05
N GLY D 328 -7.44 28.86 27.64
CA GLY D 328 -7.24 27.48 28.00
C GLY D 328 -7.59 26.48 26.91
N ASP D 329 -8.55 26.81 26.04
CA ASP D 329 -9.06 25.86 25.06
C ASP D 329 -8.09 25.71 23.89
N ASP D 330 -7.64 24.49 23.64
CA ASP D 330 -6.78 24.14 22.52
C ASP D 330 -7.55 23.91 21.23
N GLY D 331 -8.85 24.21 21.21
CA GLY D 331 -9.70 23.89 20.09
C GLY D 331 -9.83 25.03 19.09
N PHE D 332 -10.72 24.83 18.13
CA PHE D 332 -10.91 25.79 17.05
C PHE D 332 -12.35 26.29 17.01
N GLY D 333 -13.09 26.08 18.10
CA GLY D 333 -14.47 26.51 18.20
C GLY D 333 -15.47 25.70 17.39
N GLU D 334 -15.24 24.41 17.23
CA GLU D 334 -16.15 23.57 16.45
C GLU D 334 -17.53 23.52 17.08
N GLY D 335 -17.61 23.54 18.41
CA GLY D 335 -18.89 23.56 19.09
C GLY D 335 -19.76 24.74 18.73
N ASN D 336 -19.18 25.78 18.12
CA ASN D 336 -19.93 26.94 17.70
C ASN D 336 -20.83 26.65 16.51
N PHE D 337 -20.65 25.52 15.82
CA PHE D 337 -21.57 25.14 14.75
C PHE D 337 -22.92 24.75 15.33
N LYS D 338 -22.93 23.77 16.23
CA LYS D 338 -24.16 23.39 16.93
C LYS D 338 -24.75 24.58 17.66
N ALA D 339 -23.90 25.35 18.35
CA ALA D 339 -24.36 26.54 19.06
C ALA D 339 -25.09 27.50 18.11
N LEU D 340 -24.51 27.78 16.95
CA LEU D 340 -25.10 28.75 16.05
C LEU D 340 -26.37 28.23 15.40
N PHE D 341 -26.46 26.91 15.19
CA PHE D 341 -27.61 26.31 14.52
C PHE D 341 -28.53 25.55 15.49
N GLU D 342 -28.31 25.67 16.79
CA GLU D 342 -29.38 25.48 17.76
C GLU D 342 -29.96 26.81 18.18
N SER D 343 -29.71 27.85 17.38
CA SER D 343 -30.22 29.20 17.59
C SER D 343 -31.36 29.54 16.62
#